data_7XOG
#
_entry.id   7XOG
#
_cell.length_a   1.00
_cell.length_b   1.00
_cell.length_c   1.00
_cell.angle_alpha   90.00
_cell.angle_beta   90.00
_cell.angle_gamma   90.00
#
_symmetry.space_group_name_H-M   'P 1'
#
loop_
_entity.id
_entity.type
_entity.pdbx_description
1 polymer 'Spike glycoprotein,peptide'
2 branched 2-acetamido-2-deoxy-beta-D-glucopyranose-(1-4)-2-acetamido-2-deoxy-beta-D-glucopyranose
3 branched alpha-D-mannopyranose-(1-3)-alpha-D-mannopyranose-(1-4)-2-acetamido-2-deoxy-beta-D-glucopyranose-(1-4)-2-acetamido-2-deoxy-beta-D-glucopyranose
4 branched alpha-D-mannopyranose-(1-4)-2-acetamido-2-deoxy-beta-D-glucopyranose-(1-4)-2-acetamido-2-deoxy-beta-D-glucopyranose
5 non-polymer 2-acetamido-2-deoxy-beta-D-glucopyranose
6 non-polymer alpha-D-mannopyranose
#
_entity_poly.entity_id   1
_entity_poly.type   'polypeptide(L)'
_entity_poly.pdbx_seq_one_letter_code
;MFVFLVLLPLVSSQCVNLTTRTQLPPAYTNSFTRGVYYPDKVFRSSVLHSTQDLFLPFFSNVTWFHAISGTNGTKRFDNP
VLPFNDGVYFASTEKSNIIRGWIFGTTLDSKTQSLLIVNNATNVVIKVCEFQFCNDPFLGVYHKNNKSWMESEFRVYSSA
NNCTFEYVSQPFLMDLEGKQGNFKNLREFVFKNIDGYFKIYSKHTPINLVRDLPQGFSALEPLVDLPIGINITRFQTLLA
LHRSYLTPGDSSSGWTAGAAAYYVGYLQPRTFLLKYNENGTITDAVDCALDPLSETKCTLKSFTVEKGIYQTSNFRVQPT
ESIVRFPNITNLCPFGEVFNATRFASVYAWNRKRISNCVADYSVLYNSASFSTFKCYGVSPTKLNDLCFTNVYADSFVIR
GDEVRQIAPGQTGNIADYNYKLPDDFTGCVIAWNSNNLDSKVGGNYNYLYRLFRKSNLKPFERDISTEIYQAGSTPCNGV
KGFNCYFPLQSYGFQPTYGVGYQPYRVVVLSFELLHAPATVCGPKKSTNLVKNKCVNFNFNGLTGTGVLTESNKKFLPFQ
QFGRDIDDTTDAVRDPQTLEILDITPCSFGGVSVITPGTNTSNQVAVLYQGVNCTEVPVAIHADQLTPTWRVYSTGSNVF
QTRAGCLIGAEHVNNSYECDIPIGAGICASYQTQTNSHGSASSVASQSIIAYTMSLGVENSVAYSNNSIAIPTNFTISVT
TEILPVSMTKTSVDCTMYICGDSTECSNLLLQYGSFCTQLNRALTGIAVEQDKNTQEVFAQVKQIYKTPPIKDFGGFNFS
QILPDPSKPSKRSFIEDLLFNKVTLADAGFIKQYGDCLGDIAARDLICAQKFNGLTVLPPLLTDEMIAQYTSALLAGTIT
SGWTFGAGAALQIPFAMQMAYRFNGIGVTQNVLYENQKLIANQFNSAIGKIQDSLSSTASALGKLQDVVNQNAQALNTLV
KQLSSNFGAISSVLNDILSRLDKVEAEVQIDRLITGRLQSLQTYVTQQLIRAAEIRASANLAATKMSECVLGQSKRVDFC
GKGYHLMSFPQSAPHGVVFLHVTYVPAQEKNFTTAPAICHDGKAHFPREGVFVSNGTHWFVTQRNFYEPQIITTDNTFVS
GNCDVVIGIVNNTVYDPLQPELDSFKEELDKYFKNHTSPDVDLGDISGINASVVNIQKEIDRLNEVAKNLNESLIDLQEL
GKYEQYIKWPWYIWLGFIAGLIAIVMVTIMLCCMTSCCSCLKGCCSCGSCCKGSLEVLFQGPSGSWSHPQFEKGGGSGGG
SGGSAWSHPQFEK
;
_entity_poly.pdbx_strand_id   C,A,B
#
loop_
_chem_comp.id
_chem_comp.type
_chem_comp.name
_chem_comp.formula
MAN D-saccharide, alpha linking alpha-D-mannopyranose 'C6 H12 O6'
NAG D-saccharide, beta linking 2-acetamido-2-deoxy-beta-D-glucopyranose 'C8 H15 N O6'
#
# COMPACT_ATOMS: atom_id res chain seq x y z
N ASN A 700 -4.96 -43.90 -42.92
CA ASN A 700 -4.83 -42.97 -44.08
C ASN A 700 -5.70 -41.71 -43.88
N SER A 701 -5.38 -40.86 -42.91
CA SER A 701 -6.36 -39.90 -42.35
C SER A 701 -6.73 -38.75 -43.29
N VAL A 702 -5.81 -37.82 -43.57
CA VAL A 702 -6.10 -36.59 -44.32
C VAL A 702 -5.14 -36.34 -45.49
N ALA A 703 -3.93 -36.91 -45.46
CA ALA A 703 -2.89 -36.72 -46.46
C ALA A 703 -3.28 -37.11 -47.89
N TYR A 704 -4.33 -37.92 -48.05
CA TYR A 704 -4.85 -38.42 -49.32
C TYR A 704 -6.34 -38.12 -49.56
N SER A 705 -6.98 -37.34 -48.70
CA SER A 705 -8.38 -36.90 -48.89
C SER A 705 -8.47 -35.86 -49.99
N ASN A 706 -9.52 -35.87 -50.81
CA ASN A 706 -9.60 -34.76 -51.76
C ASN A 706 -10.78 -33.88 -51.58
N ASN A 707 -10.39 -32.64 -51.53
CA ASN A 707 -11.29 -31.53 -51.20
C ASN A 707 -11.05 -30.36 -52.16
N SER A 708 -12.09 -29.55 -52.38
CA SER A 708 -12.07 -28.39 -53.28
C SER A 708 -11.24 -27.25 -52.69
N ILE A 709 -10.15 -26.86 -53.36
CA ILE A 709 -9.24 -25.81 -52.95
C ILE A 709 -9.23 -24.68 -53.96
N ALA A 710 -9.41 -23.44 -53.53
CA ALA A 710 -9.27 -22.28 -54.41
C ALA A 710 -7.81 -22.09 -54.80
N ILE A 711 -7.59 -22.01 -56.12
CA ILE A 711 -6.29 -21.78 -56.75
C ILE A 711 -6.46 -20.55 -57.65
N PRO A 712 -5.61 -19.52 -57.55
CA PRO A 712 -5.76 -18.29 -58.31
C PRO A 712 -5.88 -18.52 -59.82
N THR A 713 -7.02 -18.13 -60.38
CA THR A 713 -7.29 -18.25 -61.82
C THR A 713 -6.66 -17.05 -62.51
N ASN A 714 -6.48 -14.35 -62.53
CA ASN A 714 -6.00 -13.11 -63.13
C ASN A 714 -5.68 -11.99 -62.16
N PHE A 715 -4.95 -10.98 -62.62
CA PHE A 715 -4.54 -9.91 -61.71
C PHE A 715 -5.00 -8.50 -62.02
N THR A 716 -5.28 -7.75 -60.96
CA THR A 716 -5.42 -6.29 -60.96
C THR A 716 -4.22 -5.70 -60.23
N ILE A 717 -3.66 -4.63 -60.76
CA ILE A 717 -2.63 -3.85 -60.09
C ILE A 717 -3.24 -2.96 -59.00
N SER A 718 -2.55 -2.82 -57.89
CA SER A 718 -3.06 -2.21 -56.67
C SER A 718 -1.94 -1.55 -55.87
N VAL A 719 -2.29 -0.64 -54.95
CA VAL A 719 -1.34 -0.04 -54.02
C VAL A 719 -1.91 -0.05 -52.62
N THR A 720 -1.07 -0.23 -51.62
CA THR A 720 -1.45 -0.18 -50.20
C THR A 720 -0.77 1.01 -49.55
N THR A 721 -1.47 1.69 -48.65
CA THR A 721 -0.85 2.58 -47.66
C THR A 721 -0.90 1.82 -46.34
N GLU A 722 0.24 1.44 -45.78
CA GLU A 722 0.30 0.71 -44.52
C GLU A 722 0.99 1.57 -43.46
N ILE A 723 0.31 1.86 -42.34
CA ILE A 723 0.84 2.72 -41.27
C ILE A 723 1.31 1.86 -40.08
N LEU A 724 2.57 2.01 -39.67
CA LEU A 724 3.15 1.41 -38.46
C LEU A 724 3.70 2.49 -37.52
N PRO A 725 3.27 2.55 -36.25
CA PRO A 725 3.97 3.35 -35.25
C PRO A 725 5.30 2.69 -34.89
N VAL A 726 6.38 3.49 -34.85
CA VAL A 726 7.75 3.06 -34.54
C VAL A 726 8.28 3.67 -33.25
N SER A 727 7.65 4.71 -32.74
CA SER A 727 8.03 5.38 -31.49
C SER A 727 6.80 5.84 -30.72
N MET A 728 6.96 6.11 -26.80
CA MET A 728 5.91 6.57 -25.89
C MET A 728 6.39 7.81 -25.16
N THR A 729 5.62 8.89 -25.20
CA THR A 729 5.94 10.11 -24.43
C THR A 729 5.88 9.83 -22.93
N LYS A 730 6.77 10.44 -22.15
CA LYS A 730 6.99 10.12 -20.74
C LYS A 730 5.96 10.80 -19.86
N THR A 731 4.86 10.10 -19.61
CA THR A 731 3.72 10.51 -18.80
C THR A 731 4.03 10.53 -17.30
N SER A 732 5.05 11.28 -16.87
CA SER A 732 5.38 11.49 -15.45
C SER A 732 4.17 12.04 -14.69
N VAL A 733 4.04 11.67 -13.41
CA VAL A 733 2.86 11.95 -12.58
C VAL A 733 3.26 12.67 -11.31
N ASP A 734 2.56 13.75 -11.00
CA ASP A 734 2.78 14.46 -9.77
C ASP A 734 1.94 13.65 -8.79
N CYS A 735 2.52 13.16 -7.73
CA CYS A 735 1.77 12.22 -6.91
C CYS A 735 0.82 12.85 -5.92
N THR A 736 1.10 14.09 -5.58
CA THR A 736 0.13 14.83 -4.78
C THR A 736 -1.18 15.06 -5.52
N MET A 737 -1.09 15.73 -6.67
CA MET A 737 -2.29 16.01 -7.47
C MET A 737 -3.05 14.76 -7.88
N TYR A 738 -2.39 13.63 -8.15
CA TYR A 738 -3.09 12.38 -8.45
C TYR A 738 -3.91 11.87 -7.27
N ILE A 739 -3.27 11.62 -6.13
CA ILE A 739 -3.89 11.01 -4.94
C ILE A 739 -4.79 12.00 -4.21
N CYS A 740 -4.20 13.08 -3.68
CA CYS A 740 -4.95 14.03 -2.85
C CYS A 740 -5.60 15.21 -3.56
N GLY A 741 -4.93 15.75 -4.57
CA GLY A 741 -5.47 16.87 -5.31
C GLY A 741 -5.30 18.19 -4.57
N ASP A 742 -6.41 18.90 -4.35
CA ASP A 742 -6.35 20.20 -3.65
C ASP A 742 -6.33 20.06 -2.12
N SER A 743 -6.75 18.92 -1.58
CA SER A 743 -7.12 18.79 -0.18
C SER A 743 -5.90 18.75 0.75
N THR A 744 -5.74 19.81 1.53
CA THR A 744 -4.46 20.15 2.18
C THR A 744 -4.11 19.21 3.33
N GLU A 745 -5.08 18.71 4.10
CA GLU A 745 -4.78 17.80 5.20
C GLU A 745 -4.14 16.49 4.73
N CYS A 746 -4.64 15.91 3.62
CA CYS A 746 -3.99 14.69 3.10
C CYS A 746 -2.68 15.00 2.37
N SER A 747 -2.60 16.19 1.79
CA SER A 747 -1.38 16.62 1.09
C SER A 747 -0.24 16.58 2.10
N ASN A 748 -0.42 17.31 3.18
CA ASN A 748 0.58 17.35 4.26
C ASN A 748 0.91 15.96 4.80
N LEU A 749 -0.03 15.02 4.80
CA LEU A 749 0.26 13.62 5.14
C LEU A 749 1.16 12.94 4.11
N LEU A 750 1.02 13.24 2.82
CA LEU A 750 1.83 12.66 1.74
C LEU A 750 3.34 12.79 2.00
N LEU A 751 3.83 13.89 2.59
CA LEU A 751 5.27 14.07 2.87
C LEU A 751 5.84 12.95 3.77
N GLN A 752 5.06 12.42 4.70
CA GLN A 752 5.50 11.33 5.56
C GLN A 752 5.45 9.95 4.89
N TYR A 753 4.81 9.79 3.72
CA TYR A 753 4.94 8.58 2.88
C TYR A 753 6.29 8.54 2.14
N GLY A 754 7.14 9.54 2.32
CA GLY A 754 8.48 9.57 1.75
C GLY A 754 8.49 9.95 0.28
N SER A 755 9.63 9.75 -0.37
CA SER A 755 9.76 10.10 -1.79
C SER A 755 9.27 9.02 -2.75
N PHE A 756 8.20 8.35 -2.38
CA PHE A 756 7.66 7.26 -3.18
C PHE A 756 7.23 7.70 -4.58
N CYS A 757 6.81 8.95 -4.68
CA CYS A 757 6.40 9.58 -5.91
C CYS A 757 7.54 9.58 -6.93
N THR A 758 8.73 9.90 -6.44
CA THR A 758 9.94 9.98 -7.27
C THR A 758 10.21 8.59 -7.83
N GLN A 759 10.23 7.63 -6.92
CA GLN A 759 10.39 6.20 -7.21
C GLN A 759 9.48 5.68 -8.33
N LEU A 760 8.21 6.08 -8.34
CA LEU A 760 7.28 5.80 -9.44
C LEU A 760 7.67 6.59 -10.70
N ASN A 761 8.21 7.79 -10.56
CA ASN A 761 8.67 8.57 -11.71
C ASN A 761 10.00 8.10 -12.28
N ARG A 762 10.89 7.42 -11.53
CA ARG A 762 12.04 6.71 -12.11
C ARG A 762 11.56 5.68 -13.12
N ALA A 763 10.49 4.97 -12.81
CA ALA A 763 9.92 3.97 -13.69
C ALA A 763 9.35 4.62 -14.97
N LEU A 764 8.37 5.51 -14.83
CA LEU A 764 7.66 6.15 -15.95
C LEU A 764 8.54 7.11 -16.78
N THR A 765 9.55 7.77 -16.21
CA THR A 765 10.50 8.62 -16.96
C THR A 765 11.54 7.80 -17.73
N GLY A 766 11.77 6.56 -17.34
CA GLY A 766 12.50 5.56 -18.12
C GLY A 766 11.63 4.96 -19.22
N ILE A 767 11.61 3.63 -19.27
CA ILE A 767 10.67 2.77 -19.99
C ILE A 767 10.35 3.25 -21.42
N THR A 909 -26.47 35.19 123.45
CA THR A 909 -26.89 35.55 122.09
C THR A 909 -25.73 36.15 121.27
N GLN A 910 -24.92 37.01 121.89
CA GLN A 910 -23.84 37.73 121.20
C GLN A 910 -22.78 36.77 120.65
N ASN A 911 -22.52 35.68 121.38
CA ASN A 911 -21.63 34.59 120.98
C ASN A 911 -22.12 33.82 119.75
N VAL A 912 -23.36 33.31 119.72
CA VAL A 912 -23.87 32.57 118.55
C VAL A 912 -24.08 33.45 117.32
N LEU A 913 -24.42 34.73 117.49
CA LEU A 913 -24.50 35.67 116.37
C LEU A 913 -23.11 35.93 115.74
N TYR A 914 -22.06 35.93 116.55
CA TYR A 914 -20.67 36.07 116.11
C TYR A 914 -20.12 34.77 115.50
N GLU A 915 -20.44 33.60 116.05
CA GLU A 915 -20.05 32.32 115.45
C GLU A 915 -20.77 32.10 114.10
N ASN A 916 -22.02 32.55 113.94
CA ASN A 916 -22.67 32.65 112.63
C ASN A 916 -21.95 33.66 111.70
N GLN A 917 -21.34 34.73 112.23
CA GLN A 917 -20.53 35.68 111.46
C GLN A 917 -19.22 35.04 110.97
N LYS A 918 -18.55 34.24 111.81
CA LYS A 918 -17.42 33.37 111.41
C LYS A 918 -17.84 32.34 110.36
N LEU A 919 -18.97 31.66 110.57
CA LEU A 919 -19.52 30.63 109.69
C LEU A 919 -19.74 31.16 108.27
N ILE A 920 -20.56 32.20 108.10
CA ILE A 920 -20.97 32.64 106.76
C ILE A 920 -19.79 33.20 105.96
N ALA A 921 -18.87 33.91 106.63
CA ALA A 921 -17.62 34.37 106.03
C ALA A 921 -16.70 33.21 105.62
N ASN A 922 -16.62 32.13 106.41
CA ASN A 922 -15.85 30.94 106.07
C ASN A 922 -16.47 30.16 104.90
N GLN A 923 -17.80 30.11 104.81
CA GLN A 923 -18.50 29.56 103.65
C GLN A 923 -18.26 30.40 102.39
N PHE A 924 -18.32 31.74 102.48
CA PHE A 924 -18.07 32.65 101.36
C PHE A 924 -16.62 32.66 100.87
N ASN A 925 -15.65 32.80 101.78
CA ASN A 925 -14.22 32.79 101.49
C ASN A 925 -13.79 31.48 100.81
N SER A 926 -14.32 30.34 101.26
CA SER A 926 -14.11 29.04 100.61
C SER A 926 -14.82 28.93 99.25
N ALA A 927 -16.02 29.50 99.10
CA ALA A 927 -16.76 29.49 97.84
C ALA A 927 -16.03 30.28 96.74
N ILE A 928 -15.60 31.52 97.02
CA ILE A 928 -14.86 32.36 96.06
C ILE A 928 -13.56 31.68 95.59
N GLY A 929 -12.81 30.99 96.46
CA GLY A 929 -11.62 30.24 96.03
C GLY A 929 -11.94 29.10 95.05
N LYS A 930 -13.12 28.48 95.19
CA LYS A 930 -13.67 27.49 94.26
C LYS A 930 -14.24 28.14 93.01
N ILE A 931 -14.73 29.38 93.05
CA ILE A 931 -15.04 30.18 91.85
C ILE A 931 -13.78 30.45 91.03
N GLN A 932 -12.67 30.82 91.65
CA GLN A 932 -11.42 31.07 90.92
C GLN A 932 -10.88 29.81 90.22
N ASP A 933 -10.98 28.64 90.83
CA ASP A 933 -10.70 27.35 90.16
C ASP A 933 -11.67 27.08 89.00
N SER A 934 -12.97 27.24 89.22
CA SER A 934 -14.04 27.05 88.21
C SER A 934 -13.87 27.94 86.97
N LEU A 935 -13.42 29.18 87.20
CA LEU A 935 -13.26 30.19 86.17
C LEU A 935 -11.91 30.09 85.45
N SER A 936 -10.81 29.86 86.18
CA SER A 936 -9.48 29.70 85.59
C SER A 936 -9.40 28.45 84.69
N SER A 937 -10.00 27.34 85.12
CA SER A 937 -10.13 26.12 84.31
C SER A 937 -10.99 26.37 83.06
N THR A 938 -12.15 27.04 83.17
CA THR A 938 -12.97 27.42 82.00
C THR A 938 -12.20 28.31 81.02
N ALA A 939 -11.41 29.27 81.50
CA ALA A 939 -10.55 30.07 80.62
C ALA A 939 -9.47 29.22 79.90
N SER A 940 -8.79 28.33 80.63
CA SER A 940 -7.80 27.41 80.07
C SER A 940 -8.40 26.39 79.09
N ALA A 941 -9.66 25.99 79.28
CA ALA A 941 -10.41 25.20 78.31
C ALA A 941 -10.83 26.02 77.09
N LEU A 942 -11.56 27.12 77.28
CA LEU A 942 -12.10 27.92 76.18
C LEU A 942 -10.99 28.54 75.32
N GLY A 943 -9.82 28.81 75.92
CA GLY A 943 -8.60 29.19 75.19
C GLY A 943 -7.92 28.06 74.41
N LYS A 944 -8.11 26.77 74.75
CA LYS A 944 -7.71 25.62 73.92
C LYS A 944 -8.71 25.33 72.80
N LEU A 945 -9.99 25.62 73.00
CA LEU A 945 -11.02 25.53 71.95
C LEU A 945 -10.84 26.61 70.88
N GLN A 946 -10.59 27.86 71.26
CA GLN A 946 -10.31 28.96 70.32
C GLN A 946 -8.97 28.80 69.58
N ASP A 947 -8.01 28.08 70.16
CA ASP A 947 -6.75 27.69 69.50
C ASP A 947 -7.02 26.66 68.40
N VAL A 948 -7.58 25.50 68.79
CA VAL A 948 -7.84 24.38 67.87
C VAL A 948 -8.84 24.75 66.77
N VAL A 949 -9.89 25.52 67.03
CA VAL A 949 -10.81 25.96 65.97
C VAL A 949 -10.12 26.86 64.92
N ASN A 950 -9.19 27.73 65.31
CA ASN A 950 -8.47 28.57 64.34
C ASN A 950 -7.35 27.79 63.62
N GLN A 951 -6.78 26.75 64.25
CA GLN A 951 -5.89 25.77 63.58
C GLN A 951 -6.63 24.91 62.54
N ASN A 952 -7.90 24.57 62.79
CA ASN A 952 -8.79 23.98 61.78
C ASN A 952 -9.09 24.96 60.62
N ALA A 953 -9.38 26.23 60.91
CA ALA A 953 -9.62 27.23 59.87
C ALA A 953 -8.38 27.45 58.98
N GLN A 954 -7.19 27.42 59.58
CA GLN A 954 -5.92 27.39 58.84
C GLN A 954 -5.78 26.13 57.97
N ALA A 955 -6.07 24.94 58.50
CA ALA A 955 -5.98 23.69 57.73
C ALA A 955 -6.92 23.67 56.51
N LEU A 956 -8.16 24.15 56.64
CA LEU A 956 -9.08 24.22 55.51
C LEU A 956 -8.71 25.24 54.46
N ASN A 957 -8.15 26.41 54.83
CA ASN A 957 -7.61 27.32 53.83
C ASN A 957 -6.34 26.77 53.15
N THR A 958 -5.56 25.94 53.85
CA THR A 958 -4.44 25.20 53.23
C THR A 958 -4.95 24.17 52.23
N LEU A 959 -5.96 23.39 52.60
CA LEU A 959 -6.62 22.43 51.73
C LEU A 959 -7.21 23.10 50.49
N VAL A 960 -7.96 24.20 50.62
CA VAL A 960 -8.56 24.88 49.46
C VAL A 960 -7.50 25.41 48.50
N LYS A 961 -6.37 25.94 48.98
CA LYS A 961 -5.29 26.41 48.08
C LYS A 961 -4.58 25.26 47.37
N GLN A 962 -4.37 24.12 48.03
CA GLN A 962 -3.82 22.92 47.39
C GLN A 962 -4.81 22.25 46.41
N LEU A 963 -6.10 22.18 46.71
CA LEU A 963 -7.11 21.60 45.82
C LEU A 963 -7.43 22.53 44.64
N SER A 964 -7.40 23.83 44.82
CA SER A 964 -7.41 24.79 43.70
C SER A 964 -6.25 24.52 42.74
N SER A 965 -5.08 24.13 43.27
CA SER A 965 -3.98 23.69 42.43
C SER A 965 -4.33 22.41 41.68
N ASN A 966 -4.89 21.37 42.31
CA ASN A 966 -5.23 20.11 41.65
C ASN A 966 -6.31 20.23 40.58
N PHE A 967 -7.41 20.91 40.84
CA PHE A 967 -8.43 21.10 39.81
C PHE A 967 -7.97 22.09 38.72
N GLY A 968 -7.03 22.99 39.00
CA GLY A 968 -6.36 23.81 37.97
C GLY A 968 -5.33 23.03 37.15
N ALA A 969 -4.58 22.12 37.75
CA ALA A 969 -3.60 21.27 37.07
C ALA A 969 -4.33 20.28 36.17
N ILE A 970 -5.30 19.55 36.72
CA ILE A 970 -6.12 18.60 35.97
C ILE A 970 -6.92 19.31 34.89
N SER A 971 -7.40 20.53 35.12
CA SER A 971 -8.02 21.34 34.04
C SER A 971 -7.09 21.46 32.84
N SER A 972 -5.84 21.86 33.02
CA SER A 972 -4.91 22.04 31.90
C SER A 972 -4.42 20.73 31.26
N VAL A 973 -3.98 19.75 32.06
CA VAL A 973 -3.46 18.47 31.56
C VAL A 973 -4.53 17.62 30.88
N LEU A 974 -5.76 17.62 31.40
CA LEU A 974 -6.90 16.87 30.85
C LEU A 974 -7.54 17.60 29.67
N ASN A 975 -7.53 18.94 29.63
CA ASN A 975 -7.88 19.65 28.39
C ASN A 975 -6.91 19.32 27.26
N ASP A 976 -5.60 19.23 27.52
CA ASP A 976 -4.64 18.84 26.50
C ASP A 976 -4.84 17.41 26.01
N ILE A 977 -4.98 16.43 26.90
CA ILE A 977 -5.37 15.05 26.53
C ILE A 977 -6.65 15.04 25.66
N LEU A 978 -7.68 15.81 25.97
CA LEU A 978 -8.89 15.90 25.15
C LEU A 978 -8.62 16.52 23.78
N SER A 979 -7.92 17.65 23.74
CA SER A 979 -7.62 18.41 22.52
C SER A 979 -6.69 17.67 21.57
N ARG A 980 -5.75 16.90 22.11
CA ARG A 980 -4.83 16.14 21.27
C ARG A 980 -5.44 14.79 20.83
N LEU A 981 -6.26 14.16 21.68
CA LEU A 981 -6.92 12.92 21.27
C LEU A 981 -7.94 13.19 20.18
N ASP A 982 -8.61 14.34 20.20
CA ASP A 982 -9.47 14.80 19.09
C ASP A 982 -8.67 14.97 17.78
N LYS A 983 -7.46 15.53 17.85
CA LYS A 983 -6.58 15.65 16.67
C LYS A 983 -6.18 14.26 16.15
N VAL A 984 -5.67 13.37 16.99
CA VAL A 984 -5.27 12.01 16.58
C VAL A 984 -6.44 11.14 16.08
N GLU A 985 -7.65 11.25 16.62
CA GLU A 985 -8.84 10.57 16.09
C GLU A 985 -9.36 11.19 14.79
N ALA A 986 -9.02 12.45 14.47
CA ALA A 986 -9.25 13.03 13.15
C ALA A 986 -8.21 12.55 12.14
N GLU A 987 -6.93 12.66 12.46
CA GLU A 987 -5.84 12.36 11.53
C GLU A 987 -5.91 10.90 11.06
N VAL A 988 -5.85 8.62 11.10
CA VAL A 988 -5.90 7.18 10.79
C VAL A 988 -6.97 6.81 9.75
N GLN A 989 -8.02 7.63 9.58
CA GLN A 989 -9.03 7.48 8.51
C GLN A 989 -8.63 8.13 7.17
N ILE A 990 -7.85 9.21 7.21
CA ILE A 990 -7.35 9.88 6.01
C ILE A 990 -6.18 9.08 5.42
N ASP A 991 -5.32 8.49 6.27
CA ASP A 991 -4.29 7.54 5.86
C ASP A 991 -4.88 6.28 5.22
N ARG A 992 -6.07 5.91 5.63
CA ARG A 992 -6.70 4.72 5.08
C ARG A 992 -6.99 4.97 3.61
N LEU A 993 -7.66 6.08 3.32
CA LEU A 993 -8.00 6.49 1.98
C LEU A 993 -6.78 6.84 1.14
N ILE A 994 -5.74 7.47 1.68
CA ILE A 994 -4.49 7.65 0.93
C ILE A 994 -3.94 6.28 0.51
N THR A 995 -3.85 5.31 1.39
CA THR A 995 -3.34 3.96 1.10
C THR A 995 -4.16 3.17 0.06
N GLY A 996 -5.47 3.36 -0.05
CA GLY A 996 -6.25 2.83 -1.17
C GLY A 996 -6.15 3.63 -2.47
N ARG A 997 -5.76 4.89 -2.36
CA ARG A 997 -5.45 5.64 -3.58
C ARG A 997 -4.01 5.31 -4.04
N LEU A 998 -3.13 4.91 -3.12
CA LEU A 998 -1.81 4.43 -3.53
C LEU A 998 -1.96 3.27 -4.50
N GLN A 999 -2.87 2.33 -4.26
CA GLN A 999 -3.09 1.17 -5.14
C GLN A 999 -3.64 1.58 -6.50
N SER A 1000 -4.48 2.61 -6.53
CA SER A 1000 -5.00 3.17 -7.79
C SER A 1000 -3.87 3.81 -8.59
N LEU A 1001 -2.95 4.54 -7.97
CA LEU A 1001 -1.75 5.05 -8.61
C LEU A 1001 -0.75 3.92 -8.97
N GLN A 1002 -0.66 2.81 -8.22
CA GLN A 1002 0.17 1.66 -8.58
C GLN A 1002 -0.43 0.83 -9.73
N THR A 1003 -1.75 0.78 -9.88
CA THR A 1003 -2.41 0.29 -11.09
C THR A 1003 -2.18 1.21 -12.27
N TYR A 1004 -2.18 2.54 -12.06
CA TYR A 1004 -1.78 3.47 -13.09
C TYR A 1004 -0.36 3.20 -13.54
N VAL A 1005 0.62 3.13 -12.63
CA VAL A 1005 2.02 2.90 -12.96
C VAL A 1005 2.24 1.54 -13.62
N THR A 1006 1.58 0.48 -13.16
CA THR A 1006 1.67 -0.84 -13.80
C THR A 1006 1.13 -0.82 -15.23
N GLN A 1007 -0.09 -0.32 -15.50
CA GLN A 1007 -0.64 -0.21 -16.85
C GLN A 1007 0.14 0.74 -17.77
N GLN A 1008 0.86 1.73 -17.23
CA GLN A 1008 1.74 2.62 -17.97
C GLN A 1008 3.11 2.00 -18.26
N LEU A 1009 3.61 1.07 -17.44
CA LEU A 1009 4.80 0.26 -17.73
C LEU A 1009 4.48 -0.91 -18.66
N ILE A 1010 3.34 -1.57 -18.48
CA ILE A 1010 2.83 -2.62 -19.34
C ILE A 1010 2.77 -2.10 -20.77
N ARG A 1011 2.12 -0.95 -21.01
CA ARG A 1011 2.01 -0.35 -22.35
C ARG A 1011 3.37 0.01 -22.93
N ALA A 1012 4.29 0.53 -22.14
CA ALA A 1012 5.64 0.83 -22.61
C ALA A 1012 6.49 -0.40 -22.99
N ALA A 1013 6.25 -1.56 -22.38
CA ALA A 1013 6.83 -2.84 -22.79
C ALA A 1013 6.13 -3.50 -24.01
N GLU A 1014 4.88 -3.15 -24.33
CA GLU A 1014 4.30 -3.39 -25.66
C GLU A 1014 4.87 -2.43 -26.70
N ILE A 1015 5.02 -1.15 -26.40
CA ILE A 1015 5.63 -0.18 -27.32
C ILE A 1015 7.01 -0.63 -27.72
N ARG A 1016 7.85 -1.11 -26.79
CA ARG A 1016 9.20 -1.59 -27.13
C ARG A 1016 9.21 -2.90 -27.94
N ALA A 1017 8.15 -3.68 -27.94
CA ALA A 1017 7.98 -4.80 -28.89
C ALA A 1017 7.50 -4.31 -30.26
N SER A 1018 6.66 -3.27 -30.31
CA SER A 1018 6.23 -2.63 -31.56
C SER A 1018 7.36 -1.86 -32.25
N ALA A 1019 8.34 -1.35 -31.51
CA ALA A 1019 9.61 -0.86 -32.04
C ALA A 1019 10.56 -1.97 -32.55
N ASN A 1020 10.51 -3.18 -31.99
CA ASN A 1020 11.12 -4.35 -32.63
C ASN A 1020 10.35 -4.81 -33.87
N LEU A 1021 9.02 -4.77 -33.89
CA LEU A 1021 8.24 -5.06 -35.08
C LEU A 1021 8.55 -4.04 -36.18
N ALA A 1022 8.63 -2.76 -35.86
CA ALA A 1022 9.05 -1.72 -36.79
C ALA A 1022 10.48 -1.94 -37.30
N ALA A 1023 11.37 -2.58 -36.54
CA ALA A 1023 12.73 -2.88 -37.00
C ALA A 1023 12.76 -4.01 -38.04
N THR A 1024 12.14 -5.16 -37.75
CA THR A 1024 12.04 -6.27 -38.70
C THR A 1024 11.21 -5.89 -39.93
N LYS A 1025 10.06 -5.23 -39.74
CA LYS A 1025 9.18 -4.76 -40.83
C LYS A 1025 9.77 -3.61 -41.66
N MET A 1026 10.67 -2.79 -41.13
CA MET A 1026 11.50 -1.88 -41.92
C MET A 1026 12.51 -2.70 -42.72
N SER A 1027 13.26 -3.57 -42.06
CA SER A 1027 14.38 -4.26 -42.70
C SER A 1027 13.93 -5.14 -43.85
N GLU A 1028 12.99 -6.05 -43.64
CA GLU A 1028 12.61 -7.06 -44.62
C GLU A 1028 11.83 -6.54 -45.82
N CYS A 1029 11.43 -5.27 -45.81
CA CYS A 1029 10.46 -4.73 -46.77
C CYS A 1029 10.81 -3.35 -47.35
N VAL A 1030 11.62 -2.57 -46.63
CA VAL A 1030 12.28 -1.38 -47.16
C VAL A 1030 13.66 -1.75 -47.70
N LEU A 1031 14.44 -2.61 -47.03
CA LEU A 1031 15.76 -3.04 -47.55
C LEU A 1031 15.65 -4.29 -48.44
N GLY A 1032 14.53 -5.00 -48.38
CA GLY A 1032 14.29 -6.28 -49.04
C GLY A 1032 12.96 -6.35 -49.78
N GLN A 1033 12.23 -7.60 -52.65
CA GLN A 1033 10.88 -7.86 -53.11
C GLN A 1033 10.42 -9.16 -52.49
N SER A 1034 9.41 -9.10 -51.64
CA SER A 1034 8.98 -10.25 -50.87
C SER A 1034 8.17 -11.25 -51.70
N LYS A 1035 8.34 -12.54 -51.43
CA LYS A 1035 7.60 -13.65 -52.06
C LYS A 1035 6.41 -14.13 -51.22
N ARG A 1036 6.15 -13.45 -50.10
CA ARG A 1036 5.06 -13.74 -49.16
C ARG A 1036 3.77 -13.07 -49.62
N VAL A 1037 2.63 -13.69 -49.33
CA VAL A 1037 1.33 -13.19 -49.79
C VAL A 1037 0.65 -12.38 -48.68
N ASP A 1038 0.42 -11.08 -48.92
CA ASP A 1038 -0.20 -10.05 -48.03
C ASP A 1038 0.77 -9.36 -47.04
N PHE A 1039 2.02 -9.81 -46.97
CA PHE A 1039 3.04 -9.08 -46.24
C PHE A 1039 3.40 -8.01 -47.31
N CYS A 1040 3.63 -6.76 -46.91
CA CYS A 1040 3.92 -5.69 -47.88
C CYS A 1040 2.72 -5.47 -48.89
N GLY A 1041 1.50 -5.21 -48.35
CA GLY A 1041 0.34 -4.83 -49.12
C GLY A 1041 -0.49 -6.02 -49.53
N LYS A 1042 -1.79 -5.85 -49.72
CA LYS A 1042 -2.66 -6.96 -50.14
C LYS A 1042 -2.16 -7.56 -51.46
N GLY A 1043 -2.23 -8.87 -51.62
CA GLY A 1043 -1.80 -9.60 -52.80
C GLY A 1043 -0.31 -9.95 -52.80
N TYR A 1044 0.33 -9.78 -53.96
CA TYR A 1044 1.71 -10.16 -54.26
C TYR A 1044 2.56 -8.94 -54.57
N HIS A 1045 3.79 -8.91 -54.07
CA HIS A 1045 4.60 -7.69 -54.03
C HIS A 1045 5.35 -7.40 -55.33
N LEU A 1046 5.33 -6.14 -55.75
CA LEU A 1046 6.20 -5.63 -56.80
C LEU A 1046 7.31 -4.75 -56.23
N MET A 1047 6.94 -3.70 -55.52
CA MET A 1047 7.85 -2.61 -55.19
C MET A 1047 7.33 -1.78 -54.03
N SER A 1048 8.16 -1.02 -53.32
CA SER A 1048 7.68 -0.14 -52.23
C SER A 1048 8.49 1.12 -52.00
N PHE A 1049 7.82 2.09 -51.38
CA PHE A 1049 8.32 3.43 -51.10
C PHE A 1049 7.91 3.83 -49.67
N PRO A 1050 8.85 3.92 -48.71
CA PRO A 1050 8.55 4.32 -47.35
C PRO A 1050 8.45 5.85 -47.27
N GLN A 1051 7.60 6.34 -46.39
CA GLN A 1051 7.52 7.74 -46.01
C GLN A 1051 7.35 7.82 -44.50
N SER A 1052 7.97 8.83 -43.89
CA SER A 1052 7.86 9.05 -42.46
C SER A 1052 6.50 9.65 -42.08
N ALA A 1053 6.18 9.52 -40.80
CA ALA A 1053 5.14 10.19 -40.05
C ALA A 1053 5.73 10.56 -38.67
N PRO A 1054 5.09 11.41 -37.83
CA PRO A 1054 5.73 11.98 -36.65
C PRO A 1054 6.34 10.96 -35.67
N HIS A 1055 5.67 9.81 -35.49
CA HIS A 1055 6.14 8.68 -34.65
C HIS A 1055 6.01 7.34 -35.39
N GLY A 1056 6.08 7.35 -36.71
CA GLY A 1056 5.75 6.18 -37.53
C GLY A 1056 6.50 6.11 -38.83
N VAL A 1057 6.30 4.98 -39.50
CA VAL A 1057 6.62 4.78 -40.90
C VAL A 1057 5.34 4.39 -41.61
N VAL A 1058 5.17 4.88 -42.82
CA VAL A 1058 4.07 4.53 -43.69
C VAL A 1058 4.69 3.97 -44.97
N PHE A 1059 4.19 2.84 -45.44
CA PHE A 1059 4.65 2.24 -46.68
C PHE A 1059 3.62 2.44 -47.77
N LEU A 1060 4.06 2.90 -48.93
CA LEU A 1060 3.40 2.70 -50.20
C LEU A 1060 3.89 1.39 -50.78
N HIS A 1061 3.08 0.35 -50.78
CA HIS A 1061 3.41 -0.92 -51.44
C HIS A 1061 2.69 -0.97 -52.76
N VAL A 1062 3.40 -1.29 -53.84
CA VAL A 1062 2.78 -1.60 -55.12
C VAL A 1062 2.74 -3.10 -55.29
N THR A 1063 1.55 -3.62 -55.53
CA THR A 1063 1.24 -5.05 -55.46
C THR A 1063 0.19 -5.42 -56.49
N TYR A 1064 0.09 -6.69 -56.87
CA TYR A 1064 -1.03 -7.19 -57.67
C TYR A 1064 -1.89 -8.15 -56.85
N VAL A 1065 -3.20 -7.98 -56.92
CA VAL A 1065 -4.20 -8.86 -56.30
C VAL A 1065 -4.92 -9.65 -57.40
N PRO A 1066 -5.52 -10.78 -56.96
CA PRO A 1066 -6.35 -11.57 -57.86
C PRO A 1066 -7.67 -10.88 -58.16
N ALA A 1067 -7.80 -10.30 -59.36
CA ALA A 1067 -9.05 -9.69 -59.79
C ALA A 1067 -10.08 -10.79 -59.90
N GLN A 1068 -9.66 -11.92 -60.46
CA GLN A 1068 -10.50 -13.09 -60.59
C GLN A 1068 -9.69 -14.33 -60.13
N GLU A 1069 -10.71 -16.85 -59.01
CA GLU A 1069 -10.11 -18.10 -58.57
C GLU A 1069 -11.16 -19.21 -58.68
N LYS A 1070 -10.69 -20.44 -58.91
CA LYS A 1070 -11.54 -21.61 -59.10
C LYS A 1070 -11.19 -22.68 -58.09
N ASN A 1071 -12.18 -23.36 -57.54
CA ASN A 1071 -11.97 -24.51 -56.69
C ASN A 1071 -11.70 -25.74 -57.56
N PHE A 1072 -10.48 -26.25 -57.51
CA PHE A 1072 -10.17 -27.58 -58.03
C PHE A 1072 -10.19 -28.57 -56.87
N THR A 1073 -10.75 -29.76 -57.06
CA THR A 1073 -10.43 -30.83 -56.13
C THR A 1073 -8.95 -31.14 -56.24
N THR A 1074 -8.38 -31.59 -55.13
CA THR A 1074 -6.94 -31.83 -54.97
C THR A 1074 -6.73 -32.96 -53.96
N ALA A 1075 -5.49 -33.45 -53.92
CA ALA A 1075 -4.94 -34.11 -52.76
C ALA A 1075 -3.50 -33.57 -52.55
N PRO A 1076 -2.98 -33.50 -51.32
CA PRO A 1076 -1.60 -33.13 -51.06
C PRO A 1076 -0.60 -34.18 -51.57
N ALA A 1077 -1.04 -35.45 -51.54
CA ALA A 1077 -0.26 -36.61 -52.03
C ALA A 1077 -1.16 -37.82 -52.45
N ILE A 1078 -0.61 -38.71 -53.28
CA ILE A 1078 -1.31 -39.90 -53.74
C ILE A 1078 -0.40 -41.10 -53.55
N CYS A 1079 -1.00 -42.22 -53.14
CA CYS A 1079 -0.27 -43.43 -52.81
C CYS A 1079 -0.63 -44.51 -53.83
N HIS A 1080 0.21 -44.66 -54.84
CA HIS A 1080 -0.01 -45.63 -55.91
C HIS A 1080 0.59 -46.97 -55.51
N ASP A 1081 -0.23 -48.02 -55.53
CA ASP A 1081 0.19 -49.39 -55.17
C ASP A 1081 1.15 -49.54 -53.97
N GLY A 1082 0.92 -48.72 -52.95
CA GLY A 1082 1.69 -48.73 -51.69
C GLY A 1082 2.89 -47.77 -51.61
N LYS A 1083 3.10 -46.93 -52.63
CA LYS A 1083 4.09 -45.84 -52.64
C LYS A 1083 3.38 -44.48 -52.68
N ALA A 1084 3.75 -43.57 -51.78
CA ALA A 1084 3.20 -42.21 -51.75
C ALA A 1084 3.97 -41.31 -52.72
N HIS A 1085 3.27 -40.59 -53.58
CA HIS A 1085 3.81 -39.61 -54.53
C HIS A 1085 3.29 -38.23 -54.17
N PHE A 1086 4.15 -37.21 -54.14
CA PHE A 1086 3.75 -35.85 -53.79
C PHE A 1086 4.56 -34.77 -54.53
N PRO A 1087 4.01 -33.57 -54.75
CA PRO A 1087 4.67 -32.52 -55.52
C PRO A 1087 6.04 -32.05 -55.03
N ARG A 1088 6.61 -31.24 -55.93
CA ARG A 1088 7.80 -30.48 -55.72
C ARG A 1088 7.33 -29.05 -56.09
N GLU A 1089 7.20 -28.14 -55.12
CA GLU A 1089 6.83 -26.73 -55.36
C GLU A 1089 5.48 -26.56 -56.10
N GLY A 1090 4.41 -27.22 -55.65
CA GLY A 1090 3.07 -27.13 -56.25
C GLY A 1090 2.01 -27.93 -55.48
N VAL A 1091 0.83 -28.13 -56.08
CA VAL A 1091 -0.21 -29.08 -55.62
C VAL A 1091 -0.74 -29.96 -56.77
N PHE A 1092 -1.25 -31.16 -56.50
CA PHE A 1092 -1.97 -31.95 -57.49
C PHE A 1092 -3.35 -31.35 -57.82
N VAL A 1093 -3.41 -30.40 -58.75
CA VAL A 1093 -4.69 -29.93 -59.31
C VAL A 1093 -5.37 -31.06 -60.05
N SER A 1094 -6.66 -31.24 -59.79
CA SER A 1094 -7.39 -32.39 -60.30
C SER A 1094 -8.35 -32.08 -61.41
N ASN A 1095 -7.94 -32.57 -62.58
CA ASN A 1095 -8.70 -32.51 -63.81
C ASN A 1095 -9.66 -33.73 -63.78
N GLY A 1096 -10.69 -33.76 -64.64
CA GLY A 1096 -11.67 -34.83 -64.59
C GLY A 1096 -11.03 -36.21 -64.72
N THR A 1097 -9.85 -36.31 -65.33
CA THR A 1097 -9.26 -37.61 -65.76
C THR A 1097 -7.77 -37.76 -65.40
N HIS A 1098 -7.08 -36.68 -65.05
CA HIS A 1098 -5.62 -36.66 -64.81
C HIS A 1098 -5.20 -35.78 -63.62
N TRP A 1099 -4.02 -36.07 -63.08
CA TRP A 1099 -3.36 -35.26 -62.05
C TRP A 1099 -2.29 -34.40 -62.69
N PHE A 1100 -2.29 -33.10 -62.37
CA PHE A 1100 -1.26 -32.16 -62.79
C PHE A 1100 -0.67 -31.42 -61.59
N VAL A 1101 0.64 -31.19 -61.55
CA VAL A 1101 1.26 -30.39 -60.50
C VAL A 1101 1.17 -28.91 -60.89
N THR A 1102 0.08 -28.25 -60.48
CA THR A 1102 -0.02 -26.79 -60.59
C THR A 1102 0.82 -26.10 -59.54
N GLN A 1103 1.32 -24.91 -59.86
CA GLN A 1103 1.94 -24.02 -58.88
C GLN A 1103 0.86 -23.57 -57.88
N ARG A 1104 1.07 -23.69 -56.57
CA ARG A 1104 0.03 -23.37 -55.57
C ARG A 1104 -0.76 -22.05 -55.77
N ASN A 1105 -0.02 -21.01 -56.12
CA ASN A 1105 -0.55 -19.67 -56.32
C ASN A 1105 -1.06 -19.34 -57.73
N PHE A 1106 -1.23 -20.32 -58.64
CA PHE A 1106 -1.79 -20.08 -59.98
C PHE A 1106 -2.31 -21.37 -60.64
N TYR A 1107 -3.42 -21.33 -61.37
CA TYR A 1107 -3.84 -22.45 -62.22
C TYR A 1107 -3.08 -22.50 -63.57
N GLU A 1108 -2.10 -23.40 -63.64
CA GLU A 1108 -1.25 -23.67 -64.81
C GLU A 1108 -0.72 -25.12 -64.73
N PRO A 1109 -1.49 -26.09 -65.21
CA PRO A 1109 -1.18 -27.50 -65.00
C PRO A 1109 0.09 -27.95 -65.74
N GLN A 1110 0.83 -28.88 -65.12
CA GLN A 1110 1.96 -29.61 -65.71
C GLN A 1110 1.90 -31.09 -65.31
N ILE A 1111 2.32 -31.99 -66.19
CA ILE A 1111 2.16 -33.45 -66.06
C ILE A 1111 2.97 -33.99 -64.86
N ILE A 1112 2.51 -35.03 -64.17
CA ILE A 1112 3.34 -35.75 -63.19
C ILE A 1112 4.56 -36.36 -63.89
N THR A 1113 5.74 -36.00 -63.42
CA THR A 1113 7.03 -36.57 -63.80
C THR A 1113 7.90 -36.72 -62.55
N THR A 1114 8.97 -37.52 -62.59
CA THR A 1114 9.92 -37.63 -61.46
C THR A 1114 10.69 -36.32 -61.20
N ASP A 1115 10.58 -35.32 -62.09
CA ASP A 1115 11.10 -33.95 -61.90
C ASP A 1115 10.05 -32.95 -61.34
N ASN A 1116 8.75 -33.30 -61.38
CA ASN A 1116 7.64 -32.55 -60.74
C ASN A 1116 7.22 -33.13 -59.38
N THR A 1117 7.66 -34.33 -59.03
CA THR A 1117 7.23 -35.02 -57.80
C THR A 1117 8.40 -35.66 -57.06
N PHE A 1118 8.22 -35.88 -55.76
CA PHE A 1118 8.99 -36.80 -54.95
C PHE A 1118 8.21 -38.10 -54.75
N VAL A 1119 8.90 -39.13 -54.27
CA VAL A 1119 8.35 -40.48 -54.10
C VAL A 1119 8.81 -41.06 -52.76
N SER A 1120 8.01 -41.96 -52.19
CA SER A 1120 8.20 -42.52 -50.84
C SER A 1120 8.17 -44.06 -50.84
N GLY A 1121 7.94 -44.63 -49.67
CA GLY A 1121 7.89 -46.06 -49.51
C GLY A 1121 7.00 -46.52 -48.36
N ASN A 1122 6.22 -47.56 -48.66
CA ASN A 1122 5.29 -48.27 -47.75
C ASN A 1122 3.92 -47.64 -47.46
N CYS A 1123 3.64 -46.48 -48.04
CA CYS A 1123 2.36 -45.76 -47.92
C CYS A 1123 1.82 -45.33 -46.53
N ASP A 1124 2.71 -45.11 -45.56
CA ASP A 1124 2.31 -44.69 -44.19
C ASP A 1124 2.37 -43.19 -43.84
N VAL A 1125 1.40 -42.71 -43.03
CA VAL A 1125 1.44 -41.30 -42.63
C VAL A 1125 2.09 -41.21 -41.25
N VAL A 1126 3.13 -40.39 -41.12
CA VAL A 1126 3.62 -39.96 -39.81
C VAL A 1126 2.64 -38.94 -39.23
N ILE A 1127 2.22 -39.08 -37.97
CA ILE A 1127 1.36 -38.09 -37.30
C ILE A 1127 2.17 -37.35 -36.22
N GLY A 1128 2.24 -36.04 -36.35
CA GLY A 1128 2.86 -35.11 -35.41
C GLY A 1128 1.83 -34.32 -34.63
N ILE A 1129 2.19 -33.89 -33.43
CA ILE A 1129 1.38 -33.03 -32.56
C ILE A 1129 2.23 -31.84 -32.07
N VAL A 1130 1.68 -30.65 -32.20
CA VAL A 1130 2.26 -29.41 -31.70
C VAL A 1130 1.21 -28.69 -30.89
N ASN A 1131 1.57 -28.29 -29.69
CA ASN A 1131 0.67 -27.58 -28.79
C ASN A 1131 1.38 -26.36 -28.24
N ASN A 1132 1.11 -25.19 -28.82
CA ASN A 1132 1.76 -23.95 -28.43
C ASN A 1132 1.10 -23.38 -27.17
N THR A 1133 1.44 -23.97 -26.03
CA THR A 1133 1.16 -23.44 -24.70
C THR A 1133 1.89 -22.10 -24.54
N VAL A 1134 1.23 -20.98 -24.80
CA VAL A 1134 1.66 -19.71 -24.19
C VAL A 1134 1.63 -19.89 -22.68
N TYR A 1135 3.07 -17.81 -19.94
CA TYR A 1135 3.37 -18.22 -18.56
C TYR A 1135 2.17 -18.00 -17.64
N ASP A 1136 1.74 -19.03 -16.91
CA ASP A 1136 0.71 -18.90 -15.87
C ASP A 1136 1.41 -18.79 -14.51
N PRO A 1137 1.41 -17.61 -13.88
CA PRO A 1137 2.25 -17.34 -12.74
C PRO A 1137 1.80 -18.02 -11.45
N LEU A 1138 2.74 -18.17 -10.51
CA LEU A 1138 2.46 -18.44 -9.11
C LEU A 1138 1.74 -17.21 -8.50
N GLN A 1139 0.41 -17.19 -8.55
CA GLN A 1139 -0.36 -16.08 -7.97
C GLN A 1139 -0.34 -16.12 -6.43
N PRO A 1140 -0.33 -14.96 -5.75
CA PRO A 1140 -0.07 -14.84 -4.33
C PRO A 1140 -1.26 -15.23 -3.44
N GLU A 1141 -1.50 -16.53 -3.30
CA GLU A 1141 -2.54 -17.07 -2.41
C GLU A 1141 -2.15 -16.97 -0.93
N LEU A 1142 -3.14 -16.57 -0.12
CA LEU A 1142 -3.04 -16.15 1.27
C LEU A 1142 -3.93 -16.99 2.19
N ASP A 1143 -3.60 -17.07 3.47
CA ASP A 1143 -4.52 -17.59 4.50
C ASP A 1143 -5.81 -16.77 4.59
N SER A 1144 -6.82 -17.21 5.34
CA SER A 1144 -7.88 -16.28 5.74
C SER A 1144 -7.30 -15.20 6.66
N PHE A 1145 -7.91 -14.01 6.67
CA PHE A 1145 -7.37 -12.87 7.41
C PHE A 1145 -7.24 -13.15 8.92
N LYS A 1146 -8.18 -13.92 9.49
CA LYS A 1146 -8.16 -14.33 10.91
C LYS A 1146 -6.86 -15.04 11.30
N GLU A 1147 -6.35 -15.96 10.48
CA GLU A 1147 -5.08 -16.64 10.75
C GLU A 1147 -3.88 -15.70 10.66
N GLU A 1148 -3.83 -14.81 9.65
CA GLU A 1148 -2.68 -13.92 9.47
C GLU A 1148 -2.71 -12.72 10.44
N LEU A 1149 -3.89 -12.39 11.00
CA LEU A 1149 -4.08 -11.44 12.08
C LEU A 1149 -3.67 -12.04 13.43
N ASP A 1150 -4.31 -13.15 13.82
CA ASP A 1150 -4.13 -13.81 15.12
C ASP A 1150 -2.68 -14.25 15.38
N LYS A 1151 -1.85 -14.38 14.34
CA LYS A 1151 -0.42 -14.66 14.47
C LYS A 1151 0.31 -13.63 15.34
N TYR A 1152 -0.09 -12.35 15.25
CA TYR A 1152 0.57 -11.23 15.94
C TYR A 1152 -0.37 -10.28 16.71
N PHE A 1153 -2.65 -9.91 17.78
CA PHE A 1153 -3.60 -9.01 18.41
C PHE A 1153 -3.87 -9.22 19.91
N LYS A 1154 -3.86 -8.13 20.67
CA LYS A 1154 -4.15 -8.17 22.11
C LYS A 1154 -5.41 -7.37 22.43
N ASN A 1155 -6.43 -8.05 22.96
CA ASN A 1155 -7.75 -7.49 23.25
C ASN A 1155 -7.80 -6.89 24.66
N HIS A 1156 -6.80 -6.06 24.99
CA HIS A 1156 -6.62 -5.44 26.30
C HIS A 1156 -7.74 -4.42 26.57
N THR A 1157 -8.54 -4.67 27.60
CA THR A 1157 -9.56 -3.71 28.07
C THR A 1157 -9.14 -3.16 29.43
N SER A 1158 -8.97 -1.86 29.53
CA SER A 1158 -8.65 -1.17 30.76
C SER A 1158 -9.86 -1.18 31.71
N PRO A 1159 -9.66 -1.39 33.03
CA PRO A 1159 -10.76 -1.52 33.97
C PRO A 1159 -11.51 -0.20 34.22
N ASP A 1160 -12.79 -0.33 34.53
CA ASP A 1160 -13.69 0.75 34.95
C ASP A 1160 -13.11 1.48 36.17
N VAL A 1161 -12.78 2.76 36.04
CA VAL A 1161 -12.12 3.51 37.11
C VAL A 1161 -13.08 3.74 38.28
N ASP A 1162 -12.69 3.22 39.44
CA ASP A 1162 -13.29 3.52 40.74
C ASP A 1162 -12.28 4.27 41.61
N LEU A 1163 -12.76 5.27 42.33
CA LEU A 1163 -12.03 6.13 43.24
C LEU A 1163 -12.89 6.45 44.48
N GLY A 1164 -12.26 6.99 45.52
CA GLY A 1164 -12.81 7.26 46.85
C GLY A 1164 -14.17 7.97 46.87
N ASP A 1165 -15.09 7.39 47.65
CA ASP A 1165 -16.52 7.69 47.73
C ASP A 1165 -16.85 8.45 49.02
N ILE A 1166 -16.51 9.75 49.04
CA ILE A 1166 -16.53 10.59 50.24
C ILE A 1166 -17.92 10.79 50.88
N SER A 1167 -19.01 10.36 50.24
CA SER A 1167 -20.36 10.34 50.80
C SER A 1167 -20.55 9.36 51.98
N GLY A 1168 -19.61 8.44 52.23
CA GLY A 1168 -19.69 7.47 53.33
C GLY A 1168 -19.12 7.95 54.67
N ILE A 1169 -18.55 9.14 54.72
CA ILE A 1169 -17.86 9.71 55.88
C ILE A 1169 -18.90 10.33 56.84
N ASN A 1170 -20.19 10.10 56.63
CA ASN A 1170 -21.20 10.69 57.55
C ASN A 1170 -21.84 9.58 58.39
N GLN A 1177 -27.72 26.43 71.80
CA GLN A 1177 -28.23 27.76 72.11
C GLN A 1177 -28.86 27.85 73.50
N LYS A 1178 -29.45 26.76 74.00
CA LYS A 1178 -30.12 26.69 75.32
C LYS A 1178 -29.25 27.17 76.48
N GLU A 1179 -27.97 26.81 76.51
CA GLU A 1179 -27.07 27.29 77.55
C GLU A 1179 -26.78 28.79 77.41
N ILE A 1180 -26.70 29.34 76.20
CA ILE A 1180 -26.56 30.79 76.00
C ILE A 1180 -27.86 31.52 76.38
N ASP A 1181 -29.03 30.92 76.15
CA ASP A 1181 -30.32 31.42 76.66
C ASP A 1181 -30.36 31.48 78.19
N ARG A 1182 -29.91 30.41 78.84
CA ARG A 1182 -29.85 30.36 80.30
C ARG A 1182 -28.87 31.40 80.86
N LEU A 1183 -27.65 31.44 80.31
CA LEU A 1183 -26.66 32.42 80.75
C LEU A 1183 -27.13 33.88 80.54
N ASN A 1184 -27.88 34.19 79.48
CA ASN A 1184 -28.51 35.52 79.34
C ASN A 1184 -29.62 35.72 80.40
N GLU A 1185 -30.43 34.69 80.66
CA GLU A 1185 -31.48 34.71 81.69
C GLU A 1185 -30.91 34.93 83.10
N VAL A 1186 -29.89 34.20 83.54
CA VAL A 1186 -29.29 34.40 84.88
C VAL A 1186 -28.42 35.64 84.96
N ALA A 1187 -27.93 36.22 83.86
CA ALA A 1187 -27.27 37.52 83.91
C ALA A 1187 -28.25 38.61 84.38
N LYS A 1188 -29.52 38.53 83.93
CA LYS A 1188 -30.61 39.33 84.49
C LYS A 1188 -31.04 38.84 85.88
N ASN A 1189 -31.48 37.59 86.00
CA ASN A 1189 -32.05 37.03 87.22
C ASN A 1189 -31.08 36.88 88.41
N LEU A 1190 -29.78 37.14 88.26
CA LEU A 1190 -28.86 37.25 89.40
C LEU A 1190 -28.99 38.59 90.14
N ASN A 1191 -29.55 39.64 89.52
CA ASN A 1191 -29.89 40.89 90.20
C ASN A 1191 -30.98 40.74 91.27
N GLU A 1192 -31.82 39.69 91.14
CA GLU A 1192 -32.78 39.29 92.16
C GLU A 1192 -32.12 38.75 93.45
N SER A 1193 -30.80 38.57 93.44
CA SER A 1193 -30.01 38.19 94.63
C SER A 1193 -28.89 39.19 94.94
N LEU A 1194 -28.95 40.42 94.40
CA LEU A 1194 -28.02 41.49 94.71
C LEU A 1194 -28.18 41.99 96.16
N ASN B 700 -4.41 7.15 -60.99
CA ASN B 700 -3.16 6.41 -61.30
C ASN B 700 -2.01 6.82 -60.36
N SER B 701 -2.11 6.52 -59.06
CA SER B 701 -1.34 7.24 -58.03
C SER B 701 0.17 6.93 -58.03
N VAL B 702 0.57 5.71 -57.65
CA VAL B 702 1.98 5.35 -57.46
C VAL B 702 2.40 4.09 -58.20
N ALA B 703 1.46 3.19 -58.52
CA ALA B 703 1.73 1.91 -59.17
C ALA B 703 2.43 2.00 -60.52
N TYR B 704 2.42 3.17 -61.17
CA TYR B 704 3.00 3.44 -62.48
C TYR B 704 4.01 4.63 -62.47
N SER B 705 4.34 5.18 -61.31
CA SER B 705 5.35 6.25 -61.19
C SER B 705 6.75 5.68 -61.38
N ASN B 706 7.67 6.40 -62.03
CA ASN B 706 9.02 5.84 -62.06
C ASN B 706 10.04 6.66 -61.38
N ASN B 707 10.71 5.91 -60.54
CA ASN B 707 11.69 6.44 -59.59
C ASN B 707 12.95 5.56 -59.58
N SER B 708 14.08 6.17 -59.26
CA SER B 708 15.41 5.53 -59.21
C SER B 708 15.49 4.55 -58.03
N ILE B 709 15.68 3.26 -58.30
CA ILE B 709 15.79 2.20 -57.30
C ILE B 709 17.15 1.53 -57.38
N ALA B 710 17.85 1.39 -56.26
CA ALA B 710 19.09 0.65 -56.20
C ALA B 710 18.83 -0.84 -56.38
N ILE B 711 19.53 -1.44 -57.34
CA ILE B 711 19.49 -2.86 -57.68
C ILE B 711 20.92 -3.36 -57.61
N PRO B 712 21.22 -4.45 -56.87
CA PRO B 712 22.58 -4.92 -56.68
C PRO B 712 23.34 -5.16 -57.98
N THR B 713 24.42 -4.42 -58.18
CA THR B 713 25.27 -4.54 -59.36
C THR B 713 26.23 -5.69 -59.14
N ASN B 714 28.00 -6.76 -57.43
CA ASN B 714 29.00 -7.79 -57.12
C ASN B 714 29.09 -8.19 -55.66
N PHE B 715 29.75 -9.30 -55.37
CA PHE B 715 29.81 -9.77 -53.99
C PHE B 715 31.17 -9.92 -53.34
N THR B 716 31.22 -9.63 -52.05
CA THR B 716 32.29 -9.98 -51.13
C THR B 716 31.77 -11.05 -50.18
N ILE B 717 32.59 -12.07 -49.92
CA ILE B 717 32.31 -13.07 -48.90
C ILE B 717 32.59 -12.51 -47.50
N SER B 718 31.74 -12.87 -46.54
CA SER B 718 31.70 -12.27 -45.21
C SER B 718 31.23 -13.28 -44.16
N VAL B 719 31.51 -13.02 -42.90
CA VAL B 719 30.98 -13.81 -41.77
C VAL B 719 30.44 -12.91 -40.70
N THR B 720 29.37 -13.34 -40.03
CA THR B 720 28.77 -12.61 -38.91
C THR B 720 28.93 -13.44 -37.64
N THR B 721 29.22 -12.79 -36.52
CA THR B 721 29.00 -13.36 -35.19
C THR B 721 27.75 -12.69 -34.64
N GLU B 722 26.66 -13.44 -34.44
CA GLU B 722 25.41 -12.90 -33.92
C GLU B 722 25.11 -13.50 -32.55
N ILE B 723 24.99 -12.69 -31.50
CA ILE B 723 24.75 -13.15 -30.12
C ILE B 723 23.28 -12.96 -29.75
N LEU B 724 22.59 -14.02 -29.32
CA LEU B 724 21.23 -14.02 -28.77
C LEU B 724 21.22 -14.61 -27.34
N PRO B 725 20.74 -13.89 -26.32
CA PRO B 725 20.43 -14.52 -25.05
C PRO B 725 19.19 -15.40 -25.16
N VAL B 726 19.26 -16.61 -24.62
CA VAL B 726 18.19 -17.62 -24.65
C VAL B 726 17.64 -17.94 -23.26
N SER B 727 18.35 -17.57 -22.20
CA SER B 727 17.96 -17.79 -20.81
C SER B 727 18.38 -16.62 -19.93
N MET B 728 16.50 -16.04 -16.98
CA MET B 728 16.76 -15.00 -15.99
C MET B 728 17.00 -15.65 -14.63
N THR B 729 18.12 -15.33 -13.98
CA THR B 729 18.38 -15.81 -12.61
C THR B 729 17.36 -15.24 -11.63
N LYS B 730 16.95 -16.05 -10.64
CA LYS B 730 15.83 -15.74 -9.75
C LYS B 730 16.26 -14.80 -8.64
N THR B 731 16.11 -13.50 -8.90
CA THR B 731 16.43 -12.38 -8.01
C THR B 731 15.44 -12.26 -6.84
N SER B 732 15.28 -13.31 -6.03
CA SER B 732 14.49 -13.27 -4.80
C SER B 732 14.96 -12.15 -3.86
N VAL B 733 14.04 -11.56 -3.11
CA VAL B 733 14.27 -10.36 -2.30
C VAL B 733 13.87 -10.61 -0.84
N ASP B 734 14.76 -10.26 0.07
CA ASP B 734 14.46 -10.35 1.48
C ASP B 734 13.69 -9.05 1.72
N CYS B 735 12.50 -9.11 2.22
CA CYS B 735 11.71 -7.89 2.27
C CYS B 735 12.00 -6.98 3.42
N THR B 736 12.55 -7.54 4.48
CA THR B 736 13.03 -6.70 5.57
C THR B 736 14.18 -5.81 5.14
N MET B 737 15.26 -6.43 4.66
CA MET B 737 16.44 -5.68 4.23
C MET B 737 16.13 -4.67 3.11
N TYR B 738 15.21 -4.97 2.19
CA TYR B 738 14.82 -4.00 1.16
C TYR B 738 14.14 -2.76 1.75
N ILE B 739 13.04 -2.94 2.47
CA ILE B 739 12.22 -1.84 3.01
C ILE B 739 12.88 -1.17 4.19
N CYS B 740 13.06 -1.90 5.30
CA CYS B 740 13.57 -1.32 6.54
C CYS B 740 15.10 -1.33 6.74
N GLY B 741 15.76 -2.40 6.30
CA GLY B 741 17.20 -2.50 6.43
C GLY B 741 17.63 -2.88 7.84
N ASP B 742 18.48 -2.07 8.46
CA ASP B 742 18.95 -2.37 9.82
C ASP B 742 17.99 -1.91 10.92
N SER B 743 17.07 -0.99 10.61
CA SER B 743 16.34 -0.23 11.61
C SER B 743 15.25 -1.04 12.30
N THR B 744 15.47 -1.34 13.59
CA THR B 744 14.77 -2.42 14.30
C THR B 744 13.32 -2.09 14.61
N GLU B 745 12.95 -0.84 14.87
CA GLU B 745 11.56 -0.49 15.16
C GLU B 745 10.64 -0.76 13.95
N CYS B 746 11.08 -0.43 12.74
CA CYS B 746 10.25 -0.74 11.56
C CYS B 746 10.31 -2.24 11.20
N SER B 747 11.43 -2.87 11.51
CA SER B 747 11.60 -4.29 11.23
C SER B 747 10.50 -5.04 11.99
N ASN B 748 10.46 -4.83 13.30
CA ASN B 748 9.45 -5.43 14.15
C ASN B 748 8.02 -5.13 13.68
N LEU B 749 7.78 -3.95 13.10
CA LEU B 749 6.49 -3.65 12.47
C LEU B 749 6.21 -4.52 11.23
N LEU B 750 7.21 -4.85 10.44
CA LEU B 750 7.07 -5.68 9.23
C LEU B 750 6.34 -7.02 9.53
N LEU B 751 6.57 -7.67 10.67
CA LEU B 751 5.90 -8.93 11.01
C LEU B 751 4.36 -8.82 11.01
N GLN B 752 3.81 -7.68 11.39
CA GLN B 752 2.36 -7.47 11.36
C GLN B 752 1.81 -7.15 9.97
N TYR B 753 2.64 -6.85 8.96
CA TYR B 753 2.22 -6.80 7.55
C TYR B 753 2.02 -8.19 6.95
N GLY B 754 2.24 -9.25 7.72
CA GLY B 754 2.00 -10.63 7.30
C GLY B 754 3.10 -11.17 6.41
N SER B 755 2.84 -12.30 5.77
CA SER B 755 3.83 -12.94 4.91
C SER B 755 3.84 -12.41 3.48
N PHE B 756 3.62 -11.11 3.34
CA PHE B 756 3.56 -10.48 2.02
C PHE B 756 4.85 -10.64 1.21
N CYS B 757 5.96 -10.71 1.94
CA CYS B 757 7.28 -10.89 1.37
C CYS B 757 7.36 -12.20 0.59
N THR B 758 6.78 -13.24 1.18
CA THR B 758 6.78 -14.58 0.59
C THR B 758 6.02 -14.52 -0.72
N GLN B 759 4.82 -13.96 -0.63
CA GLN B 759 3.92 -13.71 -1.75
C GLN B 759 4.59 -13.02 -2.95
N LEU B 760 5.43 -12.01 -2.72
CA LEU B 760 6.27 -11.39 -3.74
C LEU B 760 7.37 -12.36 -4.21
N ASN B 761 7.89 -13.21 -3.35
CA ASN B 761 8.88 -14.20 -3.74
C ASN B 761 8.30 -15.41 -4.48
N ARG B 762 7.02 -15.77 -4.32
CA ARG B 762 6.33 -16.72 -5.22
C ARG B 762 6.41 -16.24 -6.65
N ALA B 763 6.21 -14.95 -6.87
CA ALA B 763 6.27 -14.34 -8.18
C ALA B 763 7.69 -14.40 -8.76
N LEU B 764 8.66 -13.78 -8.10
CA LEU B 764 10.06 -13.67 -8.55
C LEU B 764 10.81 -15.01 -8.59
N THR B 765 10.50 -15.98 -7.73
CA THR B 765 11.11 -17.33 -7.77
C THR B 765 10.52 -18.22 -8.88
N GLY B 766 9.32 -17.89 -9.36
CA GLY B 766 8.76 -18.43 -10.59
C GLY B 766 9.35 -17.74 -11.83
N ILE B 767 8.46 -17.29 -12.71
CA ILE B 767 8.68 -16.36 -13.82
C ILE B 767 9.97 -16.63 -14.61
N THR B 909 -34.05 46.38 117.94
CA THR B 909 -32.85 46.29 117.10
C THR B 909 -32.42 44.84 116.86
N GLN B 910 -32.47 44.00 117.91
CA GLN B 910 -32.00 42.61 117.84
C GLN B 910 -32.80 41.77 116.84
N ASN B 911 -34.10 42.06 116.74
CA ASN B 911 -35.02 41.47 115.77
C ASN B 911 -34.67 41.80 114.31
N VAL B 912 -34.53 43.08 113.93
CA VAL B 912 -34.21 43.47 112.54
C VAL B 912 -32.79 43.07 112.13
N LEU B 913 -31.83 43.04 113.06
CA LEU B 913 -30.48 42.53 112.78
C LEU B 913 -30.49 41.02 112.48
N TYR B 914 -31.38 40.27 113.14
CA TYR B 914 -31.58 38.83 112.91
C TYR B 914 -32.40 38.55 111.64
N GLU B 915 -33.43 39.34 111.34
CA GLU B 915 -34.16 39.20 110.07
C GLU B 915 -33.27 39.57 108.86
N ASN B 916 -32.35 40.54 108.99
CA ASN B 916 -31.27 40.75 108.01
C ASN B 916 -30.31 39.54 107.93
N GLN B 917 -30.09 38.81 109.03
CA GLN B 917 -29.30 37.58 109.05
C GLN B 917 -30.00 36.43 108.31
N LYS B 918 -31.32 36.29 108.48
CA LYS B 918 -32.17 35.40 107.65
C LYS B 918 -32.15 35.80 106.18
N LEU B 919 -32.31 37.10 105.89
CA LEU B 919 -32.34 37.67 104.54
C LEU B 919 -31.06 37.34 103.76
N ILE B 920 -29.89 37.73 104.26
CA ILE B 920 -28.65 37.62 103.47
C ILE B 920 -28.27 36.15 103.23
N ALA B 921 -28.50 35.28 104.22
CA ALA B 921 -28.34 33.84 104.08
C ALA B 921 -29.30 33.23 103.05
N ASN B 922 -30.56 33.69 103.00
CA ASN B 922 -31.54 33.25 102.00
C ASN B 922 -31.18 33.73 100.59
N GLN B 923 -30.64 34.94 100.45
CA GLN B 923 -30.10 35.44 99.18
C GLN B 923 -28.87 34.63 98.73
N PHE B 924 -27.94 34.30 99.64
CA PHE B 924 -26.75 33.51 99.34
C PHE B 924 -27.05 32.04 99.00
N ASN B 925 -27.85 31.36 99.83
CA ASN B 925 -28.27 29.97 99.63
C ASN B 925 -29.00 29.78 98.29
N SER B 926 -29.87 30.73 97.91
CA SER B 926 -30.51 30.75 96.60
C SER B 926 -29.55 31.06 95.45
N ALA B 927 -28.56 31.96 95.66
CA ALA B 927 -27.57 32.29 94.65
C ALA B 927 -26.66 31.09 94.31
N ILE B 928 -26.09 30.41 95.31
CA ILE B 928 -25.25 29.23 95.11
C ILE B 928 -25.99 28.11 94.35
N GLY B 929 -27.28 27.85 94.63
CA GLY B 929 -28.06 26.88 93.84
C GLY B 929 -28.20 27.25 92.35
N LYS B 930 -28.25 28.55 92.06
CA LYS B 930 -28.22 29.11 90.70
C LYS B 930 -26.81 29.09 90.10
N ILE B 931 -25.75 29.19 90.91
CA ILE B 931 -24.37 28.91 90.46
C ILE B 931 -24.21 27.45 90.02
N GLN B 932 -24.74 26.49 90.77
CA GLN B 932 -24.65 25.07 90.39
C GLN B 932 -25.38 24.76 89.07
N ASP B 933 -26.53 25.37 88.80
CA ASP B 933 -27.19 25.33 87.49
C ASP B 933 -26.34 25.97 86.38
N SER B 934 -25.82 27.18 86.62
CA SER B 934 -24.97 27.94 85.69
C SER B 934 -23.69 27.19 85.29
N LEU B 935 -23.10 26.47 86.25
CA LEU B 935 -21.85 25.75 86.08
C LEU B 935 -22.07 24.35 85.50
N SER B 936 -23.08 23.60 85.95
CA SER B 936 -23.41 22.27 85.41
C SER B 936 -23.83 22.33 83.94
N SER B 937 -24.63 23.33 83.57
CA SER B 937 -24.99 23.59 82.17
C SER B 937 -23.76 23.97 81.32
N THR B 938 -22.88 24.86 81.80
CA THR B 938 -21.62 25.18 81.10
C THR B 938 -20.73 23.95 80.91
N ALA B 939 -20.63 23.06 81.90
CA ALA B 939 -19.90 21.80 81.75
C ALA B 939 -20.54 20.88 80.68
N SER B 940 -21.86 20.71 80.71
CA SER B 940 -22.61 19.93 79.72
C SER B 940 -22.53 20.52 78.30
N ALA B 941 -22.44 21.85 78.17
CA ALA B 941 -22.17 22.51 76.90
C ALA B 941 -20.70 22.33 76.46
N LEU B 942 -19.73 22.72 77.27
CA LEU B 942 -18.31 22.68 76.90
C LEU B 942 -17.83 21.24 76.65
N GLY B 943 -18.44 20.25 77.31
CA GLY B 943 -18.25 18.82 77.02
C GLY B 943 -18.89 18.32 75.72
N LYS B 944 -19.93 18.98 75.18
CA LYS B 944 -20.46 18.72 73.82
C LYS B 944 -19.62 19.43 72.73
N LEU B 945 -19.01 20.56 73.03
CA LEU B 945 -18.08 21.27 72.14
C LEU B 945 -16.77 20.48 71.99
N GLN B 946 -16.18 20.00 73.07
CA GLN B 946 -14.97 19.15 73.03
C GLN B 946 -15.20 17.78 72.39
N ASP B 947 -16.43 17.26 72.41
CA ASP B 947 -16.85 16.05 71.68
C ASP B 947 -16.86 16.31 70.18
N VAL B 948 -17.68 17.26 69.74
CA VAL B 948 -17.87 17.59 68.32
C VAL B 948 -16.59 18.10 67.66
N VAL B 949 -15.76 18.90 68.33
CA VAL B 949 -14.47 19.33 67.74
C VAL B 949 -13.51 18.16 67.52
N ASN B 950 -13.46 17.13 68.38
CA ASN B 950 -12.61 15.97 68.17
C ASN B 950 -13.21 14.98 67.14
N GLN B 951 -14.54 14.94 66.99
CA GLN B 951 -15.23 14.24 65.90
C GLN B 951 -14.96 14.89 64.52
N ASN B 952 -14.84 16.23 64.47
CA ASN B 952 -14.34 16.94 63.30
C ASN B 952 -12.86 16.62 63.00
N ALA B 953 -11.99 16.57 64.01
CA ALA B 953 -10.58 16.22 63.82
C ALA B 953 -10.42 14.79 63.29
N GLN B 954 -11.25 13.86 63.77
CA GLN B 954 -11.38 12.50 63.20
C GLN B 954 -11.84 12.53 61.75
N ALA B 955 -12.89 13.28 61.40
CA ALA B 955 -13.39 13.36 60.02
C ALA B 955 -12.33 13.91 59.04
N LEU B 956 -11.56 14.93 59.40
CA LEU B 956 -10.50 15.46 58.54
C LEU B 956 -9.32 14.51 58.38
N ASN B 957 -8.92 13.76 59.40
CA ASN B 957 -7.90 12.72 59.21
C ASN B 957 -8.43 11.55 58.37
N THR B 958 -9.73 11.26 58.42
CA THR B 958 -10.37 10.29 57.51
C THR B 958 -10.34 10.80 56.07
N LEU B 959 -10.71 12.06 55.84
CA LEU B 959 -10.65 12.71 54.54
C LEU B 959 -9.23 12.72 53.98
N VAL B 960 -8.21 13.11 54.75
CA VAL B 960 -6.82 13.15 54.25
C VAL B 960 -6.31 11.76 53.87
N LYS B 961 -6.65 10.70 54.61
CA LYS B 961 -6.25 9.33 54.23
C LYS B 961 -6.96 8.83 52.96
N GLN B 962 -8.24 9.15 52.77
CA GLN B 962 -8.96 8.84 51.53
C GLN B 962 -8.48 9.67 50.33
N LEU B 963 -8.19 10.96 50.49
CA LEU B 963 -7.70 11.81 49.40
C LEU B 963 -6.24 11.52 49.05
N SER B 964 -5.41 11.15 50.01
CA SER B 964 -4.09 10.58 49.74
C SER B 964 -4.21 9.35 48.85
N SER B 965 -5.26 8.53 49.05
CA SER B 965 -5.54 7.42 48.14
C SER B 965 -5.90 7.91 46.74
N ASN B 966 -6.77 8.91 46.58
CA ASN B 966 -7.17 9.42 45.27
C ASN B 966 -6.05 10.08 44.48
N PHE B 967 -5.26 10.97 45.08
CA PHE B 967 -4.14 11.56 44.37
C PHE B 967 -2.99 10.56 44.15
N GLY B 968 -2.87 9.50 44.95
CA GLY B 968 -1.98 8.36 44.68
C GLY B 968 -2.48 7.43 43.57
N ALA B 969 -3.79 7.17 43.51
CA ALA B 969 -4.41 6.35 42.47
C ALA B 969 -4.32 7.07 41.12
N ILE B 970 -4.77 8.33 41.08
CA ILE B 970 -4.71 9.16 39.88
C ILE B 970 -3.25 9.38 39.46
N SER B 971 -2.30 9.53 40.38
CA SER B 971 -0.87 9.57 40.03
C SER B 971 -0.47 8.36 39.20
N SER B 972 -0.79 7.13 39.62
CA SER B 972 -0.39 5.92 38.88
C SER B 972 -1.18 5.70 37.57
N VAL B 973 -2.52 5.81 37.60
CA VAL B 973 -3.37 5.58 36.43
C VAL B 973 -3.16 6.63 35.33
N LEU B 974 -2.97 7.90 35.70
CA LEU B 974 -2.74 9.01 34.78
C LEU B 974 -1.28 9.05 34.30
N ASN B 975 -0.30 8.64 35.10
CA ASN B 975 1.05 8.42 34.58
C ASN B 975 1.06 7.33 33.50
N ASP B 976 0.32 6.23 33.69
CA ASP B 976 0.24 5.18 32.67
C ASP B 976 -0.44 5.66 31.38
N ILE B 977 -1.59 6.33 31.46
CA ILE B 977 -2.22 6.99 30.31
C ILE B 977 -1.23 7.92 29.59
N LEU B 978 -0.42 8.72 30.28
CA LEU B 978 0.59 9.60 29.67
C LEU B 978 1.70 8.79 29.00
N SER B 979 2.25 7.80 29.69
CA SER B 979 3.37 6.98 29.23
C SER B 979 3.01 6.07 28.05
N ARG B 980 1.77 5.59 28.01
CA ARG B 980 1.33 4.75 26.90
C ARG B 980 0.84 5.60 25.70
N LEU B 981 0.23 6.76 25.94
CA LEU B 981 -0.16 7.62 24.83
C LEU B 981 1.06 8.19 24.13
N ASP B 982 2.15 8.47 24.84
CA ASP B 982 3.44 8.82 24.24
C ASP B 982 3.99 7.69 23.35
N LYS B 983 3.88 6.43 23.79
CA LYS B 983 4.26 5.26 22.97
C LYS B 983 3.41 5.18 21.70
N VAL B 984 2.09 5.20 21.80
CA VAL B 984 1.17 5.13 20.65
C VAL B 984 1.30 6.32 19.68
N GLU B 985 1.55 7.54 20.14
CA GLU B 985 1.84 8.69 19.28
C GLU B 985 3.23 8.64 18.64
N ALA B 986 4.18 7.87 19.19
CA ALA B 986 5.45 7.55 18.52
C ALA B 986 5.25 6.47 17.45
N GLU B 987 4.63 5.35 17.80
CA GLU B 987 4.51 4.19 16.91
C GLU B 987 3.76 4.55 15.64
N VAL B 988 2.27 5.19 13.90
CA VAL B 988 1.46 5.63 12.75
C VAL B 988 2.27 6.44 11.71
N GLN B 989 3.40 7.06 12.08
CA GLN B 989 4.34 7.72 11.17
C GLN B 989 5.38 6.76 10.54
N ILE B 990 5.77 5.71 11.25
CA ILE B 990 6.70 4.70 10.76
C ILE B 990 5.97 3.75 9.80
N ASP B 991 4.72 3.40 10.08
CA ASP B 991 3.82 2.69 9.16
C ASP B 991 3.56 3.46 7.87
N ARG B 992 3.59 4.78 7.95
CA ARG B 992 3.35 5.60 6.77
C ARG B 992 4.50 5.36 5.79
N LEU B 993 5.72 5.51 6.27
CA LEU B 993 6.92 5.30 5.47
C LEU B 993 7.11 3.85 5.07
N ILE B 994 6.79 2.86 5.88
CA ILE B 994 6.79 1.45 5.42
C ILE B 994 5.84 1.30 4.22
N THR B 995 4.62 1.81 4.30
CA THR B 995 3.62 1.72 3.22
C THR B 995 4.02 2.43 1.91
N GLY B 996 4.79 3.52 1.94
CA GLY B 996 5.40 4.09 0.73
C GLY B 996 6.65 3.37 0.24
N ARG B 997 7.30 2.61 1.11
CA ARG B 997 8.37 1.74 0.66
C ARG B 997 7.78 0.43 0.09
N LEU B 998 6.59 0.03 0.56
CA LEU B 998 5.92 -1.11 -0.06
C LEU B 998 5.73 -0.86 -1.55
N GLN B 999 5.32 0.35 -1.96
CA GLN B 999 5.12 0.69 -3.37
C GLN B 999 6.42 0.66 -4.17
N SER B 1000 7.53 1.07 -3.54
CA SER B 1000 8.85 1.00 -4.17
C SER B 1000 9.26 -0.45 -4.39
N LEU B 1001 9.02 -1.35 -3.43
CA LEU B 1001 9.21 -2.79 -3.61
C LEU B 1001 8.19 -3.41 -4.60
N GLN B 1002 6.96 -2.91 -4.72
CA GLN B 1002 6.00 -3.37 -5.72
C GLN B 1002 6.33 -2.87 -7.14
N THR B 1003 6.96 -1.70 -7.29
CA THR B 1003 7.60 -1.28 -8.55
C THR B 1003 8.82 -2.13 -8.87
N TYR B 1004 9.61 -2.52 -7.87
CA TYR B 1004 10.68 -3.48 -8.07
C TYR B 1004 10.13 -4.79 -8.58
N VAL B 1005 9.15 -5.39 -7.92
CA VAL B 1005 8.54 -6.68 -8.32
C VAL B 1005 7.88 -6.59 -9.69
N THR B 1006 7.16 -5.52 -10.00
CA THR B 1006 6.57 -5.33 -11.34
C THR B 1006 7.64 -5.26 -12.43
N GLN B 1007 8.67 -4.40 -12.33
CA GLN B 1007 9.76 -4.31 -13.31
C GLN B 1007 10.61 -5.60 -13.41
N GLN B 1008 10.67 -6.42 -12.37
CA GLN B 1008 11.33 -7.72 -12.38
C GLN B 1008 10.46 -8.83 -12.99
N LEU B 1009 9.12 -8.72 -12.95
CA LEU B 1009 8.20 -9.61 -13.67
C LEU B 1009 8.06 -9.19 -15.14
N ILE B 1010 8.00 -7.89 -15.42
CA ILE B 1010 7.98 -7.31 -16.75
C ILE B 1010 9.18 -7.84 -17.53
N ARG B 1011 10.40 -7.72 -16.99
CA ARG B 1011 11.63 -8.18 -17.64
C ARG B 1011 11.62 -9.68 -17.86
N ALA B 1012 11.12 -10.47 -16.92
CA ALA B 1012 11.02 -11.92 -17.09
C ALA B 1012 10.00 -12.38 -18.17
N ALA B 1013 8.95 -11.60 -18.43
CA ALA B 1013 8.03 -11.80 -19.54
C ALA B 1013 8.58 -11.29 -20.90
N GLU B 1014 9.55 -10.37 -20.93
CA GLU B 1014 10.41 -10.14 -22.12
C GLU B 1014 11.42 -11.27 -22.32
N ILE B 1015 12.06 -11.76 -21.27
CA ILE B 1015 12.99 -12.87 -21.36
C ILE B 1015 12.30 -14.09 -21.96
N ARG B 1016 11.08 -14.42 -21.55
CA ARG B 1016 10.35 -15.57 -22.11
C ARG B 1016 9.89 -15.37 -23.55
N ALA B 1017 9.81 -14.14 -24.06
CA ALA B 1017 9.65 -13.88 -25.50
C ALA B 1017 10.98 -14.00 -26.25
N SER B 1018 12.09 -13.60 -25.64
CA SER B 1018 13.44 -13.78 -26.20
C SER B 1018 13.87 -15.25 -26.24
N ALA B 1019 13.38 -16.09 -25.34
CA ALA B 1019 13.48 -17.55 -25.45
C ALA B 1019 12.58 -18.17 -26.54
N ASN B 1020 11.43 -17.57 -26.87
CA ASN B 1020 10.70 -17.89 -28.10
C ASN B 1020 11.43 -17.40 -29.36
N LEU B 1021 12.06 -16.21 -29.35
CA LEU B 1021 12.88 -15.75 -30.47
C LEU B 1021 14.07 -16.68 -30.67
N ALA B 1022 14.76 -17.09 -29.60
CA ALA B 1022 15.82 -18.08 -29.66
C ALA B 1022 15.33 -19.43 -30.19
N ALA B 1023 14.06 -19.81 -30.01
CA ALA B 1023 13.52 -21.06 -30.55
C ALA B 1023 13.32 -20.99 -32.07
N THR B 1024 12.62 -19.97 -32.58
CA THR B 1024 12.42 -19.78 -34.02
C THR B 1024 13.76 -19.49 -34.72
N LYS B 1025 14.62 -18.63 -34.16
CA LYS B 1025 15.94 -18.30 -34.71
C LYS B 1025 16.96 -19.44 -34.63
N MET B 1026 16.84 -20.39 -33.69
CA MET B 1026 17.55 -21.65 -33.73
C MET B 1026 17.00 -22.51 -34.86
N SER B 1027 15.69 -22.72 -34.90
CA SER B 1027 15.09 -23.65 -35.83
C SER B 1027 15.33 -23.28 -37.28
N GLU B 1028 14.98 -22.08 -37.69
CA GLU B 1028 15.00 -21.67 -39.09
C GLU B 1028 16.39 -21.48 -39.70
N CYS B 1029 17.44 -21.53 -38.88
CA CYS B 1029 18.79 -21.11 -39.29
C CYS B 1029 19.92 -22.06 -38.85
N VAL B 1030 19.71 -22.85 -37.81
CA VAL B 1030 20.54 -23.99 -37.47
C VAL B 1030 20.00 -25.26 -38.12
N LEU B 1031 18.67 -25.49 -38.13
CA LEU B 1031 18.10 -26.66 -38.81
C LEU B 1031 17.78 -26.40 -40.28
N GLY B 1032 17.74 -25.13 -40.69
CA GLY B 1032 17.33 -24.67 -42.01
C GLY B 1032 18.28 -23.66 -42.65
N GLN B 1033 19.01 -23.14 -45.40
CA GLN B 1033 19.68 -21.96 -45.93
C GLN B 1033 18.61 -20.94 -46.27
N SER B 1034 18.62 -19.80 -45.58
CA SER B 1034 17.55 -18.81 -45.71
C SER B 1034 17.68 -17.99 -46.99
N LYS B 1035 16.54 -17.64 -47.58
CA LYS B 1035 16.45 -16.78 -48.79
C LYS B 1035 16.15 -15.31 -48.45
N ARG B 1036 16.12 -14.99 -47.13
CA ARG B 1036 15.84 -13.66 -46.61
C ARG B 1036 17.14 -12.84 -46.55
N VAL B 1037 17.03 -11.53 -46.71
CA VAL B 1037 18.21 -10.66 -46.77
C VAL B 1037 18.44 -10.01 -45.41
N ASP B 1038 19.60 -10.29 -44.77
CA ASP B 1038 20.07 -9.83 -43.43
C ASP B 1038 19.58 -10.66 -42.22
N PHE B 1039 18.69 -11.62 -42.44
CA PHE B 1039 18.34 -12.58 -41.41
C PHE B 1039 19.53 -13.55 -41.56
N CYS B 1040 20.08 -14.07 -40.47
CA CYS B 1040 21.27 -14.96 -40.53
C CYS B 1040 22.51 -14.23 -41.19
N GLY B 1041 22.91 -13.07 -40.62
CA GLY B 1041 24.12 -12.36 -40.98
C GLY B 1041 23.87 -11.33 -42.07
N LYS B 1042 24.67 -10.27 -42.11
CA LYS B 1042 24.52 -9.23 -43.14
C LYS B 1042 24.62 -9.86 -44.54
N GLY B 1043 23.81 -9.39 -45.48
CA GLY B 1043 23.79 -9.87 -46.87
C GLY B 1043 22.89 -11.09 -47.09
N TYR B 1044 23.39 -12.05 -47.87
CA TYR B 1044 22.69 -13.25 -48.33
C TYR B 1044 23.36 -14.51 -47.79
N HIS B 1045 22.57 -15.48 -47.38
CA HIS B 1045 23.04 -16.61 -46.58
C HIS B 1045 23.66 -17.75 -47.38
N LEU B 1046 24.78 -18.27 -46.92
CA LEU B 1046 25.37 -19.52 -47.42
C LEU B 1046 25.18 -20.63 -46.41
N MET B 1047 25.67 -20.46 -45.19
CA MET B 1047 25.85 -21.57 -44.25
C MET B 1047 26.00 -21.05 -42.83
N SER B 1048 25.76 -21.85 -41.79
CA SER B 1048 25.98 -21.40 -40.40
C SER B 1048 26.38 -22.49 -39.43
N PHE B 1049 27.00 -22.04 -38.33
CA PHE B 1049 27.56 -22.87 -37.27
C PHE B 1049 27.21 -22.23 -35.91
N PRO B 1050 26.33 -22.83 -35.10
CA PRO B 1050 25.97 -22.33 -33.79
C PRO B 1050 27.04 -22.71 -32.77
N GLN B 1051 27.26 -21.87 -31.78
CA GLN B 1051 28.05 -22.16 -30.61
C GLN B 1051 27.33 -21.62 -29.38
N SER B 1052 27.43 -22.34 -28.27
CA SER B 1052 26.82 -21.92 -27.02
C SER B 1052 27.60 -20.79 -26.35
N ALA B 1053 26.92 -20.11 -25.45
CA ALA B 1053 27.43 -19.17 -24.45
C ALA B 1053 26.65 -19.45 -23.13
N PRO B 1054 27.04 -18.93 -21.96
CA PRO B 1054 26.50 -19.35 -20.67
C PRO B 1054 24.97 -19.30 -20.55
N HIS B 1055 24.35 -18.27 -21.13
CA HIS B 1055 22.88 -18.07 -21.21
C HIS B 1055 22.42 -17.72 -22.62
N GLY B 1056 23.14 -18.15 -23.64
CA GLY B 1056 22.93 -17.69 -25.00
C GLY B 1056 23.29 -18.70 -26.07
N VAL B 1057 22.96 -18.34 -27.30
CA VAL B 1057 23.48 -18.94 -28.51
C VAL B 1057 24.16 -17.85 -29.31
N VAL B 1058 25.26 -18.20 -29.94
CA VAL B 1058 25.99 -17.35 -30.86
C VAL B 1058 26.06 -18.06 -32.18
N PHE B 1059 25.75 -17.37 -33.27
CA PHE B 1059 25.81 -17.93 -34.61
C PHE B 1059 27.03 -17.36 -35.34
N LEU B 1060 27.80 -18.25 -35.94
CA LEU B 1060 28.68 -17.93 -37.05
C LEU B 1060 27.88 -18.11 -38.33
N HIS B 1061 27.49 -17.02 -39.00
CA HIS B 1061 26.85 -17.09 -40.30
C HIS B 1061 27.87 -16.78 -41.37
N VAL B 1062 27.94 -17.62 -42.40
CA VAL B 1062 28.72 -17.31 -43.59
C VAL B 1062 27.78 -16.82 -44.66
N THR B 1063 28.06 -15.64 -45.19
CA THR B 1063 27.16 -14.86 -46.04
C THR B 1063 27.95 -14.08 -47.09
N TYR B 1064 27.31 -13.68 -48.18
CA TYR B 1064 27.90 -12.71 -49.11
C TYR B 1064 27.14 -11.40 -49.09
N VAL B 1065 27.87 -10.29 -49.04
CA VAL B 1065 27.33 -8.93 -49.13
C VAL B 1065 27.71 -8.33 -50.48
N PRO B 1066 26.93 -7.28 -50.86
CA PRO B 1066 27.25 -6.53 -52.06
C PRO B 1066 28.48 -5.65 -51.87
N ALA B 1067 29.61 -6.06 -52.43
CA ALA B 1067 30.83 -5.25 -52.38
C ALA B 1067 30.57 -3.98 -53.18
N GLN B 1068 29.92 -4.15 -54.32
CA GLN B 1068 29.53 -3.03 -55.15
C GLN B 1068 28.06 -3.23 -55.58
N GLU B 1069 26.14 -1.14 -56.32
CA GLU B 1069 24.76 -1.15 -56.79
C GLU B 1069 24.48 0.13 -57.58
N LYS B 1070 23.56 0.06 -58.52
CA LYS B 1070 23.23 1.17 -59.43
C LYS B 1070 21.74 1.47 -59.31
N ASN B 1071 21.39 2.75 -59.32
CA ASN B 1071 20.00 3.19 -59.40
C ASN B 1071 19.53 3.11 -60.85
N PHE B 1072 18.61 2.19 -61.12
CA PHE B 1072 17.84 2.21 -62.36
C PHE B 1072 16.51 2.88 -62.09
N THR B 1073 16.03 3.73 -62.99
CA THR B 1073 14.61 4.06 -62.96
C THR B 1073 13.81 2.79 -63.23
N THR B 1074 12.62 2.73 -62.66
CA THR B 1074 11.73 1.57 -62.68
C THR B 1074 10.28 2.03 -62.61
N ALA B 1075 9.38 1.09 -62.88
CA ALA B 1075 8.02 1.13 -62.40
C ALA B 1075 7.64 -0.27 -61.89
N PRO B 1076 6.77 -0.42 -60.89
CA PRO B 1076 6.28 -1.72 -60.45
C PRO B 1076 5.41 -2.41 -61.50
N ALA B 1077 4.70 -1.59 -62.29
CA ALA B 1077 3.83 -2.04 -63.40
C ALA B 1077 3.61 -0.96 -64.49
N ILE B 1078 3.21 -1.37 -65.70
CA ILE B 1078 2.96 -0.47 -66.81
C ILE B 1078 1.61 -0.85 -67.42
N CYS B 1079 0.87 0.18 -67.82
CA CYS B 1079 -0.49 0.01 -68.32
C CYS B 1079 -0.51 0.42 -69.80
N HIS B 1080 -0.40 -0.58 -70.67
CA HIS B 1080 -0.37 -0.35 -72.11
C HIS B 1080 -1.79 -0.32 -72.64
N ASP B 1081 -2.15 0.76 -73.34
CA ASP B 1081 -3.50 0.94 -73.92
C ASP B 1081 -4.70 0.45 -73.09
N GLY B 1082 -4.62 0.66 -71.78
CA GLY B 1082 -5.68 0.32 -70.81
C GLY B 1082 -5.57 -1.06 -70.13
N LYS B 1083 -4.50 -1.81 -70.38
CA LYS B 1083 -4.16 -3.07 -69.69
C LYS B 1083 -2.88 -2.89 -68.87
N ALA B 1084 -2.91 -3.27 -67.59
CA ALA B 1084 -1.74 -3.22 -66.72
C ALA B 1084 -0.90 -4.49 -66.88
N HIS B 1085 0.40 -4.34 -67.10
CA HIS B 1085 1.39 -5.40 -67.21
C HIS B 1085 2.38 -5.30 -66.07
N PHE B 1086 2.70 -6.40 -65.39
CA PHE B 1086 3.63 -6.41 -64.25
C PHE B 1086 4.45 -7.69 -64.14
N PRO B 1087 5.64 -7.66 -63.55
CA PRO B 1087 6.54 -8.82 -63.47
C PRO B 1087 5.99 -10.07 -62.79
N ARG B 1088 6.82 -11.10 -62.98
CA ARG B 1088 6.72 -12.37 -62.33
C ARG B 1088 8.14 -12.52 -61.70
N GLU B 1089 8.27 -12.44 -60.38
CA GLU B 1089 9.55 -12.64 -59.68
C GLU B 1089 10.68 -11.68 -60.15
N GLY B 1090 10.42 -10.38 -60.23
CA GLY B 1090 11.41 -9.37 -60.64
C GLY B 1090 10.88 -7.94 -60.55
N VAL B 1091 11.58 -6.98 -61.15
CA VAL B 1091 11.11 -5.59 -61.40
C VAL B 1091 11.38 -5.15 -62.84
N PHE B 1092 10.60 -4.22 -63.40
CA PHE B 1092 10.93 -3.58 -64.68
C PHE B 1092 12.14 -2.62 -64.56
N VAL B 1093 13.36 -3.14 -64.68
CA VAL B 1093 14.56 -2.31 -64.82
C VAL B 1093 14.49 -1.52 -66.11
N SER B 1094 14.77 -0.22 -66.02
CA SER B 1094 14.58 0.67 -67.15
C SER B 1094 15.85 1.13 -67.83
N ASN B 1095 15.99 0.61 -69.03
CA ASN B 1095 17.06 0.91 -69.96
C ASN B 1095 16.61 2.19 -70.72
N GLY B 1096 17.52 2.89 -71.39
CA GLY B 1096 17.16 4.14 -72.05
C GLY B 1096 16.00 4.00 -73.02
N THR B 1097 15.76 2.79 -73.55
CA THR B 1097 14.85 2.58 -74.69
C THR B 1097 13.90 1.39 -74.51
N HIS B 1098 14.14 0.50 -73.54
CA HIS B 1098 13.39 -0.75 -73.34
C HIS B 1098 13.16 -1.09 -71.86
N TRP B 1099 12.13 -1.91 -71.62
CA TRP B 1099 11.81 -2.48 -70.31
C TRP B 1099 12.33 -3.92 -70.24
N PHE B 1100 13.05 -4.26 -69.18
CA PHE B 1100 13.51 -5.62 -68.91
C PHE B 1100 13.08 -6.06 -67.51
N VAL B 1101 12.64 -7.30 -67.32
CA VAL B 1101 12.34 -7.84 -66.00
C VAL B 1101 13.62 -8.35 -65.36
N THR B 1102 14.32 -7.48 -64.63
CA THR B 1102 15.46 -7.90 -63.80
C THR B 1102 14.97 -8.61 -62.53
N GLN B 1103 15.77 -9.54 -62.03
CA GLN B 1103 15.57 -10.12 -60.70
C GLN B 1103 15.78 -9.02 -59.65
N ARG B 1104 14.85 -8.81 -58.72
CA ARG B 1104 14.97 -7.70 -57.74
C ARG B 1104 16.34 -7.48 -57.06
N ASN B 1105 16.94 -8.58 -56.68
CA ASN B 1105 18.23 -8.62 -55.98
C ASN B 1105 19.48 -8.66 -56.87
N PHE B 1106 19.39 -8.43 -58.19
CA PHE B 1106 20.56 -8.37 -59.08
C PHE B 1106 20.27 -7.66 -60.41
N TYR B 1107 21.19 -6.88 -60.96
CA TYR B 1107 21.07 -6.36 -62.34
C TYR B 1107 21.47 -7.40 -63.40
N GLU B 1108 20.46 -8.02 -64.02
CA GLU B 1108 20.57 -9.02 -65.08
C GLU B 1108 19.29 -8.98 -65.94
N PRO B 1109 19.21 -8.10 -66.94
CA PRO B 1109 17.97 -7.86 -67.66
C PRO B 1109 17.52 -9.05 -68.52
N GLN B 1110 16.21 -9.25 -68.62
CA GLN B 1110 15.55 -10.18 -69.53
C GLN B 1110 14.31 -9.52 -70.16
N ILE B 1111 14.00 -9.84 -71.42
CA ILE B 1111 12.97 -9.17 -72.23
C ILE B 1111 11.56 -9.40 -71.64
N ILE B 1112 10.63 -8.44 -71.77
CA ILE B 1112 9.22 -8.68 -71.46
C ILE B 1112 8.67 -9.77 -72.40
N THR B 1113 8.13 -10.83 -71.79
CA THR B 1113 7.39 -11.91 -72.45
C THR B 1113 6.21 -12.29 -71.56
N THR B 1114 5.21 -13.00 -72.10
CA THR B 1114 4.07 -13.50 -71.28
C THR B 1114 4.51 -14.56 -70.25
N ASP B 1115 5.76 -15.04 -70.31
CA ASP B 1115 6.37 -15.90 -69.29
C ASP B 1115 7.22 -15.13 -68.24
N ASN B 1116 7.56 -13.87 -68.48
CA ASN B 1116 8.20 -12.95 -67.52
C ASN B 1116 7.20 -11.99 -66.85
N THR B 1117 5.97 -11.88 -67.33
CA THR B 1117 4.97 -10.93 -66.81
C THR B 1117 3.59 -11.56 -66.65
N PHE B 1118 2.78 -10.97 -65.78
CA PHE B 1118 1.34 -11.14 -65.73
C PHE B 1118 0.67 -9.94 -66.40
N VAL B 1119 -0.63 -10.08 -66.69
CA VAL B 1119 -1.44 -9.08 -67.40
C VAL B 1119 -2.80 -8.94 -66.74
N SER B 1120 -3.40 -7.76 -66.86
CA SER B 1120 -4.63 -7.36 -66.18
C SER B 1120 -5.70 -6.83 -67.16
N GLY B 1121 -6.67 -6.11 -66.61
CA GLY B 1121 -7.75 -5.54 -67.40
C GLY B 1121 -8.34 -4.27 -66.80
N ASN B 1122 -8.55 -3.30 -67.70
CA ASN B 1122 -9.16 -1.98 -67.46
C ASN B 1122 -8.30 -0.87 -66.84
N CYS B 1123 -7.03 -1.16 -66.55
CA CYS B 1123 -6.04 -0.21 -66.00
C CYS B 1123 -6.31 0.51 -64.65
N ASP B 1124 -7.09 -0.09 -63.76
CA ASP B 1124 -7.39 0.52 -62.44
C ASP B 1124 -6.57 0.06 -61.22
N VAL B 1125 -6.27 0.99 -60.30
CA VAL B 1125 -5.54 0.60 -59.09
C VAL B 1125 -6.54 0.37 -57.97
N VAL B 1126 -6.48 -0.79 -57.33
CA VAL B 1126 -7.15 -1.02 -56.04
C VAL B 1126 -6.35 -0.30 -54.96
N ILE B 1127 -6.98 0.46 -54.07
CA ILE B 1127 -6.29 1.10 -52.93
C ILE B 1127 -6.74 0.41 -51.63
N GLY B 1128 -5.77 -0.13 -50.90
CA GLY B 1128 -5.94 -0.73 -49.58
C GLY B 1128 -5.38 0.16 -48.47
N ILE B 1129 -5.93 0.02 -47.27
CA ILE B 1129 -5.47 0.71 -46.06
C ILE B 1129 -5.29 -0.31 -44.92
N VAL B 1130 -4.14 -0.25 -44.27
CA VAL B 1130 -3.81 -1.06 -43.09
C VAL B 1130 -3.32 -0.11 -42.02
N ASN B 1131 -3.87 -0.23 -40.83
CA ASN B 1131 -3.49 0.59 -39.70
C ASN B 1131 -3.27 -0.31 -38.48
N ASN B 1132 -2.01 -0.62 -38.20
CA ASN B 1132 -1.64 -1.50 -37.11
C ASN B 1132 -1.67 -0.75 -35.78
N THR B 1133 -2.88 -0.54 -35.27
CA THR B 1133 -3.14 -0.09 -33.90
C THR B 1133 -2.62 -1.15 -32.93
N VAL B 1134 -1.40 -1.00 -32.41
CA VAL B 1134 -1.05 -1.64 -31.14
C VAL B 1134 -2.03 -1.14 -30.09
N TYR B 1135 -2.38 -2.59 -26.83
CA TYR B 1135 -3.57 -2.33 -26.03
C TYR B 1135 -3.42 -1.08 -25.17
N ASP B 1136 -4.37 -0.15 -25.27
CA ASP B 1136 -4.41 1.02 -24.38
C ASP B 1136 -5.41 0.75 -23.26
N PRO B 1137 -4.95 0.52 -22.03
CA PRO B 1137 -5.78 -0.01 -20.97
C PRO B 1137 -6.80 0.99 -20.41
N LEU B 1138 -7.83 0.45 -19.78
CA LEU B 1138 -8.71 1.18 -18.85
C LEU B 1138 -7.89 1.59 -17.62
N GLN B 1139 -7.26 2.76 -17.63
CA GLN B 1139 -6.48 3.24 -16.49
C GLN B 1139 -7.39 3.67 -15.33
N PRO B 1140 -6.98 3.46 -14.07
CA PRO B 1140 -7.82 3.58 -12.89
C PRO B 1140 -8.07 5.03 -12.45
N GLU B 1141 -8.95 5.73 -13.16
CA GLU B 1141 -9.37 7.08 -12.82
C GLU B 1141 -10.32 7.12 -11.61
N LEU B 1142 -10.08 8.09 -10.74
CA LEU B 1142 -10.61 8.25 -9.39
C LEU B 1142 -11.33 9.60 -9.21
N ASP B 1143 -12.27 9.68 -8.27
CA ASP B 1143 -12.82 10.96 -7.82
C ASP B 1143 -11.73 11.88 -7.23
N SER B 1144 -12.03 13.14 -6.93
CA SER B 1144 -11.14 13.90 -6.03
C SER B 1144 -11.16 13.27 -4.63
N PHE B 1145 -10.08 13.41 -3.88
CA PHE B 1145 -9.93 12.75 -2.57
C PHE B 1145 -11.04 13.15 -1.58
N LYS B 1146 -11.50 14.41 -1.63
CA LYS B 1146 -12.59 14.93 -0.79
C LYS B 1146 -13.88 14.12 -0.94
N GLU B 1147 -14.28 13.73 -2.15
CA GLU B 1147 -15.46 12.90 -2.38
C GLU B 1147 -15.27 11.48 -1.84
N GLU B 1148 -14.11 10.86 -2.06
CA GLU B 1148 -13.89 9.46 -1.63
C GLU B 1148 -13.59 9.36 -0.13
N LEU B 1149 -13.16 10.46 0.51
CA LEU B 1149 -13.03 10.61 1.96
C LEU B 1149 -14.39 10.83 2.62
N ASP B 1150 -15.12 11.88 2.22
CA ASP B 1150 -16.40 12.29 2.79
C ASP B 1150 -17.47 11.21 2.73
N LYS B 1151 -17.34 10.23 1.84
CA LYS B 1151 -18.24 9.07 1.77
C LYS B 1151 -18.33 8.31 3.09
N TYR B 1152 -17.21 8.22 3.84
CA TYR B 1152 -17.11 7.45 5.09
C TYR B 1152 -16.48 8.18 6.27
N PHE B 1153 -16.44 10.76 7.29
CA PHE B 1153 -15.73 11.47 8.36
C PHE B 1153 -16.60 12.23 9.38
N LYS B 1154 -16.29 12.05 10.66
CA LYS B 1154 -16.98 12.74 11.75
C LYS B 1154 -16.03 13.66 12.50
N ASN B 1155 -16.32 14.96 12.49
CA ASN B 1155 -15.49 16.02 13.07
C ASN B 1155 -15.85 16.25 14.55
N HIS B 1156 -15.93 15.16 15.32
CA HIS B 1156 -16.32 15.18 16.74
C HIS B 1156 -15.25 15.87 17.59
N THR B 1157 -15.62 16.98 18.23
CA THR B 1157 -14.76 17.67 19.19
C THR B 1157 -15.35 17.50 20.60
N SER B 1158 -14.58 16.91 21.50
CA SER B 1158 -14.95 16.74 22.89
C SER B 1158 -14.93 18.09 23.62
N PRO B 1159 -15.91 18.37 24.50
CA PRO B 1159 -16.02 19.67 25.15
C PRO B 1159 -14.90 19.93 26.19
N ASP B 1160 -14.56 21.21 26.35
CA ASP B 1160 -13.64 21.74 27.36
C ASP B 1160 -14.10 21.32 28.76
N VAL B 1161 -13.29 20.54 29.47
CA VAL B 1161 -13.69 19.99 30.77
C VAL B 1161 -13.75 21.09 31.83
N ASP B 1162 -14.94 21.28 32.40
CA ASP B 1162 -15.18 22.07 33.59
C ASP B 1162 -15.62 21.17 34.74
N LEU B 1163 -15.11 21.45 35.92
CA LEU B 1163 -15.38 20.75 37.17
C LEU B 1163 -15.45 21.76 38.35
N GLY B 1164 -15.97 21.31 39.49
CA GLY B 1164 -16.27 22.09 40.70
C GLY B 1164 -15.16 23.05 41.14
N ASP B 1165 -15.56 24.30 41.40
CA ASP B 1165 -14.74 25.48 41.65
C ASP B 1165 -14.78 25.88 43.13
N ILE B 1166 -14.07 25.13 43.96
CA ILE B 1166 -14.15 25.19 45.43
C ILE B 1166 -13.73 26.53 46.05
N SER B 1167 -13.17 27.46 45.28
CA SER B 1167 -12.87 28.83 45.71
C SER B 1167 -14.12 29.70 46.00
N GLY B 1168 -15.33 29.26 45.61
CA GLY B 1168 -16.57 30.02 45.85
C GLY B 1168 -17.25 29.72 47.19
N ILE B 1169 -16.73 28.80 47.98
CA ILE B 1169 -17.31 28.32 49.24
C ILE B 1169 -16.95 29.30 50.37
N ASN B 1170 -16.38 30.46 50.07
CA ASN B 1170 -16.03 31.42 51.16
C ASN B 1170 -16.97 32.64 51.11
N GLN B 1177 -10.21 35.70 72.16
CA GLN B 1177 -9.22 35.77 73.24
C GLN B 1177 -9.66 36.70 74.38
N LYS B 1178 -10.42 37.77 74.07
CA LYS B 1178 -10.88 38.77 75.05
C LYS B 1178 -11.62 38.16 76.24
N GLU B 1179 -12.46 37.16 76.04
CA GLU B 1179 -13.14 36.49 77.15
C GLU B 1179 -12.17 35.65 78.00
N ILE B 1180 -11.14 35.05 77.40
CA ILE B 1180 -10.09 34.34 78.17
C ILE B 1180 -9.21 35.34 78.93
N ASP B 1181 -8.95 36.52 78.37
CA ASP B 1181 -8.29 37.64 79.07
C ASP B 1181 -9.10 38.10 80.30
N ARG B 1182 -10.41 38.27 80.13
CA ARG B 1182 -11.30 38.67 81.23
C ARG B 1182 -11.33 37.58 82.31
N LEU B 1183 -11.57 36.33 81.91
CA LEU B 1183 -11.60 35.22 82.88
C LEU B 1183 -10.27 35.06 83.63
N ASN B 1184 -9.10 35.30 83.02
CA ASN B 1184 -7.83 35.35 83.74
C ASN B 1184 -7.77 36.56 84.69
N GLU B 1185 -8.25 37.72 84.24
CA GLU B 1185 -8.32 38.94 85.06
C GLU B 1185 -9.23 38.77 86.29
N VAL B 1186 -10.46 38.26 86.16
CA VAL B 1186 -11.34 38.05 87.33
C VAL B 1186 -10.94 36.85 88.18
N ALA B 1187 -10.15 35.89 87.68
CA ALA B 1187 -9.60 34.85 88.56
C ALA B 1187 -8.66 35.48 89.60
N LYS B 1188 -7.87 36.49 89.21
CA LYS B 1188 -7.13 37.33 90.15
C LYS B 1188 -8.05 38.29 90.92
N ASN B 1189 -8.77 39.17 90.21
CA ASN B 1189 -9.58 40.23 90.82
C ASN B 1189 -10.80 39.78 91.63
N LEU B 1190 -11.13 38.49 91.68
CA LEU B 1190 -12.13 37.96 92.63
C LEU B 1190 -11.56 37.81 94.05
N ASN B 1191 -10.23 37.75 94.24
CA ASN B 1191 -9.60 37.80 95.56
C ASN B 1191 -9.80 39.14 96.29
N GLU B 1192 -10.05 40.21 95.54
CA GLU B 1192 -10.46 41.52 96.08
C GLU B 1192 -11.85 41.50 96.72
N SER B 1193 -12.58 40.39 96.61
CA SER B 1193 -13.88 40.17 97.28
C SER B 1193 -13.88 38.92 98.16
N LEU B 1194 -12.72 38.37 98.50
CA LEU B 1194 -12.58 37.25 99.43
C LEU B 1194 -12.98 37.64 100.86
N ASN C 700 41.71 -15.51 -42.99
CA ASN C 700 40.82 -16.47 -43.70
C ASN C 700 40.08 -17.38 -42.70
N SER C 701 39.17 -16.84 -41.88
CA SER C 701 38.77 -17.49 -40.62
C SER C 701 37.89 -18.75 -40.80
N VAL C 702 36.65 -18.58 -41.28
CA VAL C 702 35.67 -19.69 -41.35
C VAL C 702 35.01 -19.85 -42.72
N ALA C 703 34.98 -18.79 -43.53
CA ALA C 703 34.34 -18.78 -44.85
C ALA C 703 34.86 -19.82 -45.85
N TYR C 704 36.05 -20.37 -45.60
CA TYR C 704 36.72 -21.37 -46.44
C TYR C 704 37.12 -22.66 -45.69
N SER C 705 36.71 -22.83 -44.43
CA SER C 705 36.94 -24.06 -43.67
C SER C 705 36.04 -25.19 -44.17
N ASN C 706 36.51 -26.42 -44.21
CA ASN C 706 35.55 -27.46 -44.57
C ASN C 706 35.30 -28.46 -43.52
N ASN C 707 34.01 -28.58 -43.34
CA ASN C 707 33.42 -29.38 -42.27
C ASN C 707 32.25 -30.22 -42.81
N SER C 708 32.00 -31.37 -42.17
CA SER C 708 30.94 -32.32 -42.54
C SER C 708 29.56 -31.75 -42.23
N ILE C 709 28.73 -31.55 -43.25
CA ILE C 709 27.37 -31.02 -43.15
C ILE C 709 26.36 -32.05 -43.62
N ALA C 710 25.32 -32.32 -42.82
CA ALA C 710 24.23 -33.18 -43.24
C ALA C 710 23.39 -32.48 -44.33
N ILE C 711 23.22 -33.18 -45.44
CA ILE C 711 22.43 -32.76 -46.60
C ILE C 711 21.41 -33.87 -46.85
N PRO C 712 20.10 -33.57 -46.96
CA PRO C 712 19.06 -34.58 -47.10
C PRO C 712 19.31 -35.55 -48.27
N THR C 713 19.47 -36.82 -47.95
CA THR C 713 19.69 -37.87 -48.94
C THR C 713 18.34 -38.29 -49.48
N ASN C 714 15.63 -39.07 -48.68
CA ASN C 714 14.30 -39.53 -49.08
C ASN C 714 13.15 -39.06 -48.20
N PHE C 715 11.93 -39.19 -48.68
CA PHE C 715 10.79 -38.68 -47.91
C PHE C 715 9.72 -39.67 -47.50
N THR C 716 9.16 -39.44 -46.32
CA THR C 716 7.91 -40.03 -45.82
C THR C 716 6.86 -38.92 -45.76
N ILE C 717 5.65 -39.23 -46.21
CA ILE C 717 4.50 -38.35 -46.05
C ILE C 717 3.97 -38.39 -44.62
N SER C 718 3.56 -37.23 -44.10
CA SER C 718 3.23 -37.02 -42.70
C SER C 718 2.16 -35.96 -42.53
N VAL C 719 1.49 -35.93 -41.38
CA VAL C 719 0.55 -34.87 -41.02
C VAL C 719 0.81 -34.38 -39.62
N THR C 720 0.60 -33.09 -39.38
CA THR C 720 0.74 -32.49 -38.05
C THR C 720 -0.63 -31.99 -37.60
N THR C 721 -0.94 -32.14 -36.31
CA THR C 721 -1.99 -31.39 -35.66
C THR C 721 -1.28 -30.32 -34.81
N GLU C 722 -1.44 -29.05 -35.13
CA GLU C 722 -0.80 -27.95 -34.40
C GLU C 722 -1.86 -27.09 -33.73
N ILE C 723 -1.83 -26.96 -32.39
CA ILE C 723 -2.83 -26.20 -31.63
C ILE C 723 -2.25 -24.84 -31.22
N LEU C 724 -2.94 -23.74 -31.57
CA LEU C 724 -2.64 -22.37 -31.14
C LEU C 724 -3.84 -21.75 -30.41
N PRO C 725 -3.72 -21.27 -29.17
CA PRO C 725 -4.73 -20.42 -28.58
C PRO C 725 -4.72 -19.03 -29.23
N VAL C 726 -5.91 -18.53 -29.60
CA VAL C 726 -6.11 -17.23 -30.26
C VAL C 726 -6.88 -16.24 -29.39
N SER C 727 -7.55 -16.71 -28.33
CA SER C 727 -8.31 -15.87 -27.41
C SER C 727 -8.18 -16.40 -25.98
N MET C 728 -8.73 -14.19 -23.31
CA MET C 728 -8.68 -14.50 -21.88
C MET C 728 -10.01 -14.13 -21.24
N THR C 729 -10.64 -15.06 -20.53
CA THR C 729 -11.86 -14.76 -19.77
C THR C 729 -11.58 -13.77 -18.64
N LYS C 730 -12.53 -12.85 -18.39
CA LYS C 730 -12.33 -11.71 -17.49
C LYS C 730 -12.48 -12.11 -16.03
N THR C 731 -11.36 -12.48 -15.42
CA THR C 731 -11.23 -12.91 -14.03
C THR C 731 -11.37 -11.75 -13.04
N SER C 732 -12.49 -11.02 -13.07
CA SER C 732 -12.82 -9.98 -12.09
C SER C 732 -12.77 -10.52 -10.66
N VAL C 733 -12.37 -9.68 -9.70
CA VAL C 733 -12.11 -10.09 -8.32
C VAL C 733 -12.93 -9.24 -7.35
N ASP C 734 -13.59 -9.91 -6.41
CA ASP C 734 -14.32 -9.22 -5.37
C ASP C 734 -13.21 -8.91 -4.37
N CYS C 735 -13.03 -7.67 -4.02
CA CYS C 735 -11.85 -7.37 -3.22
C CYS C 735 -11.99 -7.63 -1.74
N THR C 736 -13.22 -7.63 -1.28
CA THR C 736 -13.46 -8.05 0.10
C THR C 736 -13.10 -9.51 0.32
N MET C 737 -13.74 -10.40 -0.43
CA MET C 737 -13.49 -11.84 -0.30
C MET C 737 -12.02 -12.21 -0.54
N TYR C 738 -11.29 -11.53 -1.43
CA TYR C 738 -9.86 -11.79 -1.63
C TYR C 738 -9.04 -11.44 -0.38
N ILE C 739 -9.10 -10.19 0.07
CA ILE C 739 -8.27 -9.68 1.16
C ILE C 739 -8.76 -10.17 2.51
N CYS C 740 -9.98 -9.79 2.90
CA CYS C 740 -10.50 -10.12 4.24
C CYS C 740 -11.28 -11.42 4.37
N GLY C 741 -12.06 -11.78 3.36
CA GLY C 741 -12.84 -13.00 3.41
C GLY C 741 -14.09 -12.87 4.26
N ASP C 742 -14.25 -13.74 5.25
CA ASP C 742 -15.43 -13.70 6.12
C ASP C 742 -15.32 -12.67 7.27
N SER C 743 -14.10 -12.25 7.60
CA SER C 743 -13.81 -11.57 8.87
C SER C 743 -14.30 -10.12 8.88
N THR C 744 -15.32 -9.88 9.70
CA THR C 744 -16.18 -8.69 9.59
C THR C 744 -15.49 -7.40 10.02
N GLU C 745 -14.62 -7.43 11.02
CA GLU C 745 -13.91 -6.22 11.46
C GLU C 745 -13.02 -5.63 10.36
N CYS C 746 -12.30 -6.47 9.62
CA CYS C 746 -11.48 -5.94 8.50
C CYS C 746 -12.34 -5.58 7.28
N SER C 747 -13.46 -6.29 7.12
CA SER C 747 -14.37 -6.03 6.01
C SER C 747 -14.84 -4.58 6.14
N ASN C 748 -15.41 -4.26 7.29
CA ASN C 748 -15.88 -2.91 7.57
C ASN C 748 -14.77 -1.87 7.41
N LEU C 749 -13.51 -2.21 7.69
CA LEU C 749 -12.39 -1.33 7.38
C LEU C 749 -12.17 -1.11 5.89
N LEU C 750 -12.39 -2.12 5.06
CA LEU C 750 -12.22 -2.03 3.60
C LEU C 750 -13.01 -0.85 2.99
N LEU C 751 -14.21 -0.52 3.46
CA LEU C 751 -14.99 0.62 2.94
C LEU C 751 -14.24 1.96 3.00
N GLN C 752 -13.42 2.18 4.01
CA GLN C 752 -12.63 3.39 4.12
C GLN C 752 -11.37 3.40 3.25
N TYR C 753 -10.96 2.27 2.65
CA TYR C 753 -9.93 2.24 1.59
C TYR C 753 -10.48 2.73 0.24
N GLY C 754 -11.75 3.11 0.19
CA GLY C 754 -12.37 3.68 -1.01
C GLY C 754 -12.73 2.63 -2.05
N SER C 755 -13.04 3.08 -3.25
CA SER C 755 -13.43 2.16 -4.34
C SER C 755 -12.25 1.59 -5.11
N PHE C 756 -11.17 1.30 -4.40
CA PHE C 756 -9.95 0.78 -5.03
C PHE C 756 -10.17 -0.55 -5.76
N CYS C 757 -11.12 -1.33 -5.24
CA CYS C 757 -11.50 -2.61 -5.79
C CYS C 757 -12.01 -2.45 -7.21
N THR C 758 -12.81 -1.42 -7.42
CA THR C 758 -13.43 -1.12 -8.73
C THR C 758 -12.31 -0.81 -9.71
N GLN C 759 -11.43 0.09 -9.27
CA GLN C 759 -10.23 0.52 -9.99
C GLN C 759 -9.36 -0.65 -10.49
N LEU C 760 -9.16 -1.68 -9.68
CA LEU C 760 -8.52 -2.93 -10.08
C LEU C 760 -9.39 -3.72 -11.06
N ASN C 761 -10.72 -3.66 -10.92
CA ASN C 761 -11.62 -4.32 -11.85
C ASN C 761 -11.79 -3.60 -13.19
N ARG C 762 -11.56 -2.27 -13.28
CA ARG C 762 -11.44 -1.59 -14.58
C ARG C 762 -10.31 -2.21 -15.39
N ALA C 763 -9.19 -2.53 -14.74
CA ALA C 763 -8.06 -3.15 -15.39
C ALA C 763 -8.39 -4.56 -15.88
N LEU C 764 -8.76 -5.47 -14.96
CA LEU C 764 -9.03 -6.88 -15.26
C LEU C 764 -10.27 -7.11 -16.13
N THR C 765 -11.31 -6.28 -16.07
CA THR C 765 -12.50 -6.37 -16.95
C THR C 765 -12.23 -5.84 -18.37
N GLY C 766 -11.20 -5.01 -18.54
CA GLY C 766 -10.63 -4.66 -19.84
C GLY C 766 -9.72 -5.76 -20.36
N ILE C 767 -8.51 -5.36 -20.77
CA ILE C 767 -7.33 -6.18 -21.04
C ILE C 767 -7.63 -7.46 -21.83
N THR C 909 -19.44 47.87 120.81
CA THR C 909 -19.57 46.59 120.09
C THR C 909 -20.63 46.65 118.99
N GLN C 910 -21.78 47.28 119.26
CA GLN C 910 -22.91 47.34 118.34
C GLN C 910 -22.55 48.06 117.03
N ASN C 911 -21.71 49.10 117.13
CA ASN C 911 -21.16 49.84 116.01
C ASN C 911 -20.26 48.99 115.09
N VAL C 912 -19.22 48.33 115.62
CA VAL C 912 -18.32 47.50 114.79
C VAL C 912 -19.00 46.26 114.21
N LEU C 913 -19.98 45.68 114.90
CA LEU C 913 -20.78 44.57 114.37
C LEU C 913 -21.65 45.02 113.18
N TYR C 914 -22.14 46.26 113.21
CA TYR C 914 -22.91 46.88 112.13
C TYR C 914 -22.01 47.35 110.97
N GLU C 915 -20.83 47.91 111.23
CA GLU C 915 -19.88 48.25 110.16
C GLU C 915 -19.33 46.98 109.47
N ASN C 916 -19.16 45.86 110.17
CA ASN C 916 -18.94 44.55 109.55
C ASN C 916 -20.16 44.09 108.73
N GLN C 917 -21.39 44.46 109.11
CA GLN C 917 -22.61 44.19 108.34
C GLN C 917 -22.66 45.01 107.04
N LYS C 918 -22.26 46.28 107.09
CA LYS C 918 -22.02 47.12 105.89
C LYS C 918 -20.91 46.54 104.99
N LEU C 919 -19.79 46.15 105.59
CA LEU C 919 -18.61 45.58 104.92
C LEU C 919 -18.98 44.34 104.10
N ILE C 920 -19.52 43.30 104.73
CA ILE C 920 -19.72 42.01 104.05
C ILE C 920 -20.76 42.11 102.94
N ALA C 921 -21.81 42.91 103.14
CA ALA C 921 -22.80 43.22 102.12
C ALA C 921 -22.21 44.01 100.95
N ASN C 922 -21.29 44.96 101.20
CA ASN C 922 -20.59 45.70 100.15
C ASN C 922 -19.61 44.81 99.37
N GLN C 923 -18.94 43.87 100.03
CA GLN C 923 -18.13 42.85 99.35
C GLN C 923 -18.98 41.90 98.49
N PHE C 924 -20.15 41.45 98.98
CA PHE C 924 -21.07 40.58 98.24
C PHE C 924 -21.75 41.27 97.06
N ASN C 925 -22.31 42.46 97.26
CA ASN C 925 -22.98 43.25 96.23
C ASN C 925 -22.02 43.59 95.07
N SER C 926 -20.76 43.93 95.38
CA SER C 926 -19.72 44.13 94.38
C SER C 926 -19.28 42.82 93.70
N ALA C 927 -19.22 41.70 94.43
CA ALA C 927 -18.88 40.40 93.85
C ALA C 927 -19.91 39.92 92.83
N ILE C 928 -21.20 39.94 93.17
CA ILE C 928 -22.30 39.54 92.26
C ILE C 928 -22.30 40.38 90.96
N GLY C 929 -22.04 41.69 91.02
CA GLY C 929 -21.92 42.50 89.79
C GLY C 929 -20.77 42.07 88.88
N LYS C 930 -19.66 41.59 89.47
CA LYS C 930 -18.53 40.98 88.77
C LYS C 930 -18.84 39.55 88.29
N ILE C 931 -19.71 38.81 88.98
CA ILE C 931 -20.27 37.54 88.46
C ILE C 931 -21.10 37.79 87.19
N GLN C 932 -21.95 38.81 87.16
CA GLN C 932 -22.75 39.11 85.96
C GLN C 932 -21.88 39.50 84.76
N ASP C 933 -20.79 40.24 84.94
CA ASP C 933 -19.78 40.47 83.90
C ASP C 933 -19.08 39.16 83.44
N SER C 934 -18.62 38.35 84.40
CA SER C 934 -17.97 37.06 84.16
C SER C 934 -18.83 36.07 83.36
N LEU C 935 -20.13 36.07 83.64
CA LEU C 935 -21.10 35.16 83.06
C LEU C 935 -21.64 35.67 81.72
N SER C 936 -21.95 36.96 81.60
CA SER C 936 -22.42 37.57 80.34
C SER C 936 -21.35 37.51 79.24
N SER C 937 -20.09 37.77 79.59
CA SER C 937 -18.95 37.59 78.68
C SER C 937 -18.77 36.13 78.26
N THR C 938 -18.82 35.17 79.19
CA THR C 938 -18.77 33.72 78.85
C THR C 938 -19.92 33.32 77.93
N ALA C 939 -21.14 33.81 78.12
CA ALA C 939 -22.25 33.56 77.21
C ALA C 939 -22.00 34.16 75.79
N SER C 940 -21.52 35.39 75.72
CA SER C 940 -21.17 36.06 74.45
C SER C 940 -19.98 35.38 73.73
N ALA C 941 -19.04 34.80 74.47
CA ALA C 941 -17.99 33.95 73.91
C ALA C 941 -18.52 32.60 73.44
N LEU C 942 -19.15 31.82 74.32
CA LEU C 942 -19.61 30.46 74.00
C LEU C 942 -20.69 30.47 72.90
N GLY C 943 -21.46 31.54 72.78
CA GLY C 943 -22.36 31.79 71.65
C GLY C 943 -21.69 32.17 70.33
N LYS C 944 -20.46 32.71 70.33
CA LYS C 944 -19.62 32.89 69.12
C LYS C 944 -18.90 31.59 68.72
N LEU C 945 -18.55 30.73 69.69
CA LEU C 945 -17.99 29.39 69.43
C LEU C 945 -19.03 28.46 68.80
N GLN C 946 -20.26 28.41 69.33
CA GLN C 946 -21.36 27.62 68.77
C GLN C 946 -21.84 28.12 67.40
N ASP C 947 -21.65 29.41 67.09
CA ASP C 947 -21.89 29.99 65.76
C ASP C 947 -20.85 29.48 64.76
N VAL C 948 -19.57 29.76 65.03
CA VAL C 948 -18.46 29.41 64.14
C VAL C 948 -18.31 27.90 63.95
N VAL C 949 -18.51 27.06 64.98
CA VAL C 949 -18.47 25.59 64.79
C VAL C 949 -19.57 25.08 63.86
N ASN C 950 -20.79 25.65 63.89
CA ASN C 950 -21.86 25.24 62.98
C ASN C 950 -21.69 25.83 61.57
N GLN C 951 -21.04 26.99 61.43
CA GLN C 951 -20.58 27.54 60.14
C GLN C 951 -19.47 26.68 59.49
N ASN C 952 -18.58 26.09 60.29
CA ASN C 952 -17.65 25.05 59.84
C ASN C 952 -18.37 23.77 59.40
N ALA C 953 -19.37 23.28 60.15
CA ALA C 953 -20.14 22.11 59.78
C ALA C 953 -20.89 22.32 58.46
N GLN C 954 -21.43 23.52 58.24
CA GLN C 954 -21.99 23.94 56.95
C GLN C 954 -20.93 23.93 55.83
N ALA C 955 -19.76 24.50 56.05
CA ALA C 955 -18.69 24.52 55.04
C ALA C 955 -18.23 23.12 54.61
N LEU C 956 -18.09 22.18 55.54
CA LEU C 956 -17.70 20.80 55.21
C LEU C 956 -18.80 20.03 54.48
N ASN C 957 -20.08 20.23 54.80
CA ASN C 957 -21.14 19.63 53.99
C ASN C 957 -21.24 20.28 52.60
N THR C 958 -20.88 21.55 52.45
CA THR C 958 -20.74 22.20 51.13
C THR C 958 -19.58 21.58 50.34
N LEU C 959 -18.42 21.41 50.97
CA LEU C 959 -17.26 20.75 50.38
C LEU C 959 -17.59 19.33 49.95
N VAL C 960 -18.21 18.50 50.79
CA VAL C 960 -18.53 17.11 50.42
C VAL C 960 -19.50 17.03 49.24
N LYS C 961 -20.49 17.91 49.14
CA LYS C 961 -21.41 17.92 47.98
C LYS C 961 -20.71 18.38 46.68
N GLN C 962 -19.80 19.35 46.75
CA GLN C 962 -18.99 19.75 45.59
C GLN C 962 -17.94 18.70 45.19
N LEU C 963 -17.28 18.03 46.13
CA LEU C 963 -16.31 16.98 45.83
C LEU C 963 -16.97 15.68 45.36
N SER C 964 -18.15 15.33 45.88
CA SER C 964 -18.98 14.27 45.29
C SER C 964 -19.27 14.57 43.82
N SER C 965 -19.48 15.85 43.46
CA SER C 965 -19.59 16.23 42.05
C SER C 965 -18.30 15.98 41.29
N ASN C 966 -17.12 16.36 41.80
CA ASN C 966 -15.85 16.16 41.11
C ASN C 966 -15.45 14.71 40.92
N PHE C 967 -15.53 13.87 41.94
CA PHE C 967 -15.23 12.45 41.77
C PHE C 967 -16.32 11.72 40.96
N GLY C 968 -17.55 12.22 40.91
CA GLY C 968 -18.59 11.74 39.98
C GLY C 968 -18.38 12.19 38.53
N ALA C 969 -17.92 13.43 38.31
CA ALA C 969 -17.62 13.97 36.99
C ALA C 969 -16.40 13.27 36.41
N ILE C 970 -15.30 13.21 37.17
CA ILE C 970 -14.08 12.52 36.77
C ILE C 970 -14.35 11.03 36.58
N SER C 971 -15.20 10.39 37.39
CA SER C 971 -15.63 9.00 37.14
C SER C 971 -16.16 8.83 35.72
N SER C 972 -17.10 9.67 35.27
CA SER C 972 -17.70 9.53 33.94
C SER C 972 -16.75 9.93 32.79
N VAL C 973 -16.09 11.09 32.88
CA VAL C 973 -15.19 11.60 31.82
C VAL C 973 -13.95 10.74 31.65
N LEU C 974 -13.37 10.22 32.74
CA LEU C 974 -12.18 9.37 32.73
C LEU C 974 -12.54 7.92 32.38
N ASN C 975 -13.73 7.41 32.74
CA ASN C 975 -14.19 6.13 32.18
C ASN C 975 -14.34 6.21 30.67
N ASP C 976 -14.87 7.30 30.11
CA ASP C 976 -14.98 7.45 28.66
C ASP C 976 -13.61 7.53 27.97
N ILE C 977 -12.67 8.35 28.47
CA ILE C 977 -11.27 8.35 27.99
C ILE C 977 -10.67 6.92 28.03
N LEU C 978 -10.87 6.13 29.08
CA LEU C 978 -10.39 4.75 29.16
C LEU C 978 -11.06 3.84 28.11
N SER C 979 -12.39 3.89 28.01
CA SER C 979 -13.21 3.06 27.13
C SER C 979 -12.99 3.35 25.64
N ARG C 980 -12.74 4.61 25.31
CA ARG C 980 -12.49 4.99 23.92
C ARG C 980 -11.00 4.79 23.53
N LEU C 981 -10.07 4.99 24.47
CA LEU C 981 -8.67 4.73 24.17
C LEU C 981 -8.42 3.24 23.97
N ASP C 982 -9.13 2.37 24.70
CA ASP C 982 -9.14 0.92 24.44
C ASP C 982 -9.67 0.57 23.04
N LYS C 983 -10.72 1.24 22.58
CA LYS C 983 -11.23 1.06 21.21
C LYS C 983 -10.19 1.51 20.17
N VAL C 984 -9.64 2.71 20.27
CA VAL C 984 -8.61 3.22 19.34
C VAL C 984 -7.30 2.41 19.35
N GLU C 985 -6.84 1.89 20.48
CA GLU C 985 -5.68 0.98 20.53
C GLU C 985 -5.99 -0.42 20.00
N ALA C 986 -7.26 -0.84 19.93
CA ALA C 986 -7.67 -2.05 19.21
C ALA C 986 -7.71 -1.81 17.70
N GLU C 987 -8.41 -0.76 17.26
CA GLU C 987 -8.65 -0.49 15.84
C GLU C 987 -7.34 -0.31 15.09
N VAL C 988 -5.19 -0.14 14.07
CA VAL C 988 -3.87 0.12 13.45
C VAL C 988 -3.07 -1.16 13.15
N GLN C 989 -3.34 -2.29 13.83
CA GLN C 989 -2.77 -3.61 13.53
C GLN C 989 -3.54 -4.39 12.44
N ILE C 990 -4.85 -4.19 12.33
CA ILE C 990 -5.68 -4.82 11.31
C ILE C 990 -5.48 -4.10 9.97
N ASP C 991 -5.33 -2.77 9.98
CA ASP C 991 -4.92 -1.97 8.81
C ASP C 991 -3.53 -2.37 8.30
N ARG C 992 -2.66 -2.82 9.19
CA ARG C 992 -1.33 -3.21 8.78
C ARG C 992 -1.44 -4.42 7.87
N LEU C 993 -2.14 -5.44 8.33
CA LEU C 993 -2.36 -6.67 7.60
C LEU C 993 -3.22 -6.46 6.36
N ILE C 994 -4.24 -5.60 6.37
CA ILE C 994 -4.95 -5.25 5.12
C ILE C 994 -3.98 -4.68 4.10
N THR C 995 -3.12 -3.73 4.48
CA THR C 995 -2.14 -3.10 3.58
C THR C 995 -1.08 -4.06 3.01
N GLY C 996 -0.67 -5.11 3.72
CA GLY C 996 0.14 -6.19 3.14
C GLY C 996 -0.63 -7.21 2.30
N ARG C 997 -1.93 -7.29 2.51
CA ARG C 997 -2.74 -8.09 1.61
C ARG C 997 -3.08 -7.27 0.34
N LEU C 998 -3.12 -5.93 0.44
CA LEU C 998 -3.27 -5.11 -0.75
C LEU C 998 -2.15 -5.43 -1.74
N GLN C 999 -0.90 -5.59 -1.30
CA GLN C 999 0.21 -5.91 -2.19
C GLN C 999 0.08 -7.29 -2.82
N SER C 1000 -0.47 -8.25 -2.09
CA SER C 1000 -0.75 -9.58 -2.62
C SER C 1000 -1.82 -9.52 -3.70
N LEU C 1001 -2.88 -8.74 -3.52
CA LEU C 1001 -3.86 -8.48 -4.56
C LEU C 1001 -3.29 -7.61 -5.73
N GLN C 1002 -2.34 -6.71 -5.51
CA GLN C 1002 -1.66 -5.97 -6.56
C GLN C 1002 -0.66 -6.83 -7.36
N THR C 1003 -0.03 -7.82 -6.74
CA THR C 1003 0.69 -8.89 -7.44
C THR C 1003 -0.25 -9.78 -8.23
N TYR C 1004 -1.43 -10.09 -7.71
CA TYR C 1004 -2.47 -10.77 -8.46
C TYR C 1004 -2.85 -9.97 -9.69
N VAL C 1005 -3.21 -8.70 -9.55
CA VAL C 1005 -3.61 -7.83 -10.67
C VAL C 1005 -2.49 -7.64 -11.68
N THR C 1006 -1.25 -7.46 -11.25
CA THR C 1006 -0.11 -7.35 -12.17
C THR C 1006 0.10 -8.64 -12.97
N GLN C 1007 0.19 -9.82 -12.35
CA GLN C 1007 0.33 -11.10 -13.06
C GLN C 1007 -0.88 -11.45 -13.94
N GLN C 1008 -2.07 -10.95 -13.66
CA GLN C 1008 -3.26 -11.10 -14.49
C GLN C 1008 -3.31 -10.11 -15.65
N LEU C 1009 -2.68 -8.93 -15.55
CA LEU C 1009 -2.48 -8.00 -16.68
C LEU C 1009 -1.30 -8.42 -17.55
N ILE C 1010 -0.21 -8.88 -16.95
CA ILE C 1010 0.96 -9.42 -17.63
C ILE C 1010 0.51 -10.54 -18.56
N ARG C 1011 -0.24 -11.53 -18.06
CA ARG C 1011 -0.73 -12.66 -18.86
C ARG C 1011 -1.65 -12.20 -19.98
N ALA C 1012 -2.53 -11.22 -19.75
CA ALA C 1012 -3.39 -10.69 -20.79
C ALA C 1012 -2.65 -9.91 -21.91
N ALA C 1013 -1.51 -9.30 -21.62
CA ALA C 1013 -0.62 -8.72 -22.61
C ALA C 1013 0.27 -9.75 -23.35
N GLU C 1014 0.51 -10.96 -22.80
CA GLU C 1014 0.97 -12.11 -23.58
C GLU C 1014 -0.15 -12.70 -24.45
N ILE C 1015 -1.36 -12.84 -23.93
CA ILE C 1015 -2.50 -13.31 -24.71
C ILE C 1015 -2.70 -12.44 -25.94
N ARG C 1016 -2.64 -11.10 -25.82
CA ARG C 1016 -2.81 -10.22 -26.98
C ARG C 1016 -1.65 -10.28 -27.99
N ALA C 1017 -0.46 -10.76 -27.61
CA ALA C 1017 0.60 -11.09 -28.56
C ALA C 1017 0.36 -12.46 -29.22
N SER C 1018 -0.19 -13.43 -28.49
CA SER C 1018 -0.59 -14.74 -29.04
C SER C 1018 -1.78 -14.64 -30.00
N ALA C 1019 -2.66 -13.66 -29.84
CA ALA C 1019 -3.66 -13.27 -30.82
C ALA C 1019 -3.09 -12.55 -32.07
N ASN C 1020 -1.97 -11.82 -31.95
CA ASN C 1020 -1.19 -11.40 -33.11
C ASN C 1020 -0.45 -12.57 -33.77
N LEU C 1021 0.10 -13.52 -33.02
CA LEU C 1021 0.69 -14.72 -33.60
C LEU C 1021 -0.36 -15.55 -34.33
N ALA C 1022 -1.55 -15.72 -33.77
CA ALA C 1022 -2.67 -16.36 -34.44
C ALA C 1022 -3.10 -15.60 -35.70
N ALA C 1023 -2.91 -14.29 -35.79
CA ALA C 1023 -3.25 -13.52 -37.01
C ALA C 1023 -2.25 -13.77 -38.14
N THR C 1024 -0.95 -13.63 -37.89
CA THR C 1024 0.10 -13.93 -38.89
C THR C 1024 0.11 -15.41 -39.26
N LYS C 1025 0.02 -16.32 -38.28
CA LYS C 1025 -0.01 -17.78 -38.50
C LYS C 1025 -1.30 -18.28 -39.16
N MET C 1026 -2.44 -17.59 -39.02
CA MET C 1026 -3.62 -17.82 -39.85
C MET C 1026 -3.33 -17.35 -41.27
N SER C 1027 -2.89 -16.10 -41.43
CA SER C 1027 -2.75 -15.49 -42.74
C SER C 1027 -1.77 -16.25 -43.64
N GLU C 1028 -0.55 -16.45 -43.20
CA GLU C 1028 0.53 -16.98 -44.03
C GLU C 1028 0.39 -18.46 -44.38
N CYS C 1029 -0.57 -19.17 -43.78
CA CYS C 1029 -0.63 -20.64 -43.83
C CYS C 1029 -2.03 -21.22 -44.09
N VAL C 1030 -3.08 -20.47 -43.78
CA VAL C 1030 -4.45 -20.74 -44.23
C VAL C 1030 -4.73 -19.99 -45.54
N LEU C 1031 -4.29 -18.74 -45.69
CA LEU C 1031 -4.48 -17.99 -46.95
C LEU C 1031 -3.31 -18.20 -47.93
N GLY C 1032 -2.19 -18.71 -47.45
CA GLY C 1032 -0.93 -18.87 -48.19
C GLY C 1032 -0.29 -20.24 -48.05
N GLN C 1033 1.44 -22.01 -49.79
CA GLN C 1033 2.27 -23.16 -49.46
C GLN C 1033 3.64 -22.64 -49.07
N SER C 1034 4.03 -22.84 -47.82
CA SER C 1034 5.27 -22.27 -47.30
C SER C 1034 6.51 -23.03 -47.77
N LYS C 1035 7.59 -22.29 -48.01
CA LYS C 1035 8.91 -22.85 -48.40
C LYS C 1035 9.87 -22.98 -47.19
N ARG C 1036 9.36 -22.69 -45.99
CA ARG C 1036 10.11 -22.76 -44.74
C ARG C 1036 10.07 -24.17 -44.17
N VAL C 1037 11.13 -24.57 -43.47
CA VAL C 1037 11.24 -25.93 -42.94
C VAL C 1037 10.82 -25.97 -41.47
N ASP C 1038 9.75 -26.73 -41.16
CA ASP C 1038 9.09 -26.93 -39.83
C ASP C 1038 8.05 -25.87 -39.42
N PHE C 1039 7.91 -24.80 -40.21
CA PHE C 1039 6.81 -23.86 -40.03
C PHE C 1039 5.69 -24.65 -40.74
N CYS C 1040 4.47 -24.65 -40.23
CA CYS C 1040 3.36 -25.43 -40.84
C CYS C 1040 3.69 -26.98 -40.88
N GLY C 1041 3.99 -27.57 -39.70
CA GLY C 1041 4.15 -29.00 -39.52
C GLY C 1041 5.59 -29.44 -39.70
N LYS C 1042 5.99 -30.53 -39.06
CA LYS C 1042 7.36 -31.03 -39.20
C LYS C 1042 7.68 -31.31 -40.68
N GLY C 1043 8.90 -31.02 -41.12
CA GLY C 1043 9.36 -31.23 -42.49
C GLY C 1043 9.03 -30.08 -43.44
N TYR C 1044 8.59 -30.41 -44.65
CA TYR C 1044 8.32 -29.52 -45.77
C TYR C 1044 6.85 -29.53 -46.14
N HIS C 1045 6.29 -28.36 -46.46
CA HIS C 1045 4.85 -28.18 -46.54
C HIS C 1045 4.24 -28.57 -47.90
N LEU C 1046 3.12 -29.28 -47.86
CA LEU C 1046 2.28 -29.51 -49.02
C LEU C 1046 1.02 -28.67 -48.96
N MET C 1047 0.22 -28.83 -47.91
CA MET C 1047 -1.15 -28.34 -47.89
C MET C 1047 -1.67 -28.24 -46.45
N SER C 1048 -2.71 -27.47 -46.15
CA SER C 1048 -3.28 -27.41 -44.79
C SER C 1048 -4.76 -27.12 -44.73
N PHE C 1049 -5.35 -27.52 -43.59
CA PHE C 1049 -6.77 -27.44 -43.29
C PHE C 1049 -6.95 -26.96 -41.84
N PRO C 1050 -7.42 -25.72 -41.60
CA PRO C 1050 -7.65 -25.22 -40.27
C PRO C 1050 -8.99 -25.74 -39.72
N GLN C 1051 -9.05 -25.94 -38.43
CA GLN C 1051 -10.27 -26.22 -37.70
C GLN C 1051 -10.28 -25.40 -36.41
N SER C 1052 -11.45 -24.93 -36.01
CA SER C 1052 -11.59 -24.18 -34.77
C SER C 1052 -11.53 -25.08 -33.53
N ALA C 1053 -11.27 -24.44 -32.40
CA ALA C 1053 -11.42 -24.93 -31.04
C ALA C 1053 -12.00 -23.76 -30.21
N PRO C 1054 -12.48 -23.96 -28.97
CA PRO C 1054 -13.27 -22.96 -28.24
C PRO C 1054 -12.60 -21.57 -28.12
N HIS C 1055 -11.29 -21.53 -27.93
CA HIS C 1055 -10.47 -20.31 -27.87
C HIS C 1055 -9.21 -20.41 -28.73
N GLY C 1056 -9.26 -21.22 -29.79
CA GLY C 1056 -8.07 -21.57 -30.55
C GLY C 1056 -8.33 -21.84 -32.02
N VAL C 1057 -7.24 -22.02 -32.73
CA VAL C 1057 -7.20 -22.62 -34.05
C VAL C 1057 -6.30 -23.83 -33.98
N VAL C 1058 -6.67 -24.88 -34.69
CA VAL C 1058 -5.88 -26.09 -34.84
C VAL C 1058 -5.65 -26.28 -36.32
N PHE C 1059 -4.42 -26.54 -36.72
CA PHE C 1059 -4.08 -26.80 -38.12
C PHE C 1059 -3.81 -28.28 -38.31
N LEU C 1060 -4.43 -28.86 -39.34
CA LEU C 1060 -3.97 -30.06 -39.99
C LEU C 1060 -3.01 -29.65 -41.09
N HIS C 1061 -1.71 -29.87 -40.92
CA HIS C 1061 -0.72 -29.64 -41.98
C HIS C 1061 -0.37 -30.96 -42.61
N VAL C 1062 -0.39 -31.04 -43.93
CA VAL C 1062 0.14 -32.18 -44.66
C VAL C 1062 1.51 -31.81 -45.17
N THR C 1063 2.51 -32.61 -44.83
CA THR C 1063 3.92 -32.30 -45.00
C THR C 1063 4.72 -33.57 -45.31
N TYR C 1064 5.89 -33.46 -45.91
CA TYR C 1064 6.83 -34.58 -46.02
C TYR C 1064 8.07 -34.34 -45.17
N VAL C 1065 8.49 -35.36 -44.42
CA VAL C 1065 9.72 -35.37 -43.62
C VAL C 1065 10.73 -36.30 -44.29
N PRO C 1066 12.02 -36.06 -43.92
CA PRO C 1066 13.08 -36.95 -44.37
C PRO C 1066 13.03 -38.30 -43.66
N ALA C 1067 12.57 -39.34 -44.36
CA ALA C 1067 12.56 -40.69 -43.80
C ALA C 1067 14.01 -41.10 -43.60
N GLN C 1068 14.83 -40.79 -44.60
CA GLN C 1068 16.25 -41.06 -44.54
C GLN C 1068 17.01 -39.80 -44.99
N GLU C 1069 19.98 -38.95 -44.43
CA GLU C 1069 20.83 -37.84 -44.79
C GLU C 1069 22.30 -38.24 -44.61
N LYS C 1070 23.19 -37.65 -45.39
CA LYS C 1070 24.61 -37.97 -45.40
C LYS C 1070 25.41 -36.70 -45.12
N ASN C 1071 26.47 -36.81 -44.33
CA ASN C 1071 27.42 -35.73 -44.12
C ASN C 1071 28.38 -35.67 -45.30
N PHE C 1072 28.30 -34.63 -46.10
CA PHE C 1072 29.34 -34.28 -47.06
C PHE C 1072 30.25 -33.23 -46.43
N THR C 1073 31.55 -33.33 -46.59
CA THR C 1073 32.38 -32.15 -46.37
C THR C 1073 32.00 -31.08 -47.37
N THR C 1074 32.15 -29.84 -46.98
CA THR C 1074 31.74 -28.65 -47.73
C THR C 1074 32.65 -27.48 -47.40
N ALA C 1075 32.53 -26.43 -48.20
CA ALA C 1075 32.88 -25.08 -47.81
C ALA C 1075 31.77 -24.14 -48.31
N PRO C 1076 31.48 -23.02 -47.63
CA PRO C 1076 30.53 -22.03 -48.11
C PRO C 1076 31.03 -21.31 -49.37
N ALA C 1077 32.35 -21.15 -49.46
CA ALA C 1077 33.04 -20.52 -50.60
C ALA C 1077 34.51 -20.99 -50.77
N ILE C 1078 35.07 -20.84 -51.97
CA ILE C 1078 36.45 -21.22 -52.28
C ILE C 1078 37.12 -20.05 -53.00
N CYS C 1079 38.38 -19.82 -52.66
CA CYS C 1079 39.15 -18.68 -53.16
C CYS C 1079 40.27 -19.23 -54.05
N HIS C 1080 40.02 -19.22 -55.36
CA HIS C 1080 40.98 -19.74 -56.33
C HIS C 1080 41.92 -18.60 -56.74
N ASP C 1081 43.23 -18.83 -56.60
CA ASP C 1081 44.26 -17.85 -56.95
C ASP C 1081 43.97 -16.37 -56.61
N GLY C 1082 43.35 -16.15 -55.46
CA GLY C 1082 43.03 -14.82 -54.93
C GLY C 1082 41.62 -14.26 -55.27
N LYS C 1083 40.77 -15.04 -55.93
CA LYS C 1083 39.36 -14.73 -56.19
C LYS C 1083 38.45 -15.72 -55.43
N ALA C 1084 37.48 -15.21 -54.68
CA ALA C 1084 36.51 -16.04 -53.96
C ALA C 1084 35.35 -16.41 -54.88
N HIS C 1085 35.01 -17.70 -54.95
CA HIS C 1085 33.90 -18.26 -55.71
C HIS C 1085 32.90 -18.87 -54.74
N PHE C 1086 31.61 -18.60 -54.91
CA PHE C 1086 30.56 -19.11 -54.02
C PHE C 1086 29.24 -19.40 -54.75
N PRO C 1087 28.40 -20.32 -54.26
CA PRO C 1087 27.17 -20.72 -54.93
C PRO C 1087 26.14 -19.62 -55.18
N ARG C 1088 25.16 -20.07 -55.97
CA ARG C 1088 23.94 -19.37 -56.28
C ARG C 1088 22.87 -20.43 -55.87
N GLU C 1089 22.12 -20.20 -54.79
CA GLU C 1089 21.03 -21.10 -54.37
C GLU C 1089 21.47 -22.56 -54.12
N GLY C 1090 22.54 -22.79 -53.36
CA GLY C 1090 23.06 -24.13 -53.04
C GLY C 1090 24.25 -24.10 -52.08
N VAL C 1091 24.94 -25.23 -51.93
CA VAL C 1091 26.27 -25.34 -51.26
C VAL C 1091 27.27 -26.13 -52.10
N PHE C 1092 28.57 -25.90 -51.94
CA PHE C 1092 29.61 -26.77 -52.53
C PHE C 1092 29.68 -28.13 -51.83
N VAL C 1093 28.85 -29.09 -52.25
CA VAL C 1093 28.99 -30.49 -51.82
C VAL C 1093 30.31 -31.06 -52.33
N SER C 1094 31.05 -31.71 -51.45
CA SER C 1094 32.40 -32.15 -51.76
C SER C 1094 32.55 -33.63 -51.99
N ASN C 1095 32.80 -33.92 -53.25
CA ASN C 1095 33.07 -35.25 -53.77
C ASN C 1095 34.60 -35.49 -53.55
N GLY C 1096 35.07 -36.72 -53.64
CA GLY C 1096 36.47 -37.01 -53.35
C GLY C 1096 37.43 -36.18 -54.21
N THR C 1097 36.99 -35.71 -55.38
CA THR C 1097 37.88 -35.13 -56.41
C THR C 1097 37.35 -33.82 -57.02
N HIS C 1098 36.08 -33.48 -56.83
CA HIS C 1098 35.41 -32.33 -57.46
C HIS C 1098 34.44 -31.59 -56.53
N TRP C 1099 34.18 -30.33 -56.87
CA TRP C 1099 33.17 -29.49 -56.22
C TRP C 1099 31.91 -29.45 -57.06
N PHE C 1100 30.75 -29.69 -56.44
CA PHE C 1100 29.45 -29.57 -57.09
C PHE C 1100 28.54 -28.65 -56.28
N VAL C 1101 27.75 -27.79 -56.92
CA VAL C 1101 26.75 -26.96 -56.23
C VAL C 1101 25.48 -27.78 -56.06
N THR C 1102 25.37 -28.49 -54.93
CA THR C 1102 24.10 -29.15 -54.55
C THR C 1102 23.10 -28.12 -54.02
N GLN C 1103 21.82 -28.40 -54.21
CA GLN C 1103 20.76 -27.65 -53.54
C GLN C 1103 20.84 -27.91 -52.03
N ARG C 1104 20.86 -26.89 -51.17
CA ARG C 1104 21.04 -27.09 -49.72
C ARG C 1104 20.21 -28.20 -49.05
N ASN C 1105 18.96 -28.28 -49.44
CA ASN C 1105 17.97 -29.23 -48.91
C ASN C 1105 17.91 -30.59 -49.62
N PHE C 1106 18.85 -30.95 -50.50
CA PHE C 1106 18.89 -32.28 -51.15
C PHE C 1106 20.27 -32.62 -51.74
N TYR C 1107 20.73 -33.87 -51.66
CA TYR C 1107 21.91 -34.31 -52.41
C TYR C 1107 21.62 -34.61 -53.89
N GLU C 1108 21.97 -33.67 -54.77
CA GLU C 1108 21.83 -33.74 -56.22
C GLU C 1108 22.89 -32.83 -56.87
N PRO C 1109 24.12 -33.33 -57.09
CA PRO C 1109 25.23 -32.50 -57.51
C PRO C 1109 25.06 -31.93 -58.92
N GLN C 1110 25.57 -30.71 -59.14
CA GLN C 1110 25.72 -30.06 -60.44
C GLN C 1110 27.07 -29.33 -60.53
N ILE C 1111 27.69 -29.31 -61.70
CA ILE C 1111 29.07 -28.82 -61.92
C ILE C 1111 29.19 -27.31 -61.61
N ILE C 1112 30.34 -26.84 -61.10
CA ILE C 1112 30.60 -25.39 -61.03
C ILE C 1112 30.62 -24.80 -62.44
N THR C 1113 29.76 -23.79 -62.64
CA THR C 1113 29.70 -22.95 -63.84
C THR C 1113 29.45 -21.50 -63.40
N THR C 1114 29.68 -20.51 -64.26
CA THR C 1114 29.37 -19.09 -63.96
C THR C 1114 27.85 -18.85 -63.82
N ASP C 1115 27.00 -19.83 -64.16
CA ASP C 1115 25.55 -19.81 -63.91
C ASP C 1115 25.13 -20.54 -62.60
N ASN C 1116 26.01 -21.34 -61.99
CA ASN C 1116 25.83 -21.96 -60.65
C ASN C 1116 26.55 -21.19 -59.54
N THR C 1117 27.45 -20.24 -59.85
CA THR C 1117 28.24 -19.52 -58.85
C THR C 1117 28.31 -18.03 -59.13
N PHE C 1118 28.59 -17.26 -58.09
CA PHE C 1118 29.07 -15.89 -58.16
C PHE C 1118 30.59 -15.87 -57.93
N VAL C 1119 31.21 -14.73 -58.25
CA VAL C 1119 32.66 -14.54 -58.19
C VAL C 1119 32.98 -13.18 -57.58
N SER C 1120 34.14 -13.06 -56.95
CA SER C 1120 34.57 -11.89 -56.17
C SER C 1120 35.96 -11.38 -56.60
N GLY C 1121 36.57 -10.60 -55.72
CA GLY C 1121 37.89 -10.04 -55.98
C GLY C 1121 38.70 -9.77 -54.73
N ASN C 1122 39.97 -10.15 -54.80
CA ASN C 1122 41.03 -9.97 -53.79
C ASN C 1122 41.09 -10.95 -52.60
N CYS C 1123 40.16 -11.92 -52.56
CA CYS C 1123 40.09 -12.98 -51.52
C CYS C 1123 39.95 -12.60 -50.03
N ASP C 1124 39.37 -11.45 -49.72
CA ASP C 1124 39.18 -11.02 -48.31
C ASP C 1124 37.82 -11.26 -47.65
N VAL C 1125 37.81 -11.58 -46.35
CA VAL C 1125 36.53 -11.77 -45.66
C VAL C 1125 36.17 -10.49 -44.93
N VAL C 1126 34.97 -9.97 -45.18
CA VAL C 1126 34.37 -8.95 -44.32
C VAL C 1126 33.91 -9.60 -43.02
N ILE C 1127 34.23 -9.04 -41.85
CA ILE C 1127 33.72 -9.55 -40.56
C ILE C 1127 32.70 -8.56 -39.98
N GLY C 1128 31.49 -9.05 -39.75
CA GLY C 1128 30.40 -8.33 -39.10
C GLY C 1128 30.15 -8.83 -37.68
N ILE C 1129 29.61 -7.95 -36.84
CA ILE C 1129 29.20 -8.26 -35.47
C ILE C 1129 27.78 -7.76 -35.22
N VAL C 1130 26.94 -8.64 -34.67
CA VAL C 1130 25.58 -8.34 -34.27
C VAL C 1130 25.42 -8.80 -32.84
N ASN C 1131 24.90 -7.92 -31.99
CA ASN C 1131 24.67 -8.23 -30.59
C ASN C 1131 23.26 -7.79 -30.21
N ASN C 1132 22.33 -8.75 -30.18
CA ASN C 1132 20.93 -8.48 -29.89
C ASN C 1132 20.72 -8.34 -28.38
N THR C 1133 21.11 -7.18 -27.85
CA THR C 1133 20.76 -6.70 -26.51
C THR C 1133 19.25 -6.56 -26.43
N VAL C 1134 18.52 -7.56 -25.92
CA VAL C 1134 17.20 -7.30 -25.33
C VAL C 1134 17.38 -6.30 -24.20
N TYR C 1135 14.50 -4.48 -22.47
CA TYR C 1135 14.74 -3.27 -21.69
C TYR C 1135 15.07 -3.61 -20.24
N ASP C 1136 16.19 -3.10 -19.71
CA ASP C 1136 16.52 -3.22 -18.29
C ASP C 1136 16.13 -1.90 -17.60
N PRO C 1137 15.07 -1.91 -16.78
CA PRO C 1137 14.47 -0.68 -16.28
C PRO C 1137 15.28 0.04 -15.22
N LEU C 1138 15.01 1.33 -15.06
CA LEU C 1138 15.38 2.11 -13.89
C LEU C 1138 14.60 1.57 -12.67
N GLN C 1139 15.16 0.61 -11.94
CA GLN C 1139 14.51 0.06 -10.76
C GLN C 1139 14.54 1.05 -9.58
N PRO C 1140 13.50 1.09 -8.74
CA PRO C 1140 13.28 2.14 -7.74
C PRO C 1140 14.17 1.99 -6.50
N GLU C 1141 15.44 2.36 -6.61
CA GLU C 1141 16.38 2.37 -5.48
C GLU C 1141 16.13 3.54 -4.52
N LEU C 1142 16.21 3.23 -3.23
CA LEU C 1142 15.79 4.03 -2.08
C LEU C 1142 16.94 4.26 -1.10
N ASP C 1143 16.87 5.33 -0.31
CA ASP C 1143 17.75 5.51 0.85
C ASP C 1143 17.58 4.39 1.88
N SER C 1144 18.43 4.30 2.90
CA SER C 1144 18.05 3.49 4.08
C SER C 1144 16.84 4.11 4.78
N PHE C 1145 16.03 3.30 5.45
CA PHE C 1145 14.77 3.75 6.05
C PHE C 1145 14.98 4.88 7.06
N LYS C 1146 16.08 4.85 7.83
CA LYS C 1146 16.44 5.89 8.80
C LYS C 1146 16.52 7.29 8.17
N GLU C 1147 17.13 7.44 6.99
CA GLU C 1147 17.17 8.73 6.29
C GLU C 1147 15.80 9.19 5.82
N GLU C 1148 14.98 8.29 5.25
CA GLU C 1148 13.67 8.69 4.71
C GLU C 1148 12.61 8.86 5.82
N LEU C 1149 12.84 8.28 7.01
CA LEU C 1149 12.07 8.50 8.22
C LEU C 1149 12.44 9.84 8.88
N ASP C 1150 13.71 10.02 9.22
CA ASP C 1150 14.23 11.19 9.94
C ASP C 1150 13.99 12.51 9.21
N LYS C 1151 13.74 12.48 7.90
CA LYS C 1151 13.37 13.66 7.11
C LYS C 1151 12.12 14.36 7.66
N TYR C 1152 11.15 13.60 8.18
CA TYR C 1152 9.86 14.11 8.66
C TYR C 1152 9.43 13.61 10.05
N PHE C 1153 10.46 13.09 12.06
CA PHE C 1153 10.07 12.51 13.36
C PHE C 1153 10.39 13.35 14.60
N LYS C 1154 9.41 13.46 15.50
CA LYS C 1154 9.57 14.19 16.76
C LYS C 1154 9.43 13.24 17.95
N ASN C 1155 10.49 13.11 18.74
CA ASN C 1155 10.60 12.20 19.87
C ASN C 1155 10.07 12.86 21.17
N HIS C 1156 8.88 13.45 21.09
CA HIS C 1156 8.25 14.18 22.18
C HIS C 1156 7.84 13.23 23.31
N THR C 1157 8.42 13.41 24.50
CA THR C 1157 8.03 12.68 25.71
C THR C 1157 7.36 13.65 26.68
N SER C 1158 6.11 13.36 27.03
CA SER C 1158 5.35 14.12 28.01
C SER C 1158 5.91 13.90 29.41
N PRO C 1159 6.01 14.94 30.26
CA PRO C 1159 6.61 14.82 31.57
C PRO C 1159 5.77 14.02 32.56
N ASP C 1160 6.47 13.36 33.50
CA ASP C 1160 5.91 12.64 34.64
C ASP C 1160 5.00 13.55 35.46
N VAL C 1161 3.70 13.24 35.55
CA VAL C 1161 2.73 14.12 36.21
C VAL C 1161 2.95 14.12 37.72
N ASP C 1162 3.24 15.30 38.26
CA ASP C 1162 3.24 15.61 39.69
C ASP C 1162 2.12 16.59 39.99
N LEU C 1163 1.45 16.36 41.12
CA LEU C 1163 0.35 17.15 41.64
C LEU C 1163 0.44 17.23 43.18
N GLY C 1164 -0.32 18.14 43.79
CA GLY C 1164 -0.32 18.51 45.21
C GLY C 1164 -0.33 17.33 46.18
N ASP C 1165 0.59 17.39 47.14
CA ASP C 1165 0.97 16.36 48.10
C ASP C 1165 0.44 16.67 49.51
N ILE C 1166 -0.86 16.47 49.70
CA ILE C 1166 -1.61 16.92 50.88
C ILE C 1166 -1.16 16.30 52.22
N SER C 1167 -0.29 15.30 52.22
CA SER C 1167 0.34 14.74 53.41
C SER C 1167 1.30 15.69 54.15
N GLY C 1168 1.70 16.82 53.54
CA GLY C 1168 2.60 17.81 54.17
C GLY C 1168 1.90 18.88 55.02
N ILE C 1169 0.58 18.89 55.07
CA ILE C 1169 -0.24 19.90 55.73
C ILE C 1169 -0.32 19.58 57.24
N ASN C 1170 0.46 18.64 57.75
CA ASN C 1170 0.40 18.32 59.20
C ASN C 1170 1.68 18.80 59.90
N GLN C 1177 -10.71 17.34 78.41
CA GLN C 1177 -11.67 16.72 79.32
C GLN C 1177 -11.46 17.14 80.78
N LYS C 1178 -10.22 17.43 81.19
CA LYS C 1178 -9.86 17.81 82.56
C LYS C 1178 -10.68 18.99 83.10
N GLU C 1179 -10.95 20.01 82.30
CA GLU C 1179 -11.78 21.13 82.73
C GLU C 1179 -13.26 20.72 82.89
N ILE C 1180 -13.78 19.80 82.07
CA ILE C 1180 -15.14 19.26 82.25
C ILE C 1180 -15.19 18.36 83.49
N ASP C 1181 -14.13 17.61 83.80
CA ASP C 1181 -13.99 16.87 85.07
C ASP C 1181 -14.03 17.80 86.30
N ARG C 1182 -13.29 18.89 86.23
CA ARG C 1182 -13.27 19.88 87.31
C ARG C 1182 -14.64 20.55 87.48
N LEU C 1183 -15.22 21.01 86.38
CA LEU C 1183 -16.55 21.63 86.44
C LEU C 1183 -17.64 20.66 86.96
N ASN C 1184 -17.57 19.37 86.66
CA ASN C 1184 -18.46 18.38 87.28
C ASN C 1184 -18.15 18.22 88.78
N GLU C 1185 -16.87 18.20 89.15
CA GLU C 1185 -16.42 18.11 90.55
C GLU C 1185 -16.87 19.32 91.39
N VAL C 1186 -16.68 20.57 90.93
CA VAL C 1186 -17.13 21.74 91.68
C VAL C 1186 -18.64 21.97 91.61
N ALA C 1187 -19.37 21.41 90.64
CA ALA C 1187 -20.83 21.43 90.69
C ALA C 1187 -21.35 20.67 91.92
N LYS C 1188 -20.71 19.55 92.26
CA LYS C 1188 -20.94 18.87 93.55
C LYS C 1188 -20.30 19.62 94.72
N ASN C 1189 -18.99 19.84 94.70
CA ASN C 1189 -18.24 20.42 95.82
C ASN C 1189 -18.55 21.89 96.14
N LEU C 1190 -19.36 22.60 95.36
CA LEU C 1190 -19.88 23.91 95.75
C LEU C 1190 -21.02 23.83 96.78
N ASN C 1191 -21.69 22.67 96.91
CA ASN C 1191 -22.67 22.44 97.99
C ASN C 1191 -22.03 22.42 99.40
N GLU C 1192 -20.73 22.13 99.47
CA GLU C 1192 -19.93 22.25 100.70
C GLU C 1192 -19.75 23.71 101.16
N SER C 1193 -20.19 24.68 100.35
CA SER C 1193 -20.21 26.11 100.71
C SER C 1193 -21.61 26.73 100.61
N LEU C 1194 -22.66 25.91 100.57
CA LEU C 1194 -24.05 26.38 100.59
C LEU C 1194 -24.43 27.00 101.96
C1 NAG D . -17.52 -23.21 -53.46
C2 NAG D . -17.39 -23.00 -51.96
C3 NAG D . -18.53 -22.13 -51.46
C4 NAG D . -18.59 -20.83 -52.25
C5 NAG D . -18.61 -21.11 -53.76
C6 NAG D . -18.51 -19.86 -54.60
C7 NAG D . -16.39 -24.60 -50.39
C8 NAG D . -16.52 -25.94 -49.75
N2 NAG D . -17.36 -24.26 -51.25
O3 NAG D . -18.32 -21.86 -50.08
O4 NAG D . -19.78 -20.11 -51.91
O5 NAG D . -17.50 -21.95 -54.13
O6 NAG D . -18.42 -20.16 -55.99
O7 NAG D . -15.44 -23.85 -50.15
C1 NAG D . -19.54 -19.13 -50.88
C2 NAG D . -20.73 -18.18 -50.86
C3 NAG D . -20.55 -17.13 -49.76
C4 NAG D . -20.32 -17.81 -48.42
C5 NAG D . -19.15 -18.80 -48.52
C6 NAG D . -18.97 -19.62 -47.26
C7 NAG D . -21.75 -17.96 -53.08
C8 NAG D . -21.79 -17.17 -54.36
N2 NAG D . -20.89 -17.53 -52.16
O3 NAG D . -21.73 -16.33 -49.69
O4 NAG D . -20.02 -16.84 -47.43
O5 NAG D . -19.39 -19.73 -49.59
O6 NAG D . -20.19 -20.19 -46.83
O7 NAG D . -22.46 -18.94 -52.90
C1 NAG E . -15.40 -33.97 -69.63
C2 NAG E . -14.34 -35.00 -69.25
C3 NAG E . -13.02 -34.29 -68.96
C4 NAG E . -12.62 -33.42 -70.15
C5 NAG E . -13.76 -32.48 -70.56
C6 NAG E . -13.49 -31.76 -71.87
C7 NAG E . -14.99 -37.10 -68.19
C8 NAG E . -15.41 -37.77 -66.90
N2 NAG E . -14.75 -35.79 -68.11
O3 NAG E . -12.02 -35.25 -68.70
O4 NAG E . -11.45 -32.69 -69.82
O5 NAG E . -14.97 -33.23 -70.76
O6 NAG E . -13.23 -32.68 -72.92
O7 NAG E . -14.87 -37.73 -69.24
C1 NAG E . -10.48 -32.94 -70.87
C2 NAG E . -9.54 -31.75 -70.92
C3 NAG E . -8.56 -31.92 -72.07
C4 NAG E . -7.90 -33.30 -72.03
C5 NAG E . -8.87 -34.44 -71.73
C6 NAG E . -8.18 -35.73 -71.37
C7 NAG E . -10.61 -29.75 -70.01
C8 NAG E . -11.38 -28.50 -70.31
N2 NAG E . -10.28 -30.50 -71.05
O3 NAG E . -7.58 -30.90 -71.98
O4 NAG E . -7.34 -33.58 -73.31
O5 NAG E . -9.73 -34.11 -70.62
O6 NAG E . -7.41 -35.60 -70.19
O7 NAG E . -10.29 -30.04 -68.85
C1 MAN E . -6.01 -33.07 -73.46
C2 MAN E . -5.28 -34.00 -74.45
C3 MAN E . -3.80 -34.10 -74.12
C4 MAN E . -3.27 -32.78 -73.55
C5 MAN E . -4.01 -32.41 -72.25
C6 MAN E . -4.19 -30.92 -72.08
O2 MAN E . -5.35 -33.49 -75.80
O3 MAN E . -3.06 -34.46 -75.29
O4 MAN E . -1.89 -32.90 -73.25
O5 MAN E . -5.33 -33.02 -72.22
O6 MAN E . -4.68 -30.67 -70.78
C1 MAN E . -2.19 -35.58 -75.04
C2 MAN E . -1.39 -35.84 -76.35
C3 MAN E . -2.29 -36.46 -77.42
C4 MAN E . -2.93 -37.73 -76.86
C5 MAN E . -3.75 -37.39 -75.61
C6 MAN E . -4.37 -38.62 -74.97
O2 MAN E . -0.33 -36.78 -76.14
O3 MAN E . -1.60 -36.72 -78.65
O4 MAN E . -3.77 -38.32 -77.85
O5 MAN E . -2.91 -36.75 -74.62
O6 MAN E . -5.08 -38.22 -73.80
C1 NAG F . 4.53 -28.36 -17.79
C2 NAG F . 3.95 -27.66 -19.02
C3 NAG F . 2.43 -27.51 -18.86
C4 NAG F . 1.79 -28.86 -18.56
C5 NAG F . 2.49 -29.55 -17.38
C6 NAG F . 2.02 -30.96 -17.17
C7 NAG F . 5.51 -26.13 -20.14
C8 NAG F . 6.03 -24.73 -20.22
N2 NAG F . 4.57 -26.36 -19.23
O3 NAG F . 1.89 -26.98 -20.07
O4 NAG F . 0.41 -28.67 -18.21
O5 NAG F . 3.90 -29.62 -17.62
O6 NAG F . 2.72 -31.58 -16.10
O7 NAG F . 5.94 -27.03 -20.88
C1 NAG F . -0.42 -29.23 -19.26
C2 NAG F . -1.70 -29.82 -18.66
C3 NAG F . -2.58 -30.39 -19.78
C4 NAG F . -2.80 -29.37 -20.87
C5 NAG F . -1.50 -28.73 -21.33
C6 NAG F . -1.70 -27.57 -22.29
C7 NAG F . -1.33 -30.59 -16.36
C8 NAG F . -0.99 -31.76 -15.48
N2 NAG F . -1.39 -30.84 -17.68
O3 NAG F . -3.83 -30.81 -19.22
O4 NAG F . -3.37 -30.01 -22.01
O5 NAG F . -0.77 -28.21 -20.21
O6 NAG F . -2.08 -26.39 -21.60
O7 NAG F . -1.52 -29.47 -15.90
C1 MAN F . -4.82 -29.90 -22.03
C2 MAN F . -5.25 -29.88 -23.53
C3 MAN F . -6.62 -29.21 -23.67
C4 MAN F . -7.43 -29.36 -22.37
C5 MAN F . -6.73 -28.60 -21.23
C6 MAN F . -7.15 -29.07 -19.85
O2 MAN F . -5.40 -31.21 -24.09
O3 MAN F . -7.34 -29.72 -24.78
O4 MAN F . -8.74 -28.85 -22.57
O5 MAN F . -5.27 -28.73 -21.34
O6 MAN F . -7.58 -30.44 -19.96
C1 MAN F . -7.50 -28.68 -25.76
C2 MAN F . -8.65 -29.08 -26.70
C3 MAN F . -8.24 -30.27 -27.56
C4 MAN F . -6.91 -29.97 -28.29
C5 MAN F . -5.83 -29.61 -27.25
C6 MAN F . -4.51 -29.25 -27.88
O2 MAN F . -8.99 -28.02 -27.62
O3 MAN F . -9.24 -30.61 -28.52
O4 MAN F . -6.50 -31.11 -29.02
O5 MAN F . -6.28 -28.48 -26.47
O6 MAN F . -4.72 -28.18 -28.79
C1 NAG G . -11.31 -10.18 17.19
C2 NAG G . -12.21 -11.41 17.31
C3 NAG G . -13.61 -11.01 17.75
C4 NAG G . -13.55 -10.15 19.01
C5 NAG G . -12.58 -8.98 18.81
C6 NAG G . -12.39 -8.16 20.06
C7 NAG G . -11.43 -13.13 15.73
C8 NAG G . -11.64 -13.77 14.39
N2 NAG G . -12.27 -12.14 16.05
O3 NAG G . -14.37 -12.18 17.99
O4 NAG G . -14.84 -9.65 19.33
O5 NAG G . -11.30 -9.47 18.42
O6 NAG G . -11.67 -6.96 19.78
O7 NAG G . -10.53 -13.50 16.49
C1 NAG G . -15.32 -10.30 20.54
C2 NAG G . -16.34 -9.40 21.23
C3 NAG G . -16.83 -10.06 22.52
C4 NAG G . -17.33 -11.48 22.24
C5 NAG G . -16.30 -12.27 21.45
C6 NAG G . -16.81 -13.63 21.01
C7 NAG G . -15.95 -7.03 20.69
C8 NAG G . -15.29 -5.75 21.13
N2 NAG G . -15.78 -8.09 21.50
O3 NAG G . -17.87 -9.26 23.08
O4 NAG G . -17.56 -12.14 23.47
O5 NAG G . -15.91 -11.57 20.26
O6 NAG G . -17.75 -13.51 19.96
O7 NAG G . -16.59 -7.11 19.65
C1 MAN G . -18.94 -12.10 23.86
C2 MAN G . -19.27 -13.41 24.64
C3 MAN G . -20.73 -13.77 24.46
C4 MAN G . -21.60 -12.50 24.33
C5 MAN G . -21.22 -11.74 23.04
C6 MAN G . -21.48 -10.24 23.12
O2 MAN G . -19.07 -13.30 26.06
O3 MAN G . -21.21 -14.61 25.51
O4 MAN G . -22.99 -12.83 24.30
O5 MAN G . -19.80 -11.94 22.74
O6 MAN G . -22.22 -9.96 24.31
C1 NAG H . -28.44 49.47 92.50
C2 NAG H . -29.78 48.85 92.10
C3 NAG H . -29.58 47.89 90.93
C4 NAG H . -28.87 48.60 89.77
C5 NAG H . -27.57 49.23 90.26
C6 NAG H . -26.88 50.04 89.20
C7 NAG H . -31.36 48.75 93.96
C8 NAG H . -31.91 47.91 95.07
N2 NAG H . -30.41 48.18 93.21
O3 NAG H . -30.84 47.38 90.52
O4 NAG H . -28.60 47.70 88.71
O5 NAG H . -27.84 50.11 91.36
O6 NAG H . -25.47 50.02 89.36
O7 NAG H . -31.74 49.89 93.76
C1 NAG H . -29.58 47.91 87.67
C2 NAG H . -29.10 47.27 86.37
C3 NAG H . -30.18 47.41 85.29
C4 NAG H . -31.52 46.87 85.79
C5 NAG H . -31.88 47.53 87.12
C6 NAG H . -33.14 46.95 87.74
C7 NAG H . -26.71 47.22 85.83
C8 NAG H . -25.53 48.00 85.35
N2 NAG H . -27.87 47.88 85.90
O3 NAG H . -29.79 46.71 84.12
O4 NAG H . -32.55 47.13 84.85
O5 NAG H . -30.82 47.32 88.07
O6 NAG H . -33.53 47.70 88.88
O7 NAG H . -26.62 46.04 86.15
C1 NAG I . 25.67 9.11 -55.07
C2 NAG I . 24.51 8.29 -54.55
C3 NAG I . 23.47 9.20 -53.91
C4 NAG I . 24.13 10.07 -52.83
C5 NAG I . 25.35 10.79 -53.40
C6 NAG I . 26.14 11.54 -52.34
C7 NAG I . 23.72 6.18 -55.52
C8 NAG I . 23.08 5.52 -56.71
N2 NAG I . 23.89 7.50 -55.61
O3 NAG I . 22.45 8.40 -53.34
O4 NAG I . 23.19 11.05 -52.38
O5 NAG I . 26.26 9.84 -54.00
O6 NAG I . 27.33 12.10 -52.88
O7 NAG I . 24.07 5.53 -54.54
C1 NAG I . 22.50 10.63 -51.19
C2 NAG I . 21.84 11.85 -50.56
C3 NAG I . 21.05 11.46 -49.32
C4 NAG I . 20.06 10.36 -49.65
C5 NAG I . 20.77 9.18 -50.32
C6 NAG I . 19.81 8.11 -50.80
C7 NAG I . 23.12 13.90 -51.04
C8 NAG I . 24.17 14.85 -50.55
N2 NAG I . 22.84 12.87 -50.24
O3 NAG I . 20.36 12.60 -48.83
O4 NAG I . 19.43 9.90 -48.46
O5 NAG I . 21.49 9.64 -51.48
O6 NAG I . 18.76 8.68 -51.57
O7 NAG I . 22.55 14.06 -52.11
C1 NAG J . 22.27 4.43 -73.84
C2 NAG J . 21.13 4.12 -74.79
C3 NAG J . 20.66 2.69 -74.60
C4 NAG J . 21.82 1.73 -74.76
C5 NAG J . 22.99 2.14 -73.85
C6 NAG J . 24.27 1.35 -74.14
C7 NAG J . 19.63 5.93 -75.54
C8 NAG J . 18.47 6.81 -75.17
N2 NAG J . 20.02 5.06 -74.60
O3 NAG J . 19.65 2.39 -75.55
O4 NAG J . 21.40 0.41 -74.46
O5 NAG J . 23.33 3.52 -74.07
O6 NAG J . 24.65 1.46 -75.50
O7 NAG J . 20.19 6.01 -76.62
C1 NAG J . 21.77 -0.42 -75.59
C2 NAG J . 21.93 -1.84 -75.08
C3 NAG J . 22.43 -2.73 -76.21
C4 NAG J . 21.56 -2.56 -77.46
C5 NAG J . 21.23 -1.10 -77.77
C6 NAG J . 20.14 -0.96 -78.80
C7 NAG J . 22.43 -1.86 -72.68
C8 NAG J . 23.50 -1.90 -71.63
N2 NAG J . 22.85 -1.89 -73.95
O3 NAG J . 22.39 -4.08 -75.76
O4 NAG J . 22.28 -3.06 -78.58
O5 NAG J . 20.78 -0.40 -76.61
O6 NAG J . 18.92 -1.51 -78.34
O7 NAG J . 21.23 -1.82 -72.39
C1 MAN J . 22.09 -4.48 -78.78
C2 MAN J . 22.24 -4.72 -80.29
C3 MAN J . 21.34 -5.88 -80.74
C4 MAN J . 21.21 -6.95 -79.63
C5 MAN J . 20.59 -6.33 -78.37
C6 MAN J . 21.12 -6.93 -77.10
O2 MAN J . 23.58 -5.13 -80.63
O3 MAN J . 21.87 -6.48 -81.93
O4 MAN J . 20.37 -7.99 -80.08
O5 MAN J . 20.82 -4.90 -78.32
O6 MAN J . 20.34 -6.46 -76.00
C1 MAN J . 20.85 -6.58 -82.95
C2 MAN J . 21.51 -7.31 -84.16
C3 MAN J . 22.49 -6.38 -84.87
C4 MAN J . 21.76 -5.10 -85.29
C5 MAN J . 21.20 -4.40 -84.03
C6 MAN J . 20.41 -3.16 -84.37
O2 MAN J . 20.53 -7.66 -85.15
O3 MAN J . 23.12 -6.99 -86.00
O4 MAN J . 22.66 -4.23 -85.95
O5 MAN J . 20.31 -5.31 -83.32
O6 MAN J . 19.89 -2.61 -83.16
C1 NAG K . -11.58 4.62 -43.84
C2 NAG K . -11.06 5.99 -43.41
C3 NAG K . -9.89 5.82 -42.45
C4 NAG K . -10.27 4.90 -41.29
C5 NAG K . -10.88 3.59 -41.79
C6 NAG K . -11.44 2.75 -40.68
C7 NAG K . -11.43 7.77 -45.06
C8 NAG K . -10.86 8.50 -46.24
N2 NAG K . -10.67 6.79 -44.55
O3 NAG K . -9.50 7.10 -41.95
O4 NAG K . -9.10 4.59 -40.51
O5 NAG K . -11.96 3.86 -42.69
O6 NAG K . -12.03 1.57 -41.18
O7 NAG K . -12.52 8.06 -44.58
C1 NAG K . -9.19 5.23 -39.22
C2 NAG K . -8.54 4.35 -38.15
C3 NAG K . -8.64 5.04 -36.79
C4 NAG K . -8.11 6.46 -36.85
C5 NAG K . -8.71 7.24 -38.02
C6 NAG K . -8.06 8.58 -38.23
C7 NAG K . -8.67 1.98 -38.75
C8 NAG K . -9.43 0.69 -38.60
N2 NAG K . -9.17 3.03 -38.11
O3 NAG K . -7.91 4.28 -35.84
O4 NAG K . -8.47 7.15 -35.66
O5 NAG K . -8.54 6.51 -39.24
O6 NAG K . -6.81 8.47 -38.89
O7 NAG K . -7.66 2.04 -39.44
C1 MAN K . -7.40 7.13 -34.67
C2 MAN K . -7.52 8.45 -33.86
C3 MAN K . -6.17 8.78 -33.21
C4 MAN K . -5.35 7.51 -32.98
C5 MAN K . -4.99 6.87 -34.34
C6 MAN K . -4.64 5.38 -34.23
O2 MAN K . -8.47 8.36 -32.76
O3 MAN K . -6.33 9.50 -31.99
O4 MAN K . -4.17 7.82 -32.28
O5 MAN K . -6.12 7.00 -35.27
O6 MAN K . -5.31 4.86 -33.08
C1 MAN K . -5.80 10.83 -32.18
C2 MAN K . -5.54 11.42 -30.77
C3 MAN K . -6.87 11.70 -30.07
C4 MAN K . -7.78 12.55 -30.95
C5 MAN K . -7.98 11.85 -32.30
C6 MAN K . -8.82 12.67 -33.27
O2 MAN K . -4.86 12.68 -30.83
O3 MAN K . -6.67 12.33 -28.79
O4 MAN K . -9.04 12.75 -30.32
O5 MAN K . -6.71 11.63 -32.92
O6 MAN K . -8.21 13.95 -33.43
C1 NAG L . -12.59 18.12 8.32
C2 NAG L . -13.61 19.19 7.92
C3 NAG L . -12.91 20.55 7.78
C4 NAG L . -12.12 20.88 9.04
C5 NAG L . -11.18 19.73 9.38
C6 NAG L . -10.43 19.94 10.69
C7 NAG L . -15.43 18.13 6.65
C8 NAG L . -15.97 17.85 5.29
N2 NAG L . -14.28 18.83 6.70
O3 NAG L . -13.90 21.55 7.54
O4 NAG L . -11.35 22.07 8.82
O5 NAG L . -11.92 18.51 9.52
O6 NAG L . -9.42 18.96 10.87
O7 NAG L . -15.99 17.75 7.67
C1 NAG L . -11.90 23.13 9.64
C2 NAG L . -10.81 24.17 9.92
C3 NAG L . -11.37 25.28 10.80
C4 NAG L . -12.64 25.86 10.18
C5 NAG L . -13.64 24.76 9.82
C6 NAG L . -14.83 25.27 9.06
C7 NAG L . -8.58 23.15 9.86
C8 NAG L . -7.49 22.51 10.67
N2 NAG L . -9.65 23.55 10.55
O3 NAG L . -10.39 26.31 10.94
O4 NAG L . -13.27 26.73 11.12
O5 NAG L . -13.01 23.77 8.99
O6 NAG L . -14.50 25.62 7.72
O7 NAG L . -8.49 23.27 8.65
C1 MAN L . -12.93 28.12 10.89
C2 MAN L . -14.16 28.98 11.30
C3 MAN L . -14.19 30.27 10.47
C4 MAN L . -12.76 30.74 10.14
C5 MAN L . -12.08 29.69 9.22
C6 MAN L . -10.56 29.66 9.35
O2 MAN L . -14.12 29.41 12.69
O3 MAN L . -14.92 31.30 11.13
O4 MAN L . -12.77 32.00 9.48
O5 MAN L . -12.56 28.35 9.53
O6 MAN L . -10.15 30.79 10.13
C1 NAG M . -1.26 37.49 95.35
C2 NAG M . -1.53 35.99 95.42
C3 NAG M . -2.74 35.72 96.30
C4 NAG M . -2.53 36.34 97.67
C5 NAG M . -2.23 37.83 97.53
C6 NAG M . -1.90 38.50 98.85
C7 NAG M . -0.75 34.81 93.41
C8 NAG M . -1.13 34.29 92.05
N2 NAG M . -1.73 35.42 94.09
O3 NAG M . -2.93 34.30 96.42
O4 NAG M . -3.69 36.18 98.49
O5 NAG M . -1.09 38.01 96.67
O6 NAG M . -2.30 39.86 98.86
O7 NAG M . 0.39 34.70 93.85
C1 NAG M . -3.44 35.10 99.42
C2 NAG M . -4.45 35.15 100.56
C3 NAG M . -4.24 33.95 101.50
C4 NAG M . -4.24 32.64 100.72
C5 NAG M . -3.24 32.72 99.57
C6 NAG M . -3.26 31.50 98.68
C7 NAG M . -5.31 37.30 101.35
C8 NAG M . -5.04 38.53 102.16
N2 NAG M . -4.34 36.39 101.31
O3 NAG M . -5.27 33.93 102.49
O4 NAG M . -3.91 31.56 101.57
O5 NAG M . -3.53 33.85 98.74
O6 NAG M . -2.20 31.53 97.73
O7 NAG M . -6.38 37.15 100.74
C1 NAG N . 25.38 -42.15 -36.72
C2 NAG N . 25.52 -40.82 -37.45
C3 NAG N . 26.54 -39.95 -36.74
C4 NAG N . 26.18 -39.79 -35.27
C5 NAG N . 25.95 -41.16 -34.63
C6 NAG N . 25.43 -41.07 -33.20
C7 NAG N . 25.20 -40.48 -39.86
C8 NAG N . 25.72 -40.78 -41.23
N2 NAG N . 25.89 -41.01 -38.84
O3 NAG N . 26.57 -38.67 -37.39
O4 NAG N . 27.25 -39.15 -34.58
O5 NAG N . 24.98 -41.91 -35.38
O6 NAG N . 25.13 -42.35 -32.67
O7 NAG N . 24.19 -39.81 -39.69
C1 NAG N . 27.04 -37.72 -34.47
C2 NAG N . 27.99 -37.18 -33.41
C3 NAG N . 27.85 -35.67 -33.29
C4 NAG N . 28.02 -35.00 -34.64
C5 NAG N . 27.09 -35.62 -35.67
C6 NAG N . 27.31 -35.11 -37.07
C7 NAG N . 28.47 -38.87 -31.69
C8 NAG N . 28.10 -39.41 -30.35
N2 NAG N . 27.76 -37.82 -32.12
O3 NAG N . 28.82 -35.17 -32.38
O4 NAG N . 27.75 -33.60 -34.53
O5 NAG N . 27.28 -37.04 -35.72
O6 NAG N . 28.70 -35.15 -37.41
O7 NAG N . 29.39 -39.35 -32.36
C1 NAG O . 36.48 -42.90 -54.50
C2 NAG O . 37.11 -41.76 -55.29
C3 NAG O . 36.01 -40.81 -55.76
C4 NAG O . 34.97 -41.56 -56.57
C5 NAG O . 34.44 -42.77 -55.79
C6 NAG O . 33.57 -43.69 -56.62
C7 NAG O . 39.40 -41.03 -54.78
C8 NAG O . 40.27 -40.25 -53.84
N2 NAG O . 38.09 -41.05 -54.48
O3 NAG O . 36.61 -39.79 -56.56
O4 NAG O . 33.91 -40.68 -56.90
O5 NAG O . 35.53 -43.59 -55.33
O6 NAG O . 34.26 -44.13 -57.80
O7 NAG O . 39.85 -41.63 -55.75
C1 NAG O . 33.73 -40.77 -58.34
C2 NAG O . 32.29 -40.41 -58.65
C3 NAG O . 32.02 -40.58 -60.14
C4 NAG O . 33.08 -39.87 -60.97
C5 NAG O . 34.50 -40.09 -60.46
C6 NAG O . 35.51 -39.16 -61.09
C7 NAG O . 30.85 -40.77 -56.70
C8 NAG O . 29.93 -41.72 -56.00
N2 NAG O . 31.36 -41.20 -57.85
O3 NAG O . 30.73 -40.05 -60.43
O4 NAG O . 33.05 -40.40 -62.30
O5 NAG O . 34.59 -39.90 -59.04
O6 NAG O . 35.22 -37.81 -60.78
O7 NAG O . 31.12 -39.67 -56.24
C1 MAN O . 32.10 -39.73 -63.14
C2 MAN O . 32.64 -39.82 -64.58
C3 MAN O . 32.25 -38.60 -65.39
C4 MAN O . 30.87 -38.05 -64.96
C5 MAN O . 30.90 -37.65 -63.48
C6 MAN O . 29.59 -37.89 -62.78
O2 MAN O . 32.07 -40.94 -65.29
O3 MAN O . 32.24 -38.92 -66.79
O4 MAN O . 30.55 -36.91 -65.73
O5 MAN O . 31.93 -38.38 -62.76
O6 MAN O . 29.63 -37.30 -61.49
C1 MAN O . 33.02 -37.96 -67.54
C2 MAN O . 32.87 -38.35 -69.05
C3 MAN O . 33.67 -39.62 -69.34
C4 MAN O . 35.12 -39.41 -68.94
C5 MAN O . 35.19 -39.10 -67.43
C6 MAN O . 36.61 -38.81 -66.96
O2 MAN O . 33.42 -37.35 -69.91
O3 MAN O . 33.57 -40.02 -70.71
O4 MAN O . 35.88 -40.59 -69.21
O5 MAN O . 34.39 -37.92 -67.14
O6 MAN O . 36.57 -38.48 -65.58
C1 NAG P . 24.87 -11.79 -17.48
C2 NAG P . 25.16 -12.06 -18.96
C3 NAG P . 26.36 -11.22 -19.40
C4 NAG P . 26.16 -9.75 -19.09
C5 NAG P . 25.76 -9.57 -17.61
C6 NAG P . 25.34 -8.15 -17.30
C7 NAG P . 24.50 -14.30 -19.72
C8 NAG P . 24.94 -15.72 -19.89
N2 NAG P . 25.41 -13.47 -19.19
O3 NAG P . 26.54 -11.39 -20.81
O4 NAG P . 27.35 -9.02 -19.32
O5 NAG P . 24.63 -10.40 -17.29
O6 NAG P . 24.94 -8.01 -15.94
O7 NAG P . 23.38 -13.92 -20.03
C1 NAG P . 27.17 -8.15 -20.46
C2 NAG P . 27.96 -6.85 -20.26
C3 NAG P . 27.76 -5.93 -21.48
C4 NAG P . 28.05 -6.67 -22.78
C5 NAG P . 27.33 -8.01 -22.84
C6 NAG P . 27.75 -8.85 -24.02
C7 NAG P . 28.21 -6.31 -17.89
C8 NAG P . 27.67 -5.54 -16.73
N2 NAG P . 27.56 -6.17 -19.04
O3 NAG P . 28.62 -4.80 -21.35
O4 NAG P . 27.60 -5.89 -23.87
O5 NAG P . 27.61 -8.79 -21.67
O6 NAG P . 28.99 -9.49 -23.80
O7 NAG P . 29.21 -7.04 -17.79
C1 MAN P . 28.65 -5.10 -24.46
C2 MAN P . 28.33 -4.95 -25.98
C3 MAN P . 29.61 -4.63 -26.75
C4 MAN P . 30.63 -3.92 -25.85
C5 MAN P . 31.08 -4.88 -24.71
C6 MAN P . 31.67 -4.14 -23.52
O2 MAN P . 27.42 -3.85 -26.26
O3 MAN P . 29.35 -3.86 -27.91
O4 MAN P . 31.76 -3.53 -26.62
O5 MAN P . 29.94 -5.68 -24.25
O6 MAN P . 31.12 -2.82 -23.49
C1 MAN P . 29.65 -4.66 -29.08
C2 MAN P . 29.83 -3.69 -30.27
C3 MAN P . 28.47 -3.09 -30.65
C4 MAN P . 27.42 -4.19 -30.87
C5 MAN P . 27.33 -5.06 -29.61
C6 MAN P . 26.36 -6.21 -29.76
O2 MAN P . 30.28 -4.37 -31.45
O3 MAN P . 28.56 -2.25 -31.81
O4 MAN P . 26.17 -3.60 -31.14
O5 MAN P . 28.62 -5.61 -29.31
O6 MAN P . 26.76 -6.97 -30.89
C1 NAG Q . 15.95 13.67 21.55
C2 NAG Q . 15.83 13.07 22.95
C3 NAG Q . 16.97 12.08 23.20
C4 NAG Q . 17.03 11.04 22.08
C5 NAG Q . 17.09 11.74 20.72
C6 NAG Q . 17.03 10.77 19.56
C7 NAG Q . 14.73 14.70 24.44
C8 NAG Q . 14.94 15.75 25.47
N2 NAG Q . 15.85 14.12 23.97
O3 NAG Q . 16.75 11.44 24.45
O4 NAG Q . 18.18 10.22 22.24
O5 NAG Q . 15.97 12.63 20.58
O6 NAG Q . 17.31 11.44 18.33
O7 NAG Q . 13.61 14.40 24.03
C1 NAG Q . 17.76 8.88 22.61
C2 NAG Q . 18.83 7.88 22.19
C3 NAG Q . 18.39 6.47 22.56
C4 NAG Q . 18.00 6.39 24.03
C5 NAG Q . 17.01 7.49 24.40
C6 NAG Q . 16.72 7.56 25.88
C7 NAG Q . 20.12 8.71 20.27
C8 NAG Q . 20.26 8.71 18.78
N2 NAG Q . 19.11 7.98 20.77
O3 NAG Q . 19.44 5.55 22.28
O4 NAG Q . 17.37 5.13 24.30
O5 NAG Q . 17.52 8.78 24.02
O6 NAG Q . 17.82 8.09 26.61
O7 NAG Q . 20.88 9.34 21.00
C1 MAN Q . 18.30 4.17 24.83
C2 MAN Q . 17.50 3.24 25.80
C3 MAN Q . 18.43 2.73 26.91
C4 MAN Q . 19.87 2.54 26.36
C5 MAN Q . 20.45 3.92 25.96
C6 MAN Q . 21.50 3.85 24.87
O2 MAN Q . 16.97 2.06 25.15
O3 MAN Q . 17.94 1.51 27.47
O4 MAN Q . 20.70 1.93 27.33
O5 MAN Q . 19.39 4.81 25.50
O6 MAN Q . 21.84 2.47 24.66
C1 NAG R . -28.11 21.53 93.52
C2 NAG R . -27.83 20.03 93.62
C3 NAG R . -29.01 19.31 94.24
C4 NAG R . -29.36 19.93 95.59
C5 NAG R . -29.58 21.44 95.42
C6 NAG R . -29.81 22.15 96.74
C7 NAG R . -26.26 19.28 91.88
C8 NAG R . -26.12 18.68 90.52
N2 NAG R . -27.51 19.47 92.31
O3 NAG R . -28.70 17.94 94.39
O4 NAG R . -30.52 19.34 96.14
O5 NAG R . -28.43 22.05 94.83
O6 NAG R . -30.67 23.27 96.58
O7 NAG R . -25.29 19.58 92.56
C1 NAG R . -30.11 18.41 97.17
C2 NAG R . -31.28 18.05 98.07
C3 NAG R . -30.86 16.99 99.09
C4 NAG R . -30.23 15.79 98.40
C5 NAG R . -29.09 16.26 97.49
C6 NAG R . -28.48 15.14 96.68
C7 NAG R . -33.03 19.73 98.52
C8 NAG R . -33.40 20.95 99.30
N2 NAG R . -31.80 19.23 98.75
O3 NAG R . -32.00 16.57 99.84
O4 NAG R . -29.72 14.89 99.36
O5 NAG R . -29.58 17.23 96.56
O6 NAG R . -27.32 15.58 95.99
O7 NAG R . -33.80 19.21 97.72
C1 NAG S . -10.03 -37.63 -55.88
C2 NAG S . -10.73 -38.89 -55.34
C3 NAG S . -10.96 -39.88 -56.47
C4 NAG S . -11.72 -39.21 -57.62
C5 NAG S . -10.99 -37.93 -58.05
C6 NAG S . -11.74 -37.16 -59.11
C7 NAG S . -10.50 -40.25 -53.30
C8 NAG S . -9.55 -40.81 -52.30
N2 NAG S . -9.96 -39.51 -54.26
O3 NAG S . -11.65 -41.03 -56.01
O4 NAG S . -11.81 -40.10 -58.72
O5 NAG S . -10.83 -37.06 -56.93
O6 NAG S . -11.47 -35.77 -59.04
O7 NAG S . -11.71 -40.46 -53.25
C1 NAG T . -8.16 -13.27 -67.76
C2 NAG T . -9.18 -12.44 -68.54
C3 NAG T . -9.30 -12.98 -69.96
C4 NAG T . -7.94 -12.97 -70.63
C5 NAG T . -6.96 -13.80 -69.79
C6 NAG T . -5.55 -13.79 -70.34
C7 NAG T . -11.18 -11.33 -67.69
C8 NAG T . -12.49 -11.49 -66.97
N2 NAG T . -10.47 -12.44 -67.87
O3 NAG T . -10.22 -12.18 -70.71
O4 NAG T . -8.03 -13.52 -71.95
O5 NAG T . -6.89 -13.26 -68.46
O6 NAG T . -5.31 -12.67 -71.18
O7 NAG T . -10.81 -10.24 -68.10
C1 MAN U . -6.47 -40.79 -78.59
C2 MAN U . -6.71 -41.26 -77.14
C3 MAN U . -5.43 -41.85 -76.53
C4 MAN U . -4.76 -42.82 -77.50
C5 MAN U . -4.45 -42.11 -78.80
C6 MAN U . -3.86 -43.05 -79.81
O2 MAN U . -7.68 -42.31 -77.10
O3 MAN U . -5.68 -42.53 -75.31
O4 MAN U . -3.55 -43.29 -76.95
O5 MAN U . -5.69 -41.67 -79.37
O6 MAN U . -4.90 -43.96 -80.18
C1 NAG V . -26.17 10.27 57.53
C2 NAG V . -26.56 10.55 58.98
C3 NAG V . -28.04 10.24 59.17
C4 NAG V . -28.89 11.02 58.17
C5 NAG V . -28.40 10.76 56.75
C6 NAG V . -29.09 11.63 55.72
C7 NAG V . -25.00 10.31 60.85
C8 NAG V . -24.25 9.36 61.73
N2 NAG V . -25.76 9.76 59.89
O3 NAG V . -28.42 10.58 60.51
O4 NAG V . -30.25 10.66 58.28
O5 NAG V . -26.99 11.07 56.65
O6 NAG V . -28.29 11.81 54.56
O7 NAG V . -24.92 11.53 61.00
C1 NAG W . 9.77 6.13 -67.24
C2 NAG W . 8.88 7.33 -67.62
C3 NAG W . 8.94 7.54 -69.13
C4 NAG W . 10.39 7.69 -69.59
C5 NAG W . 11.22 6.49 -69.12
C6 NAG W . 12.69 6.61 -69.46
C7 NAG W . 6.68 8.14 -66.91
C8 NAG W . 5.30 7.75 -66.49
N2 NAG W . 7.51 7.14 -67.18
O3 NAG W . 8.18 8.69 -69.50
O4 NAG W . 10.44 7.77 -71.01
O5 NAG W . 11.12 6.36 -67.70
O6 NAG W . 13.49 5.92 -68.52
O7 NAG W . 7.03 9.31 -67.00
C1 NAG X . 32.66 -7.03 -61.02
C2 NAG X . 34.12 -6.59 -61.10
C3 NAG X . 34.60 -6.70 -62.54
C4 NAG X . 34.38 -8.11 -63.06
C5 NAG X . 32.91 -8.48 -62.92
C6 NAG X . 32.62 -9.91 -63.34
C7 NAG X . 35.30 -4.92 -59.75
C8 NAG X . 35.34 -3.49 -59.30
N2 NAG X . 34.31 -5.24 -60.59
O3 NAG X . 35.98 -6.35 -62.63
O4 NAG X . 34.79 -8.21 -64.42
O5 NAG X . 32.52 -8.36 -61.55
O6 NAG X . 33.77 -10.73 -63.27
O7 NAG X . 36.13 -5.74 -59.38
C1 MAN Y . 18.74 -2.39 -86.76
C2 MAN Y . 17.69 -1.61 -85.92
C3 MAN Y . 16.37 -2.39 -85.81
C4 MAN Y . 15.95 -2.93 -87.17
C5 MAN Y . 17.05 -3.81 -87.73
C6 MAN Y . 16.70 -4.30 -89.10
O2 MAN Y . 17.36 -0.38 -86.55
O3 MAN Y . 15.33 -1.58 -85.28
O4 MAN Y . 14.77 -3.70 -87.03
O5 MAN Y . 18.22 -3.01 -87.90
O6 MAN Y . 16.72 -3.18 -89.98
C1 NAG Z . -13.70 36.00 50.82
C2 NAG Z . -14.14 36.68 52.11
C3 NAG Z . -13.77 38.15 52.08
C4 NAG Z . -12.28 38.33 51.80
C5 NAG Z . -11.89 37.58 50.53
C6 NAG Z . -10.39 37.58 50.27
C7 NAG Z . -16.07 35.92 53.41
C8 NAG Z . -17.57 35.85 53.48
N2 NAG Z . -15.57 36.52 52.33
O3 NAG Z . -14.12 38.76 53.31
O4 NAG Z . -11.97 39.70 51.65
O5 NAG Z . -12.28 36.19 50.64
O6 NAG Z . -9.99 36.46 49.49
O7 NAG Z . -15.36 35.46 54.29
C1 NAG AA . 38.17 -29.50 -48.30
C2 NAG AA . 39.60 -29.22 -47.85
C3 NAG AA . 40.58 -29.77 -48.88
C4 NAG AA . 40.32 -31.24 -49.14
C5 NAG AA . 38.85 -31.46 -49.52
C6 NAG AA . 38.49 -32.91 -49.70
C7 NAG AA . 40.73 -27.31 -46.79
C8 NAG AA . 40.82 -25.82 -46.72
N2 NAG AA . 39.81 -27.81 -47.63
O3 NAG AA . 41.93 -29.57 -48.45
O4 NAG AA . 41.16 -31.71 -50.20
O5 NAG AA . 37.99 -30.93 -48.50
O6 NAG AA . 37.12 -33.15 -49.40
O7 NAG AA . 41.46 -28.04 -46.12
C1 NAG BA . 15.21 -44.01 -51.48
C2 NAG BA . 14.90 -45.49 -51.25
C3 NAG BA . 15.44 -46.30 -52.43
C4 NAG BA . 14.84 -45.77 -53.74
C5 NAG BA . 15.17 -44.29 -53.87
C6 NAG BA . 14.55 -43.65 -55.10
C7 NAG BA . 14.78 -46.73 -49.15
C8 NAG BA . 15.50 -47.13 -47.89
N2 NAG BA . 15.46 -45.97 -50.01
O3 NAG BA . 15.13 -47.68 -52.28
O4 NAG BA . 15.36 -46.49 -54.85
O5 NAG BA . 14.65 -43.58 -52.73
O6 NAG BA . 13.42 -44.38 -55.57
O7 NAG BA . 13.63 -47.09 -49.38
C1 MAN CA . 39.14 -40.32 -68.78
C2 MAN CA . 39.67 -39.41 -67.65
C3 MAN CA . 39.65 -37.94 -68.06
C4 MAN CA . 40.21 -37.75 -69.47
C5 MAN CA . 39.44 -38.59 -70.45
C6 MAN CA . 40.01 -38.50 -71.83
O2 MAN CA . 41.03 -39.71 -67.37
O3 MAN CA . 40.37 -37.12 -67.16
O4 MAN CA . 40.12 -36.40 -69.84
O5 MAN CA . 39.58 -39.97 -70.06
O6 MAN CA . 41.28 -39.15 -71.79
C1 NAG DA . 2.76 14.89 61.95
C2 NAG DA . 2.70 15.44 63.37
C3 NAG DA . 3.63 14.66 64.28
C4 NAG DA . 3.31 13.16 64.20
C5 NAG DA . 3.33 12.69 62.75
C6 NAG DA . 2.88 11.26 62.59
C7 NAG DA . 2.19 17.79 63.86
C8 NAG DA . 2.70 19.20 63.84
N2 NAG DA . 3.03 16.86 63.41
O3 NAG DA . 3.51 15.13 65.61
O4 NAG DA . 4.26 12.42 64.96
O5 NAG DA . 2.43 13.49 61.97
O6 NAG DA . 2.36 11.01 61.30
O7 NAG DA . 1.08 17.51 64.28
#